data_5DSS
# 
_entry.id   5DSS 
# 
_audit_conform.dict_name       mmcif_pdbx.dic 
_audit_conform.dict_version    5.397 
_audit_conform.dict_location   http://mmcif.pdb.org/dictionaries/ascii/mmcif_pdbx.dic 
# 
loop_
_database_2.database_id 
_database_2.database_code 
_database_2.pdbx_database_accession 
_database_2.pdbx_DOI 
PDB   5DSS         pdb_00005dss 10.2210/pdb5dss/pdb 
WWPDB D_1000211060 ?            ?                   
# 
loop_
_pdbx_audit_revision_history.ordinal 
_pdbx_audit_revision_history.data_content_type 
_pdbx_audit_revision_history.major_revision 
_pdbx_audit_revision_history.minor_revision 
_pdbx_audit_revision_history.revision_date 
1 'Structure model' 1 0 2016-03-30 
2 'Structure model' 1 1 2016-04-20 
3 'Structure model' 1 2 2023-11-08 
4 'Structure model' 1 3 2024-10-09 
# 
_pdbx_audit_revision_details.ordinal             1 
_pdbx_audit_revision_details.revision_ordinal    1 
_pdbx_audit_revision_details.data_content_type   'Structure model' 
_pdbx_audit_revision_details.provider            repository 
_pdbx_audit_revision_details.type                'Initial release' 
_pdbx_audit_revision_details.description         ? 
_pdbx_audit_revision_details.details             ? 
# 
loop_
_pdbx_audit_revision_group.ordinal 
_pdbx_audit_revision_group.revision_ordinal 
_pdbx_audit_revision_group.data_content_type 
_pdbx_audit_revision_group.group 
1 2 'Structure model' 'Derived calculations'   
2 3 'Structure model' 'Data collection'        
3 3 'Structure model' 'Database references'    
4 3 'Structure model' 'Derived calculations'   
5 3 'Structure model' 'Refinement description' 
6 4 'Structure model' 'Structure summary'      
# 
loop_
_pdbx_audit_revision_category.ordinal 
_pdbx_audit_revision_category.revision_ordinal 
_pdbx_audit_revision_category.data_content_type 
_pdbx_audit_revision_category.category 
1 3 'Structure model' chem_comp_atom                
2 3 'Structure model' chem_comp_bond                
3 3 'Structure model' citation                      
4 3 'Structure model' database_2                    
5 3 'Structure model' pdbx_initial_refinement_model 
6 3 'Structure model' pdbx_struct_oper_list         
7 4 'Structure model' pdbx_entry_details            
8 4 'Structure model' pdbx_modification_feature     
# 
loop_
_pdbx_audit_revision_item.ordinal 
_pdbx_audit_revision_item.revision_ordinal 
_pdbx_audit_revision_item.data_content_type 
_pdbx_audit_revision_item.item 
1 3 'Structure model' '_citation.journal_id_CSD'                  
2 3 'Structure model' '_database_2.pdbx_DOI'                      
3 3 'Structure model' '_database_2.pdbx_database_accession'       
4 3 'Structure model' '_pdbx_struct_oper_list.symmetry_operation' 
# 
_pdbx_database_status.status_code                     REL 
_pdbx_database_status.status_code_sf                  REL 
_pdbx_database_status.status_code_mr                  ? 
_pdbx_database_status.entry_id                        5DSS 
_pdbx_database_status.recvd_initial_deposition_date   2015-09-17 
_pdbx_database_status.SG_entry                        N 
_pdbx_database_status.deposit_site                    RCSB 
_pdbx_database_status.process_site                    PDBJ 
_pdbx_database_status.status_code_cs                  ? 
_pdbx_database_status.methods_development_category    ? 
_pdbx_database_status.pdb_format_compatible           Y 
_pdbx_database_status.status_code_nmr_data            ? 
# 
loop_
_audit_author.name 
_audit_author.pdbx_ordinal 
'Kumar, A.'     1 
'Nair, D.T.'    2 
'Salunke, D.M.' 3 
# 
_citation.abstract                  ? 
_citation.abstract_id_CAS           ? 
_citation.book_id_ISBN              ? 
_citation.book_publisher            ? 
_citation.book_publisher_city       ? 
_citation.book_title                ? 
_citation.coordinate_linkage        ? 
_citation.country                   US 
_citation.database_id_Medline       ? 
_citation.details                   ? 
_citation.id                        primary 
_citation.journal_abbrev            J.Biol.Chem. 
_citation.journal_id_ASTM           JBCHA3 
_citation.journal_id_CSD            0071 
_citation.journal_id_ISSN           1083-351X 
_citation.journal_full              ? 
_citation.journal_issue             ? 
_citation.journal_volume            291 
_citation.language                  ? 
_citation.page_first                11373 
_citation.page_last                 11384 
_citation.title                     
'MP-4 Contributes to Snake Venom Neutralization by Mucuna pruriens Seeds through an Indirect Antibody-mediated Mechanism.' 
_citation.year                      2016 
_citation.database_id_CSD           ? 
_citation.pdbx_database_id_DOI      10.1074/jbc.M115.699173 
_citation.pdbx_database_id_PubMed   26987900 
_citation.unpublished_flag          ? 
# 
loop_
_citation_author.citation_id 
_citation_author.name 
_citation_author.ordinal 
_citation_author.identifier_ORCID 
primary 'Kumar, A.'     1 ? 
primary 'Gupta, C.'     2 ? 
primary 'Nair, D.T.'    3 ? 
primary 'Salunke, D.M.' 4 ? 
# 
loop_
_entity.id 
_entity.type 
_entity.src_method 
_entity.pdbx_description 
_entity.formula_weight 
_entity.pdbx_number_of_molecules 
_entity.pdbx_ec 
_entity.pdbx_mutation 
_entity.pdbx_fragment 
_entity.details 
1 polymer nat MP-4  20178.586 1   ? ? ? ? 
2 water   nat water 18.015    122 ? ? ? ? 
# 
_entity_poly.entity_id                      1 
_entity_poly.type                           'polypeptide(L)' 
_entity_poly.nstd_linkage                   no 
_entity_poly.nstd_monomer                   no 
_entity_poly.pdbx_seq_one_letter_code       
;KNDAEPVIDTDGNPLLHRGKYYIMPSNWGPPGGGLRLGKTRNLNCPVTVLQDYNEAINGLPVKFNIREILPRTIFTDTEL
NIEFTEKPNCAENRAWSLFKGDDRGHKARVGIGGSNGHPGGEMLRGGFYGEQHGLRNGTYKLVFCRDGSSTCLDVGRYGN
REGRRLGLSEAGELGVGFEKAGGGN
;
_entity_poly.pdbx_seq_one_letter_code_can   
;KNDAEPVIDTDGNPLLHRGKYYIMPSNWGPPGGGLRLGKTRNLNCPVTVLQDYNEAINGLPVKFNIREILPRTIFTDTEL
NIEFTEKPNCAENRAWSLFKGDDRGHKARVGIGGSNGHPGGEMLRGGFYGEQHGLRNGTYKLVFCRDGSSTCLDVGRYGN
REGRRLGLSEAGELGVGFEKAGGGN
;
_entity_poly.pdbx_strand_id                 B 
_entity_poly.pdbx_target_identifier         ? 
# 
_pdbx_entity_nonpoly.entity_id   2 
_pdbx_entity_nonpoly.name        water 
_pdbx_entity_nonpoly.comp_id     HOH 
# 
loop_
_entity_poly_seq.entity_id 
_entity_poly_seq.num 
_entity_poly_seq.mon_id 
_entity_poly_seq.hetero 
1 1   LYS n 
1 2   ASN n 
1 3   ASP n 
1 4   ALA n 
1 5   GLU n 
1 6   PRO n 
1 7   VAL n 
1 8   ILE n 
1 9   ASP n 
1 10  THR n 
1 11  ASP n 
1 12  GLY n 
1 13  ASN n 
1 14  PRO n 
1 15  LEU n 
1 16  LEU n 
1 17  HIS n 
1 18  ARG n 
1 19  GLY n 
1 20  LYS n 
1 21  TYR n 
1 22  TYR n 
1 23  ILE n 
1 24  MET n 
1 25  PRO n 
1 26  SER n 
1 27  ASN n 
1 28  TRP n 
1 29  GLY n 
1 30  PRO n 
1 31  PRO n 
1 32  GLY n 
1 33  GLY n 
1 34  GLY n 
1 35  LEU n 
1 36  ARG n 
1 37  LEU n 
1 38  GLY n 
1 39  LYS n 
1 40  THR n 
1 41  ARG n 
1 42  ASN n 
1 43  LEU n 
1 44  ASN n 
1 45  CYS n 
1 46  PRO n 
1 47  VAL n 
1 48  THR n 
1 49  VAL n 
1 50  LEU n 
1 51  GLN n 
1 52  ASP n 
1 53  TYR n 
1 54  ASN n 
1 55  GLU n 
1 56  ALA n 
1 57  ILE n 
1 58  ASN n 
1 59  GLY n 
1 60  LEU n 
1 61  PRO n 
1 62  VAL n 
1 63  LYS n 
1 64  PHE n 
1 65  ASN n 
1 66  ILE n 
1 67  ARG n 
1 68  GLU n 
1 69  ILE n 
1 70  LEU n 
1 71  PRO n 
1 72  ARG n 
1 73  THR n 
1 74  ILE n 
1 75  PHE n 
1 76  THR n 
1 77  ASP n 
1 78  THR n 
1 79  GLU n 
1 80  LEU n 
1 81  ASN n 
1 82  ILE n 
1 83  GLU n 
1 84  PHE n 
1 85  THR n 
1 86  GLU n 
1 87  LYS n 
1 88  PRO n 
1 89  ASN n 
1 90  CYS n 
1 91  ALA n 
1 92  GLU n 
1 93  ASN n 
1 94  ARG n 
1 95  ALA n 
1 96  TRP n 
1 97  SER n 
1 98  LEU n 
1 99  PHE n 
1 100 LYS n 
1 101 GLY n 
1 102 ASP n 
1 103 ASP n 
1 104 ARG n 
1 105 GLY n 
1 106 HIS n 
1 107 LYS n 
1 108 ALA n 
1 109 ARG n 
1 110 VAL n 
1 111 GLY n 
1 112 ILE n 
1 113 GLY n 
1 114 GLY n 
1 115 SER n 
1 116 ASN n 
1 117 GLY n 
1 118 HIS n 
1 119 PRO n 
1 120 GLY n 
1 121 GLY n 
1 122 GLU n 
1 123 MET n 
1 124 LEU n 
1 125 ARG n 
1 126 GLY n 
1 127 GLY n 
1 128 PHE n 
1 129 TYR n 
1 130 GLY n 
1 131 GLU n 
1 132 GLN n 
1 133 HIS n 
1 134 GLY n 
1 135 LEU n 
1 136 ARG n 
1 137 ASN n 
1 138 GLY n 
1 139 THR n 
1 140 TYR n 
1 141 LYS n 
1 142 LEU n 
1 143 VAL n 
1 144 PHE n 
1 145 CYS n 
1 146 ARG n 
1 147 ASP n 
1 148 GLY n 
1 149 SER n 
1 150 SER n 
1 151 THR n 
1 152 CYS n 
1 153 LEU n 
1 154 ASP n 
1 155 VAL n 
1 156 GLY n 
1 157 ARG n 
1 158 TYR n 
1 159 GLY n 
1 160 ASN n 
1 161 ARG n 
1 162 GLU n 
1 163 GLY n 
1 164 ARG n 
1 165 ARG n 
1 166 LEU n 
1 167 GLY n 
1 168 LEU n 
1 169 SER n 
1 170 GLU n 
1 171 ALA n 
1 172 GLY n 
1 173 GLU n 
1 174 LEU n 
1 175 GLY n 
1 176 VAL n 
1 177 GLY n 
1 178 PHE n 
1 179 GLU n 
1 180 LYS n 
1 181 ALA n 
1 182 GLY n 
1 183 GLY n 
1 184 GLY n 
1 185 ASN n 
# 
_entity_src_nat.entity_id                  1 
_entity_src_nat.pdbx_src_id                1 
_entity_src_nat.pdbx_alt_source_flag       sample 
_entity_src_nat.pdbx_beg_seq_num           1 
_entity_src_nat.pdbx_end_seq_num           185 
_entity_src_nat.common_name                ? 
_entity_src_nat.pdbx_organism_scientific   'Mucuna pruriens' 
_entity_src_nat.pdbx_ncbi_taxonomy_id      157652 
_entity_src_nat.genus                      ? 
_entity_src_nat.species                    ? 
_entity_src_nat.strain                     ? 
_entity_src_nat.tissue                     ? 
_entity_src_nat.tissue_fraction            ? 
_entity_src_nat.pdbx_secretion             ? 
_entity_src_nat.pdbx_fragment              ? 
_entity_src_nat.pdbx_variant               ? 
_entity_src_nat.pdbx_cell_line             ? 
_entity_src_nat.pdbx_atcc                  ? 
_entity_src_nat.pdbx_cellular_location     ? 
_entity_src_nat.pdbx_organ                 ? 
_entity_src_nat.pdbx_organelle             ? 
_entity_src_nat.pdbx_cell                  ? 
_entity_src_nat.pdbx_plasmid_name          ? 
_entity_src_nat.pdbx_plasmid_details       ? 
_entity_src_nat.details                    ? 
# 
loop_
_chem_comp.id 
_chem_comp.type 
_chem_comp.mon_nstd_flag 
_chem_comp.name 
_chem_comp.pdbx_synonyms 
_chem_comp.formula 
_chem_comp.formula_weight 
ALA 'L-peptide linking' y ALANINE         ? 'C3 H7 N O2'     89.093  
ARG 'L-peptide linking' y ARGININE        ? 'C6 H15 N4 O2 1' 175.209 
ASN 'L-peptide linking' y ASPARAGINE      ? 'C4 H8 N2 O3'    132.118 
ASP 'L-peptide linking' y 'ASPARTIC ACID' ? 'C4 H7 N O4'     133.103 
CYS 'L-peptide linking' y CYSTEINE        ? 'C3 H7 N O2 S'   121.158 
GLN 'L-peptide linking' y GLUTAMINE       ? 'C5 H10 N2 O3'   146.144 
GLU 'L-peptide linking' y 'GLUTAMIC ACID' ? 'C5 H9 N O4'     147.129 
GLY 'peptide linking'   y GLYCINE         ? 'C2 H5 N O2'     75.067  
HIS 'L-peptide linking' y HISTIDINE       ? 'C6 H10 N3 O2 1' 156.162 
HOH non-polymer         . WATER           ? 'H2 O'           18.015  
ILE 'L-peptide linking' y ISOLEUCINE      ? 'C6 H13 N O2'    131.173 
LEU 'L-peptide linking' y LEUCINE         ? 'C6 H13 N O2'    131.173 
LYS 'L-peptide linking' y LYSINE          ? 'C6 H15 N2 O2 1' 147.195 
MET 'L-peptide linking' y METHIONINE      ? 'C5 H11 N O2 S'  149.211 
PHE 'L-peptide linking' y PHENYLALANINE   ? 'C9 H11 N O2'    165.189 
PRO 'L-peptide linking' y PROLINE         ? 'C5 H9 N O2'     115.130 
SER 'L-peptide linking' y SERINE          ? 'C3 H7 N O3'     105.093 
THR 'L-peptide linking' y THREONINE       ? 'C4 H9 N O3'     119.119 
TRP 'L-peptide linking' y TRYPTOPHAN      ? 'C11 H12 N2 O2'  204.225 
TYR 'L-peptide linking' y TYROSINE        ? 'C9 H11 N O3'    181.189 
VAL 'L-peptide linking' y VALINE          ? 'C5 H11 N O2'    117.146 
# 
loop_
_pdbx_poly_seq_scheme.asym_id 
_pdbx_poly_seq_scheme.entity_id 
_pdbx_poly_seq_scheme.seq_id 
_pdbx_poly_seq_scheme.mon_id 
_pdbx_poly_seq_scheme.ndb_seq_num 
_pdbx_poly_seq_scheme.pdb_seq_num 
_pdbx_poly_seq_scheme.auth_seq_num 
_pdbx_poly_seq_scheme.pdb_mon_id 
_pdbx_poly_seq_scheme.auth_mon_id 
_pdbx_poly_seq_scheme.pdb_strand_id 
_pdbx_poly_seq_scheme.pdb_ins_code 
_pdbx_poly_seq_scheme.hetero 
A 1 1   LYS 1   1   1   LYS LYS B . n 
A 1 2   ASN 2   2   2   ASN ASN B . n 
A 1 3   ASP 3   3   3   ASP ASP B . n 
A 1 4   ALA 4   4   4   ALA ALA B . n 
A 1 5   GLU 5   5   5   GLU GLU B . n 
A 1 6   PRO 6   6   6   PRO PRO B . n 
A 1 7   VAL 7   7   7   VAL VAL B . n 
A 1 8   ILE 8   8   8   ILE ILE B . n 
A 1 9   ASP 9   9   9   ASP ASP B . n 
A 1 10  THR 10  10  10  THR THR B . n 
A 1 11  ASP 11  11  11  ASP ASP B . n 
A 1 12  GLY 12  12  12  GLY GLY B . n 
A 1 13  ASN 13  13  13  ASN ASN B . n 
A 1 14  PRO 14  14  14  PRO PRO B . n 
A 1 15  LEU 15  15  15  LEU LEU B . n 
A 1 16  LEU 16  16  16  LEU LEU B . n 
A 1 17  HIS 17  17  17  HIS HIS B . n 
A 1 18  ARG 18  18  18  ARG ARG B . n 
A 1 19  GLY 19  19  19  GLY GLY B . n 
A 1 20  LYS 20  20  20  LYS LYS B . n 
A 1 21  TYR 21  21  21  TYR TYR B . n 
A 1 22  TYR 22  22  22  TYR TYR B . n 
A 1 23  ILE 23  23  23  ILE ILE B . n 
A 1 24  MET 24  24  24  MET MET B . n 
A 1 25  PRO 25  25  25  PRO PRO B . n 
A 1 26  SER 26  26  26  SER SER B . n 
A 1 27  ASN 27  27  27  ASN ASN B . n 
A 1 28  TRP 28  28  28  TRP TRP B . n 
A 1 29  GLY 29  29  29  GLY GLY B . n 
A 1 30  PRO 30  30  30  PRO PRO B . n 
A 1 31  PRO 31  31  31  PRO PRO B . n 
A 1 32  GLY 32  32  32  GLY GLY B . n 
A 1 33  GLY 33  33  33  GLY GLY B . n 
A 1 34  GLY 34  34  34  GLY GLY B . n 
A 1 35  LEU 35  35  35  LEU LEU B . n 
A 1 36  ARG 36  36  36  ARG ARG B . n 
A 1 37  LEU 37  37  37  LEU LEU B . n 
A 1 38  GLY 38  38  38  GLY GLY B . n 
A 1 39  LYS 39  39  39  LYS LYS B . n 
A 1 40  THR 40  40  40  THR THR B . n 
A 1 41  ARG 41  41  41  ARG ARG B . n 
A 1 42  ASN 42  42  42  ASN ASN B . n 
A 1 43  LEU 43  43  43  LEU LEU B . n 
A 1 44  ASN 44  44  44  ASN ASN B . n 
A 1 45  CYS 45  45  45  CYS CYS B . n 
A 1 46  PRO 46  46  46  PRO PRO B . n 
A 1 47  VAL 47  47  47  VAL VAL B . n 
A 1 48  THR 48  48  48  THR THR B . n 
A 1 49  VAL 49  49  49  VAL VAL B . n 
A 1 50  LEU 50  50  50  LEU LEU B . n 
A 1 51  GLN 51  51  51  GLN GLN B . n 
A 1 52  ASP 52  52  52  ASP ASP B . n 
A 1 53  TYR 53  53  53  TYR TYR B . n 
A 1 54  ASN 54  54  54  ASN ASN B . n 
A 1 55  GLU 55  55  55  GLU GLU B . n 
A 1 56  ALA 56  56  56  ALA ALA B . n 
A 1 57  ILE 57  57  57  ILE ILE B . n 
A 1 58  ASN 58  58  58  ASN ASN B . n 
A 1 59  GLY 59  59  59  GLY GLY B . n 
A 1 60  LEU 60  60  60  LEU LEU B . n 
A 1 61  PRO 61  61  61  PRO PRO B . n 
A 1 62  VAL 62  62  62  VAL VAL B . n 
A 1 63  LYS 63  63  63  LYS LYS B . n 
A 1 64  PHE 64  64  64  PHE PHE B . n 
A 1 65  ASN 65  65  65  ASN ASN B . n 
A 1 66  ILE 66  66  66  ILE ILE B . n 
A 1 67  ARG 67  67  67  ARG ARG B . n 
A 1 68  GLU 68  68  68  GLU GLU B . n 
A 1 69  ILE 69  69  69  ILE ILE B . n 
A 1 70  LEU 70  70  70  LEU LEU B . n 
A 1 71  PRO 71  71  71  PRO GLY B . n 
A 1 72  ARG 72  72  72  ARG ARG B . n 
A 1 73  THR 73  73  73  THR THR B . n 
A 1 74  ILE 74  74  74  ILE ILE B . n 
A 1 75  PHE 75  75  75  PHE PHE B . n 
A 1 76  THR 76  76  76  THR THR B . n 
A 1 77  ASP 77  77  77  ASP ASP B . n 
A 1 78  THR 78  78  78  THR THR B . n 
A 1 79  GLU 79  79  79  GLU GLU B . n 
A 1 80  LEU 80  80  80  LEU LEU B . n 
A 1 81  ASN 81  81  81  ASN ASN B . n 
A 1 82  ILE 82  82  82  ILE ILE B . n 
A 1 83  GLU 83  83  83  GLU GLU B . n 
A 1 84  PHE 84  84  84  PHE PHE B . n 
A 1 85  THR 85  85  85  THR THR B . n 
A 1 86  GLU 86  86  86  GLU GLU B . n 
A 1 87  LYS 87  87  87  LYS LYS B . n 
A 1 88  PRO 88  88  88  PRO PRO B . n 
A 1 89  ASN 89  89  89  ASN ASN B . n 
A 1 90  CYS 90  90  90  CYS CYS B . n 
A 1 91  ALA 91  91  91  ALA ALA B . n 
A 1 92  GLU 92  92  92  GLU GLU B . n 
A 1 93  ASN 93  93  93  ASN ASN B . n 
A 1 94  ARG 94  94  94  ARG ARG B . n 
A 1 95  ALA 95  95  95  ALA ALA B . n 
A 1 96  TRP 96  96  96  TRP TRP B . n 
A 1 97  SER 97  97  97  SER SER B . n 
A 1 98  LEU 98  98  98  LEU LEU B . n 
A 1 99  PHE 99  99  99  PHE PHE B . n 
A 1 100 LYS 100 100 100 LYS LYS B . n 
A 1 101 GLY 101 101 101 GLY GLY B . n 
A 1 102 ASP 102 102 102 ASP ASP B . n 
A 1 103 ASP 103 103 103 ASP ASP B . n 
A 1 104 ARG 104 104 104 ARG ARG B . n 
A 1 105 GLY 105 105 105 GLY GLY B . n 
A 1 106 HIS 106 106 106 HIS HIS B . n 
A 1 107 LYS 107 107 107 LYS LYS B . n 
A 1 108 ALA 108 108 108 ALA ALA B . n 
A 1 109 ARG 109 109 109 ARG ARG B . n 
A 1 110 VAL 110 110 110 VAL VAL B . n 
A 1 111 GLY 111 111 111 GLY GLY B . n 
A 1 112 ILE 112 112 112 ILE ILE B . n 
A 1 113 GLY 113 113 113 GLY GLY B . n 
A 1 114 GLY 114 114 114 GLY GLY B . n 
A 1 115 SER 115 115 115 SER SER B . n 
A 1 116 ASN 116 116 116 ASN ASN B . n 
A 1 117 GLY 117 117 117 GLY GLY B . n 
A 1 118 HIS 118 118 118 HIS HIS B . n 
A 1 119 PRO 119 119 119 PRO PRO B . n 
A 1 120 GLY 120 120 120 GLY GLY B . n 
A 1 121 GLY 121 121 121 GLY GLY B . n 
A 1 122 GLU 122 122 122 GLU GLU B . n 
A 1 123 MET 123 123 123 MET MET B . n 
A 1 124 LEU 124 124 124 LEU LEU B . n 
A 1 125 ARG 125 125 125 ARG ARG B . n 
A 1 126 GLY 126 126 126 GLY GLY B . n 
A 1 127 GLY 127 127 127 GLY GLY B . n 
A 1 128 PHE 128 128 128 PHE PHE B . n 
A 1 129 TYR 129 129 129 TYR TYR B . n 
A 1 130 GLY 130 130 130 GLY GLY B . n 
A 1 131 GLU 131 131 131 GLU GLY B . n 
A 1 132 GLN 132 132 132 GLN GLN B . n 
A 1 133 HIS 133 133 133 HIS HIS B . n 
A 1 134 GLY 134 134 134 GLY GLY B . n 
A 1 135 LEU 135 135 135 LEU LEU B . n 
A 1 136 ARG 136 136 136 ARG ARG B . n 
A 1 137 ASN 137 137 137 ASN ASN B . n 
A 1 138 GLY 138 138 138 GLY GLY B . n 
A 1 139 THR 139 139 139 THR THR B . n 
A 1 140 TYR 140 140 140 TYR TYR B . n 
A 1 141 LYS 141 141 141 LYS LYS B . n 
A 1 142 LEU 142 142 142 LEU LEU B . n 
A 1 143 VAL 143 143 143 VAL VAL B . n 
A 1 144 PHE 144 144 144 PHE PHE B . n 
A 1 145 CYS 145 145 145 CYS CYS B . n 
A 1 146 ARG 146 146 146 ARG ARG B . n 
A 1 147 ASP 147 147 147 ASP ASP B . n 
A 1 148 GLY 148 148 148 GLY GLY B . n 
A 1 149 SER 149 149 149 SER SER B . n 
A 1 150 SER 150 150 150 SER SER B . n 
A 1 151 THR 151 151 151 THR THR B . n 
A 1 152 CYS 152 152 152 CYS CYS B . n 
A 1 153 LEU 153 153 153 LEU LEU B . n 
A 1 154 ASP 154 154 154 ASP ASP B . n 
A 1 155 VAL 155 155 155 VAL VAL B . n 
A 1 156 GLY 156 156 156 GLY GLY B . n 
A 1 157 ARG 157 157 157 ARG ARG B . n 
A 1 158 TYR 158 158 158 TYR TYR B . n 
A 1 159 GLY 159 159 159 GLY GLY B . n 
A 1 160 ASN 160 160 160 ASN ASN B . n 
A 1 161 ARG 161 161 161 ARG ARG B . n 
A 1 162 GLU 162 162 162 GLU GLU B . n 
A 1 163 GLY 163 163 163 GLY GLY B . n 
A 1 164 ARG 164 164 164 ARG ARG B . n 
A 1 165 ARG 165 165 165 ARG ARG B . n 
A 1 166 LEU 166 166 166 LEU LEU B . n 
A 1 167 GLY 167 167 167 GLY GLY B . n 
A 1 168 LEU 168 168 168 LEU LEU B . n 
A 1 169 SER 169 169 169 SER SER B . n 
A 1 170 GLU 170 170 170 GLU GLU B . n 
A 1 171 ALA 171 171 171 ALA ALA B . n 
A 1 172 GLY 172 172 172 GLY GLY B . n 
A 1 173 GLU 173 173 173 GLU GLU B . n 
A 1 174 LEU 174 174 174 LEU LEU B . n 
A 1 175 GLY 175 175 175 GLY GLY B . n 
A 1 176 VAL 176 176 176 VAL VAL B . n 
A 1 177 GLY 177 177 177 GLY GLY B . n 
A 1 178 PHE 178 178 178 PHE PHE B . n 
A 1 179 GLU 179 179 179 GLU GLU B . n 
A 1 180 LYS 180 180 180 LYS LYS B . n 
A 1 181 ALA 181 181 181 ALA ALA B . n 
A 1 182 GLY 182 182 182 GLY GLY B . n 
A 1 183 GLY 183 183 183 GLY GLY B . n 
A 1 184 GLY 184 184 184 GLY GLY B . n 
A 1 185 ASN 185 185 185 ASN ASN B . n 
# 
loop_
_pdbx_nonpoly_scheme.asym_id 
_pdbx_nonpoly_scheme.entity_id 
_pdbx_nonpoly_scheme.mon_id 
_pdbx_nonpoly_scheme.ndb_seq_num 
_pdbx_nonpoly_scheme.pdb_seq_num 
_pdbx_nonpoly_scheme.auth_seq_num 
_pdbx_nonpoly_scheme.pdb_mon_id 
_pdbx_nonpoly_scheme.auth_mon_id 
_pdbx_nonpoly_scheme.pdb_strand_id 
_pdbx_nonpoly_scheme.pdb_ins_code 
B 2 HOH 1   201 19  HOH HOH B . 
B 2 HOH 2   202 13  HOH HOH B . 
B 2 HOH 3   203 3   HOH HOH B . 
B 2 HOH 4   204 78  HOH HOH B . 
B 2 HOH 5   205 9   HOH HOH B . 
B 2 HOH 6   206 33  HOH HOH B . 
B 2 HOH 7   207 118 HOH HOH B . 
B 2 HOH 8   208 47  HOH HOH B . 
B 2 HOH 9   209 31  HOH HOH B . 
B 2 HOH 10  210 2   HOH HOH B . 
B 2 HOH 11  211 34  HOH HOH B . 
B 2 HOH 12  212 73  HOH HOH B . 
B 2 HOH 13  213 86  HOH HOH B . 
B 2 HOH 14  214 69  HOH HOH B . 
B 2 HOH 15  215 122 HOH HOH B . 
B 2 HOH 16  216 63  HOH HOH B . 
B 2 HOH 17  217 84  HOH HOH B . 
B 2 HOH 18  218 44  HOH HOH B . 
B 2 HOH 19  219 51  HOH HOH B . 
B 2 HOH 20  220 59  HOH HOH B . 
B 2 HOH 21  221 65  HOH HOH B . 
B 2 HOH 22  222 29  HOH HOH B . 
B 2 HOH 23  223 21  HOH HOH B . 
B 2 HOH 24  224 28  HOH HOH B . 
B 2 HOH 25  225 90  HOH HOH B . 
B 2 HOH 26  226 93  HOH HOH B . 
B 2 HOH 27  227 52  HOH HOH B . 
B 2 HOH 28  228 43  HOH HOH B . 
B 2 HOH 29  229 37  HOH HOH B . 
B 2 HOH 30  230 83  HOH HOH B . 
B 2 HOH 31  231 60  HOH HOH B . 
B 2 HOH 32  232 20  HOH HOH B . 
B 2 HOH 33  233 55  HOH HOH B . 
B 2 HOH 34  234 67  HOH HOH B . 
B 2 HOH 35  235 56  HOH HOH B . 
B 2 HOH 36  236 4   HOH HOH B . 
B 2 HOH 37  237 124 HOH HOH B . 
B 2 HOH 38  238 89  HOH HOH B . 
B 2 HOH 39  239 50  HOH HOH B . 
B 2 HOH 40  240 71  HOH HOH B . 
B 2 HOH 41  241 54  HOH HOH B . 
B 2 HOH 42  242 26  HOH HOH B . 
B 2 HOH 43  243 30  HOH HOH B . 
B 2 HOH 44  244 41  HOH HOH B . 
B 2 HOH 45  245 98  HOH HOH B . 
B 2 HOH 46  246 66  HOH HOH B . 
B 2 HOH 47  247 123 HOH HOH B . 
B 2 HOH 48  248 25  HOH HOH B . 
B 2 HOH 49  249 58  HOH HOH B . 
B 2 HOH 50  250 116 HOH HOH B . 
B 2 HOH 51  251 53  HOH HOH B . 
B 2 HOH 52  252 17  HOH HOH B . 
B 2 HOH 53  253 24  HOH HOH B . 
B 2 HOH 54  254 57  HOH HOH B . 
B 2 HOH 55  255 79  HOH HOH B . 
B 2 HOH 56  256 15  HOH HOH B . 
B 2 HOH 57  257 126 HOH HOH B . 
B 2 HOH 58  258 42  HOH HOH B . 
B 2 HOH 59  259 22  HOH HOH B . 
B 2 HOH 60  260 115 HOH HOH B . 
B 2 HOH 61  261 68  HOH HOH B . 
B 2 HOH 62  262 6   HOH HOH B . 
B 2 HOH 63  263 39  HOH HOH B . 
B 2 HOH 64  264 108 HOH HOH B . 
B 2 HOH 65  265 76  HOH HOH B . 
B 2 HOH 66  266 27  HOH HOH B . 
B 2 HOH 67  267 12  HOH HOH B . 
B 2 HOH 68  268 48  HOH HOH B . 
B 2 HOH 69  269 14  HOH HOH B . 
B 2 HOH 70  270 64  HOH HOH B . 
B 2 HOH 71  271 103 HOH HOH B . 
B 2 HOH 72  272 81  HOH HOH B . 
B 2 HOH 73  273 106 HOH HOH B . 
B 2 HOH 74  274 77  HOH HOH B . 
B 2 HOH 75  275 5   HOH HOH B . 
B 2 HOH 76  276 61  HOH HOH B . 
B 2 HOH 77  277 82  HOH HOH B . 
B 2 HOH 78  278 75  HOH HOH B . 
B 2 HOH 79  279 36  HOH HOH B . 
B 2 HOH 80  280 40  HOH HOH B . 
B 2 HOH 81  281 80  HOH HOH B . 
B 2 HOH 82  282 127 HOH HOH B . 
B 2 HOH 83  283 125 HOH HOH B . 
B 2 HOH 84  284 100 HOH HOH B . 
B 2 HOH 85  285 99  HOH HOH B . 
B 2 HOH 86  286 72  HOH HOH B . 
B 2 HOH 87  287 46  HOH HOH B . 
B 2 HOH 88  288 92  HOH HOH B . 
B 2 HOH 89  289 8   HOH HOH B . 
B 2 HOH 90  290 105 HOH HOH B . 
B 2 HOH 91  291 85  HOH HOH B . 
B 2 HOH 92  292 49  HOH HOH B . 
B 2 HOH 93  293 111 HOH HOH B . 
B 2 HOH 94  294 96  HOH HOH B . 
B 2 HOH 95  295 7   HOH HOH B . 
B 2 HOH 96  296 18  HOH HOH B . 
B 2 HOH 97  297 16  HOH HOH B . 
B 2 HOH 98  298 11  HOH HOH B . 
B 2 HOH 99  299 74  HOH HOH B . 
B 2 HOH 100 300 35  HOH HOH B . 
B 2 HOH 101 301 97  HOH HOH B . 
B 2 HOH 102 302 1   HOH HOH B . 
B 2 HOH 103 303 114 HOH HOH B . 
B 2 HOH 104 304 107 HOH HOH B . 
B 2 HOH 105 305 32  HOH HOH B . 
B 2 HOH 106 306 87  HOH HOH B . 
B 2 HOH 107 307 88  HOH HOH B . 
B 2 HOH 108 308 10  HOH HOH B . 
B 2 HOH 109 309 117 HOH HOH B . 
B 2 HOH 110 310 38  HOH HOH B . 
B 2 HOH 111 311 110 HOH HOH B . 
B 2 HOH 112 312 104 HOH HOH B . 
B 2 HOH 113 313 23  HOH HOH B . 
B 2 HOH 114 314 112 HOH HOH B . 
B 2 HOH 115 315 120 HOH HOH B . 
B 2 HOH 116 316 62  HOH HOH B . 
B 2 HOH 117 317 113 HOH HOH B . 
B 2 HOH 118 318 121 HOH HOH B . 
B 2 HOH 119 319 109 HOH HOH B . 
B 2 HOH 120 320 119 HOH HOH B . 
B 2 HOH 121 321 95  HOH HOH B . 
B 2 HOH 122 322 102 HOH HOH B . 
# 
loop_
_pdbx_unobs_or_zero_occ_atoms.id 
_pdbx_unobs_or_zero_occ_atoms.PDB_model_num 
_pdbx_unobs_or_zero_occ_atoms.polymer_flag 
_pdbx_unobs_or_zero_occ_atoms.occupancy_flag 
_pdbx_unobs_or_zero_occ_atoms.auth_asym_id 
_pdbx_unobs_or_zero_occ_atoms.auth_comp_id 
_pdbx_unobs_or_zero_occ_atoms.auth_seq_id 
_pdbx_unobs_or_zero_occ_atoms.PDB_ins_code 
_pdbx_unobs_or_zero_occ_atoms.auth_atom_id 
_pdbx_unobs_or_zero_occ_atoms.label_alt_id 
_pdbx_unobs_or_zero_occ_atoms.label_asym_id 
_pdbx_unobs_or_zero_occ_atoms.label_comp_id 
_pdbx_unobs_or_zero_occ_atoms.label_seq_id 
_pdbx_unobs_or_zero_occ_atoms.label_atom_id 
1 1 Y 1 B PRO 71  ? CB  ? A PRO 71  CB  
2 1 Y 1 B PRO 71  ? CG  ? A PRO 71  CG  
3 1 Y 1 B PRO 71  ? CD  ? A PRO 71  CD  
4 1 Y 1 B GLU 131 ? CB  ? A GLU 131 CB  
5 1 Y 1 B GLU 131 ? CG  ? A GLU 131 CG  
6 1 Y 1 B GLU 131 ? CD  ? A GLU 131 CD  
7 1 Y 1 B GLU 131 ? OE1 ? A GLU 131 OE1 
8 1 Y 1 B GLU 131 ? OE2 ? A GLU 131 OE2 
# 
loop_
_software.citation_id 
_software.classification 
_software.compiler_name 
_software.compiler_version 
_software.contact_author 
_software.contact_author_email 
_software.date 
_software.description 
_software.dependencies 
_software.hardware 
_software.language 
_software.location 
_software.mods 
_software.name 
_software.os 
_software.os_version 
_software.type 
_software.version 
_software.pdbx_ordinal 
? refinement        ? ? ? ? ? ? ? ? ? ? ? REFMAC    ? ? ? 5.6.0117 1 
? 'data processing' ? ? ? ? ? ? ? ? ? ? ? MOSFLM    ? ? ? .        2 
? 'data scaling'    ? ? ? ? ? ? ? ? ? ? ? SCALA     ? ? ? .        3 
? 'model building'  ? ? ? ? ? ? ? ? ? ? ? Coot      ? ? ? 0.5.2    4 
? 'data collection' ? ? ? ? ? ? ? ? ? ? ? MAR345dtb ? ? ? .        5 
# 
_cell.entry_id           5DSS 
_cell.length_a           51.000 
_cell.length_b           69.180 
_cell.length_c           45.320 
_cell.angle_alpha        90.00 
_cell.angle_beta         90.00 
_cell.angle_gamma        90.00 
_cell.Z_PDB              4 
_cell.pdbx_unique_axis   ? 
# 
_symmetry.entry_id                         5DSS 
_symmetry.space_group_name_H-M             'P 21 21 2' 
_symmetry.pdbx_full_space_group_name_H-M   ? 
_symmetry.cell_setting                     ? 
_symmetry.Int_Tables_number                18 
# 
_exptl.absorpt_coefficient_mu     ? 
_exptl.absorpt_correction_T_max   ? 
_exptl.absorpt_correction_T_min   ? 
_exptl.absorpt_correction_type    ? 
_exptl.absorpt_process_details    ? 
_exptl.entry_id                   5DSS 
_exptl.crystals_number            1 
_exptl.details                    ? 
_exptl.method                     'X-RAY DIFFRACTION' 
_exptl.method_details             ? 
# 
_exptl_crystal.colour                      ? 
_exptl_crystal.density_diffrn              ? 
_exptl_crystal.density_Matthews            1.9 
_exptl_crystal.density_method              ? 
_exptl_crystal.density_percent_sol         35.4 
_exptl_crystal.description                 Orthorhombic 
_exptl_crystal.F_000                       ? 
_exptl_crystal.id                          1 
_exptl_crystal.preparation                 ? 
_exptl_crystal.size_max                    ? 
_exptl_crystal.size_mid                    ? 
_exptl_crystal.size_min                    ? 
_exptl_crystal.size_rad                    ? 
_exptl_crystal.colour_lustre               ? 
_exptl_crystal.colour_modifier             ? 
_exptl_crystal.colour_primary              ? 
_exptl_crystal.density_meas                ? 
_exptl_crystal.density_meas_esd            ? 
_exptl_crystal.density_meas_gt             ? 
_exptl_crystal.density_meas_lt             ? 
_exptl_crystal.density_meas_temp           ? 
_exptl_crystal.density_meas_temp_esd       ? 
_exptl_crystal.density_meas_temp_gt        ? 
_exptl_crystal.density_meas_temp_lt        ? 
_exptl_crystal.pdbx_crystal_image_url      ? 
_exptl_crystal.pdbx_crystal_image_format   ? 
_exptl_crystal.pdbx_mosaicity              ? 
_exptl_crystal.pdbx_mosaicity_esd          ? 
# 
_exptl_crystal_grow.apparatus       ? 
_exptl_crystal_grow.atmosphere      ? 
_exptl_crystal_grow.crystal_id      1 
_exptl_crystal_grow.details         ? 
_exptl_crystal_grow.method          'VAPOR DIFFUSION, HANGING DROP' 
_exptl_crystal_grow.method_ref      ? 
_exptl_crystal_grow.pH              9.5 
_exptl_crystal_grow.pressure        ? 
_exptl_crystal_grow.pressure_esd    ? 
_exptl_crystal_grow.seeding         ? 
_exptl_crystal_grow.seeding_ref     ? 
_exptl_crystal_grow.temp            298 
_exptl_crystal_grow.temp_details    ? 
_exptl_crystal_grow.temp_esd        ? 
_exptl_crystal_grow.time            ? 
_exptl_crystal_grow.pdbx_details    '50 mM Tris-HCl pH 9.5, 1.5 M ammonium sulfate' 
_exptl_crystal_grow.pdbx_pH_range   ? 
# 
_diffrn.ambient_environment    ? 
_diffrn.ambient_temp           100 
_diffrn.ambient_temp_details   ? 
_diffrn.ambient_temp_esd       ? 
_diffrn.crystal_id             1 
_diffrn.crystal_support        ? 
_diffrn.crystal_treatment      ? 
_diffrn.details                ? 
_diffrn.id                     1 
_diffrn.ambient_pressure       ? 
_diffrn.ambient_pressure_esd   ? 
_diffrn.ambient_pressure_gt    ? 
_diffrn.ambient_pressure_lt    ? 
_diffrn.ambient_temp_gt        ? 
_diffrn.ambient_temp_lt        ? 
# 
_diffrn_detector.details                      'osmic focusing mirrors' 
_diffrn_detector.detector                     'IMAGE PLATE' 
_diffrn_detector.diffrn_id                    1 
_diffrn_detector.type                         'MAR scanner 345 mm plate' 
_diffrn_detector.area_resol_mean              ? 
_diffrn_detector.dtime                        ? 
_diffrn_detector.pdbx_frames_total            ? 
_diffrn_detector.pdbx_collection_time_total   ? 
_diffrn_detector.pdbx_collection_date         2009-09-30 
# 
_diffrn_radiation.collimation                      ? 
_diffrn_radiation.diffrn_id                        1 
_diffrn_radiation.filter_edge                      ? 
_diffrn_radiation.inhomogeneity                    ? 
_diffrn_radiation.monochromator                    copper 
_diffrn_radiation.polarisn_norm                    ? 
_diffrn_radiation.polarisn_ratio                   ? 
_diffrn_radiation.probe                            ? 
_diffrn_radiation.type                             ? 
_diffrn_radiation.xray_symbol                      ? 
_diffrn_radiation.wavelength_id                    1 
_diffrn_radiation.pdbx_monochromatic_or_laue_m_l   M 
_diffrn_radiation.pdbx_wavelength_list             ? 
_diffrn_radiation.pdbx_wavelength                  ? 
_diffrn_radiation.pdbx_diffrn_protocol             'SINGLE WAVELENGTH' 
_diffrn_radiation.pdbx_analyzer                    ? 
_diffrn_radiation.pdbx_scattering_type             x-ray 
# 
_diffrn_radiation_wavelength.id           1 
_diffrn_radiation_wavelength.wavelength   1.5418 
_diffrn_radiation_wavelength.wt           1.0 
# 
_diffrn_source.current                     ? 
_diffrn_source.details                     ? 
_diffrn_source.diffrn_id                   1 
_diffrn_source.power                       ? 
_diffrn_source.size                        ? 
_diffrn_source.source                      'ROTATING ANODE' 
_diffrn_source.target                      ? 
_diffrn_source.type                        'RIGAKU RUH3R' 
_diffrn_source.voltage                     ? 
_diffrn_source.take-off_angle              ? 
_diffrn_source.pdbx_wavelength_list        1.5418 
_diffrn_source.pdbx_wavelength             ? 
_diffrn_source.pdbx_synchrotron_beamline   ? 
_diffrn_source.pdbx_synchrotron_site       ? 
# 
_reflns.B_iso_Wilson_estimate            ? 
_reflns.entry_id                         5DSS 
_reflns.data_reduction_details           ? 
_reflns.data_reduction_method            ? 
_reflns.d_resolution_high                2.8 
_reflns.d_resolution_low                 37.91 
_reflns.details                          ? 
_reflns.limit_h_max                      ? 
_reflns.limit_h_min                      ? 
_reflns.limit_k_max                      ? 
_reflns.limit_k_min                      ? 
_reflns.limit_l_max                      ? 
_reflns.limit_l_min                      ? 
_reflns.number_all                       ? 
_reflns.number_obs                       4048 
_reflns.observed_criterion               ? 
_reflns.observed_criterion_F_max         ? 
_reflns.observed_criterion_F_min         ? 
_reflns.observed_criterion_I_max         ? 
_reflns.observed_criterion_I_min         ? 
_reflns.observed_criterion_sigma_F       ? 
_reflns.observed_criterion_sigma_I       ? 
_reflns.percent_possible_obs             95.5 
_reflns.R_free_details                   ? 
_reflns.Rmerge_F_all                     ? 
_reflns.Rmerge_F_obs                     ? 
_reflns.Friedel_coverage                 ? 
_reflns.number_gt                        ? 
_reflns.threshold_expression             ? 
_reflns.pdbx_redundancy                  9.7 
_reflns.pdbx_Rmerge_I_obs                0.073 
_reflns.pdbx_Rmerge_I_all                ? 
_reflns.pdbx_Rsym_value                  ? 
_reflns.pdbx_netI_over_av_sigmaI         ? 
_reflns.pdbx_netI_over_sigmaI            25.6 
_reflns.pdbx_res_netI_over_av_sigmaI_2   ? 
_reflns.pdbx_res_netI_over_sigmaI_2      ? 
_reflns.pdbx_chi_squared                 ? 
_reflns.pdbx_scaling_rejects             ? 
_reflns.pdbx_d_res_high_opt              ? 
_reflns.pdbx_d_res_low_opt               ? 
_reflns.pdbx_d_res_opt_method            ? 
_reflns.phase_calculation_details        ? 
_reflns.pdbx_Rrim_I_all                  ? 
_reflns.pdbx_Rpim_I_all                  ? 
_reflns.pdbx_d_opt                       ? 
_reflns.pdbx_number_measured_all         ? 
_reflns.pdbx_diffrn_id                   1 
_reflns.pdbx_ordinal                     1 
_reflns.pdbx_CC_half                     ? 
_reflns.pdbx_R_split                     ? 
# 
_reflns_shell.d_res_high                  2.80 
_reflns_shell.d_res_low                   2.95 
_reflns_shell.meanI_over_sigI_all         ? 
_reflns_shell.meanI_over_sigI_obs         14.5 
_reflns_shell.number_measured_all         ? 
_reflns_shell.number_measured_obs         ? 
_reflns_shell.number_possible             ? 
_reflns_shell.number_unique_all           ? 
_reflns_shell.number_unique_obs           ? 
_reflns_shell.percent_possible_all        94.0 
_reflns_shell.percent_possible_obs        ? 
_reflns_shell.Rmerge_F_all                ? 
_reflns_shell.Rmerge_F_obs                ? 
_reflns_shell.Rmerge_I_all                ? 
_reflns_shell.Rmerge_I_obs                ? 
_reflns_shell.meanI_over_sigI_gt          ? 
_reflns_shell.meanI_over_uI_all           ? 
_reflns_shell.meanI_over_uI_gt            ? 
_reflns_shell.number_measured_gt          ? 
_reflns_shell.number_unique_gt            ? 
_reflns_shell.percent_possible_gt         ? 
_reflns_shell.Rmerge_F_gt                 ? 
_reflns_shell.Rmerge_I_gt                 ? 
_reflns_shell.pdbx_redundancy             10.1 
_reflns_shell.pdbx_Rsym_value             ? 
_reflns_shell.pdbx_chi_squared            ? 
_reflns_shell.pdbx_netI_over_sigmaI_all   ? 
_reflns_shell.pdbx_netI_over_sigmaI_obs   ? 
_reflns_shell.pdbx_Rrim_I_all             ? 
_reflns_shell.pdbx_Rpim_I_all             ? 
_reflns_shell.pdbx_rejects                ? 
_reflns_shell.pdbx_ordinal                1 
_reflns_shell.pdbx_diffrn_id              1 
_reflns_shell.pdbx_CC_half                ? 
_reflns_shell.pdbx_R_split                ? 
# 
_refine.pdbx_refine_id                           'X-RAY DIFFRACTION' 
_refine.entry_id                                 5DSS 
_refine.pdbx_diffrn_id                           1 
_refine.pdbx_TLS_residual_ADP_flag               ? 
_refine.ls_number_reflns_obs                     3851 
_refine.ls_number_reflns_all                     ? 
_refine.pdbx_ls_sigma_I                          ? 
_refine.pdbx_ls_sigma_F                          ? 
_refine.pdbx_data_cutoff_high_absF               ? 
_refine.pdbx_data_cutoff_low_absF                ? 
_refine.pdbx_data_cutoff_high_rms_absF           ? 
_refine.ls_d_res_low                             37.91 
_refine.ls_d_res_high                            2.80 
_refine.ls_percent_reflns_obs                    94.72 
_refine.ls_R_factor_obs                          0.26762 
_refine.ls_R_factor_all                          ? 
_refine.ls_R_factor_R_work                       0.26679 
_refine.ls_R_factor_R_free                       0.28439 
_refine.ls_R_factor_R_free_error                 ? 
_refine.ls_R_factor_R_free_error_details         ? 
_refine.ls_percent_reflns_R_free                 4.6 
_refine.ls_number_reflns_R_free                  185 
_refine.ls_number_parameters                     ? 
_refine.ls_number_restraints                     ? 
_refine.occupancy_min                            ? 
_refine.occupancy_max                            ? 
_refine.correlation_coeff_Fo_to_Fc               0.812 
_refine.correlation_coeff_Fo_to_Fc_free          0.788 
_refine.B_iso_mean                               22.988 
_refine.aniso_B[1][1]                            -0.19 
_refine.aniso_B[2][2]                            3.03 
_refine.aniso_B[3][3]                            -2.84 
_refine.aniso_B[1][2]                            0.00 
_refine.aniso_B[1][3]                            0.00 
_refine.aniso_B[2][3]                            0.00 
_refine.solvent_model_details                    MASK 
_refine.solvent_model_param_ksol                 ? 
_refine.solvent_model_param_bsol                 ? 
_refine.pdbx_solvent_vdw_probe_radii             1.20 
_refine.pdbx_solvent_ion_probe_radii             0.80 
_refine.pdbx_solvent_shrinkage_radii             0.80 
_refine.pdbx_ls_cross_valid_method               THROUGHOUT 
_refine.details                                  'HYDROGENS HAVE BEEN USED IF PRESENT IN THE INPUT' 
_refine.pdbx_starting_model                      1R8N 
_refine.pdbx_method_to_determine_struct          'MOLECULAR REPLACEMENT' 
_refine.pdbx_isotropic_thermal_model             ? 
_refine.pdbx_stereochemistry_target_values       'MAXIMUM LIKELIHOOD' 
_refine.pdbx_stereochem_target_val_spec_case     ? 
_refine.pdbx_R_Free_selection_details            RANDOM 
_refine.pdbx_overall_ESU_R                       ? 
_refine.pdbx_overall_ESU_R_Free                  0.520 
_refine.overall_SU_ML                            0.390 
_refine.pdbx_overall_phase_error                 ? 
_refine.overall_SU_B                             19.266 
_refine.overall_SU_R_Cruickshank_DPI             ? 
_refine.pdbx_overall_SU_R_free_Cruickshank_DPI   ? 
_refine.pdbx_overall_SU_R_Blow_DPI               ? 
_refine.pdbx_overall_SU_R_free_Blow_DPI          ? 
# 
_refine_hist.pdbx_refine_id                   'X-RAY DIFFRACTION' 
_refine_hist.cycle_id                         LAST 
_refine_hist.pdbx_number_atoms_protein        1411 
_refine_hist.pdbx_number_atoms_nucleic_acid   0 
_refine_hist.pdbx_number_atoms_ligand         0 
_refine_hist.number_atoms_solvent             122 
_refine_hist.number_atoms_total               1533 
_refine_hist.d_res_high                       2.80 
_refine_hist.d_res_low                        37.91 
# 
loop_
_refine_ls_restr.type 
_refine_ls_restr.dev_ideal 
_refine_ls_restr.dev_ideal_target 
_refine_ls_restr.weight 
_refine_ls_restr.number 
_refine_ls_restr.pdbx_refine_id 
_refine_ls_restr.pdbx_restraint_function 
r_bond_refined_d             0.012  0.019  ? 1442 'X-RAY DIFFRACTION' ? 
r_bond_other_d               ?      ?      ? ?    'X-RAY DIFFRACTION' ? 
r_angle_refined_deg          1.645  1.963  ? 1942 'X-RAY DIFFRACTION' ? 
r_angle_other_deg            ?      ?      ? ?    'X-RAY DIFFRACTION' ? 
r_dihedral_angle_1_deg       13.576 5.000  ? 184  'X-RAY DIFFRACTION' ? 
r_dihedral_angle_2_deg       40.049 23.194 ? 72   'X-RAY DIFFRACTION' ? 
r_dihedral_angle_3_deg       27.896 15.000 ? 235  'X-RAY DIFFRACTION' ? 
r_dihedral_angle_4_deg       18.882 15.000 ? 15   'X-RAY DIFFRACTION' ? 
r_chiral_restr               0.148  0.200  ? 193  'X-RAY DIFFRACTION' ? 
r_gen_planes_refined         0.022  0.021  ? 1144 'X-RAY DIFFRACTION' ? 
r_gen_planes_other           ?      ?      ? ?    'X-RAY DIFFRACTION' ? 
r_nbd_refined                ?      ?      ? ?    'X-RAY DIFFRACTION' ? 
r_nbd_other                  ?      ?      ? ?    'X-RAY DIFFRACTION' ? 
r_nbtor_refined              ?      ?      ? ?    'X-RAY DIFFRACTION' ? 
r_nbtor_other                ?      ?      ? ?    'X-RAY DIFFRACTION' ? 
r_xyhbond_nbd_refined        ?      ?      ? ?    'X-RAY DIFFRACTION' ? 
r_xyhbond_nbd_other          ?      ?      ? ?    'X-RAY DIFFRACTION' ? 
r_metal_ion_refined          ?      ?      ? ?    'X-RAY DIFFRACTION' ? 
r_metal_ion_other            ?      ?      ? ?    'X-RAY DIFFRACTION' ? 
r_symmetry_vdw_refined       ?      ?      ? ?    'X-RAY DIFFRACTION' ? 
r_symmetry_vdw_other         ?      ?      ? ?    'X-RAY DIFFRACTION' ? 
r_symmetry_hbond_refined     ?      ?      ? ?    'X-RAY DIFFRACTION' ? 
r_symmetry_hbond_other       ?      ?      ? ?    'X-RAY DIFFRACTION' ? 
r_symmetry_metal_ion_refined ?      ?      ? ?    'X-RAY DIFFRACTION' ? 
r_symmetry_metal_ion_other   ?      ?      ? ?    'X-RAY DIFFRACTION' ? 
r_mcbond_it                  ?      ?      ? ?    'X-RAY DIFFRACTION' ? 
r_mcbond_other               ?      ?      ? ?    'X-RAY DIFFRACTION' ? 
r_mcangle_it                 ?      ?      ? ?    'X-RAY DIFFRACTION' ? 
r_mcangle_other              ?      ?      ? ?    'X-RAY DIFFRACTION' ? 
r_scbond_it                  ?      ?      ? ?    'X-RAY DIFFRACTION' ? 
r_scbond_other               ?      ?      ? ?    'X-RAY DIFFRACTION' ? 
r_scangle_it                 ?      ?      ? ?    'X-RAY DIFFRACTION' ? 
r_scangle_other              ?      ?      ? ?    'X-RAY DIFFRACTION' ? 
r_long_range_B_refined       ?      ?      ? ?    'X-RAY DIFFRACTION' ? 
r_long_range_B_other         ?      ?      ? ?    'X-RAY DIFFRACTION' ? 
r_rigid_bond_restr           ?      ?      ? ?    'X-RAY DIFFRACTION' ? 
r_sphericity_free            ?      ?      ? ?    'X-RAY DIFFRACTION' ? 
r_sphericity_bonded          ?      ?      ? ?    'X-RAY DIFFRACTION' ? 
# 
_refine_ls_shell.pdbx_refine_id                   'X-RAY DIFFRACTION' 
_refine_ls_shell.pdbx_total_number_of_bins_used   20 
_refine_ls_shell.d_res_high                       2.800 
_refine_ls_shell.d_res_low                        2.873 
_refine_ls_shell.number_reflns_R_work             237 
_refine_ls_shell.R_factor_R_work                  0.288 
_refine_ls_shell.percent_reflns_obs               92.13 
_refine_ls_shell.R_factor_R_free                  0.271 
_refine_ls_shell.R_factor_R_free_error            ? 
_refine_ls_shell.percent_reflns_R_free            ? 
_refine_ls_shell.number_reflns_R_free             9 
_refine_ls_shell.number_reflns_all                ? 
_refine_ls_shell.R_factor_all                     ? 
# 
_struct.entry_id                     5DSS 
_struct.title                        
'MP-4 contributes to snake venom neutralization by Mucuna pruriens seeds through stimulation of cross-reactive antibodies' 
_struct.pdbx_model_details           ? 
_struct.pdbx_formula_weight          ? 
_struct.pdbx_formula_weight_method   ? 
_struct.pdbx_model_type_details      ? 
_struct.pdbx_CASP_flag               ? 
# 
_struct_keywords.entry_id        5DSS 
_struct_keywords.text            'Plant protein, Protease inhibitor, Echis carinatus (Saw-scale viper), MP-4' 
_struct_keywords.pdbx_keywords   'PLANT PROTEIN' 
# 
loop_
_struct_asym.id 
_struct_asym.pdbx_blank_PDB_chainid_flag 
_struct_asym.pdbx_modified 
_struct_asym.entity_id 
_struct_asym.details 
A N N 1 ? 
B N N 2 ? 
# 
_struct_ref.id                         1 
_struct_ref.db_name                    PDB 
_struct_ref.db_code                    5DSS 
_struct_ref.pdbx_db_accession          5DSS 
_struct_ref.pdbx_db_isoform            ? 
_struct_ref.entity_id                  1 
_struct_ref.pdbx_seq_one_letter_code   ? 
_struct_ref.pdbx_align_begin           1 
# 
_struct_ref_seq.align_id                      1 
_struct_ref_seq.ref_id                        1 
_struct_ref_seq.pdbx_PDB_id_code              5DSS 
_struct_ref_seq.pdbx_strand_id                B 
_struct_ref_seq.seq_align_beg                 1 
_struct_ref_seq.pdbx_seq_align_beg_ins_code   ? 
_struct_ref_seq.seq_align_end                 185 
_struct_ref_seq.pdbx_seq_align_end_ins_code   ? 
_struct_ref_seq.pdbx_db_accession             5DSS 
_struct_ref_seq.db_align_beg                  1 
_struct_ref_seq.pdbx_db_align_beg_ins_code    ? 
_struct_ref_seq.db_align_end                  185 
_struct_ref_seq.pdbx_db_align_end_ins_code    ? 
_struct_ref_seq.pdbx_auth_seq_align_beg       1 
_struct_ref_seq.pdbx_auth_seq_align_end       185 
# 
_pdbx_struct_assembly.id                   1 
_pdbx_struct_assembly.details              author_defined_assembly 
_pdbx_struct_assembly.method_details       ? 
_pdbx_struct_assembly.oligomeric_details   monomeric 
_pdbx_struct_assembly.oligomeric_count     1 
# 
loop_
_pdbx_struct_assembly_prop.biol_id 
_pdbx_struct_assembly_prop.type 
_pdbx_struct_assembly_prop.value 
_pdbx_struct_assembly_prop.details 
1 'ABSA (A^2)' 0     ? 
1 MORE         0     ? 
1 'SSA (A^2)'  10610 ? 
# 
_pdbx_struct_assembly_gen.assembly_id       1 
_pdbx_struct_assembly_gen.oper_expression   1 
_pdbx_struct_assembly_gen.asym_id_list      A,B 
# 
_pdbx_struct_oper_list.id                   1 
_pdbx_struct_oper_list.type                 'identity operation' 
_pdbx_struct_oper_list.name                 1_555 
_pdbx_struct_oper_list.symmetry_operation   x,y,z 
_pdbx_struct_oper_list.matrix[1][1]         1.0000000000 
_pdbx_struct_oper_list.matrix[1][2]         0.0000000000 
_pdbx_struct_oper_list.matrix[1][3]         0.0000000000 
_pdbx_struct_oper_list.vector[1]            0.0000000000 
_pdbx_struct_oper_list.matrix[2][1]         0.0000000000 
_pdbx_struct_oper_list.matrix[2][2]         1.0000000000 
_pdbx_struct_oper_list.matrix[2][3]         0.0000000000 
_pdbx_struct_oper_list.vector[2]            0.0000000000 
_pdbx_struct_oper_list.matrix[3][1]         0.0000000000 
_pdbx_struct_oper_list.matrix[3][2]         0.0000000000 
_pdbx_struct_oper_list.matrix[3][3]         1.0000000000 
_pdbx_struct_oper_list.vector[3]            0.0000000000 
# 
loop_
_struct_conn.id 
_struct_conn.conn_type_id 
_struct_conn.pdbx_leaving_atom_flag 
_struct_conn.pdbx_PDB_id 
_struct_conn.ptnr1_label_asym_id 
_struct_conn.ptnr1_label_comp_id 
_struct_conn.ptnr1_label_seq_id 
_struct_conn.ptnr1_label_atom_id 
_struct_conn.pdbx_ptnr1_label_alt_id 
_struct_conn.pdbx_ptnr1_PDB_ins_code 
_struct_conn.pdbx_ptnr1_standard_comp_id 
_struct_conn.ptnr1_symmetry 
_struct_conn.ptnr2_label_asym_id 
_struct_conn.ptnr2_label_comp_id 
_struct_conn.ptnr2_label_seq_id 
_struct_conn.ptnr2_label_atom_id 
_struct_conn.pdbx_ptnr2_label_alt_id 
_struct_conn.pdbx_ptnr2_PDB_ins_code 
_struct_conn.ptnr1_auth_asym_id 
_struct_conn.ptnr1_auth_comp_id 
_struct_conn.ptnr1_auth_seq_id 
_struct_conn.ptnr2_auth_asym_id 
_struct_conn.ptnr2_auth_comp_id 
_struct_conn.ptnr2_auth_seq_id 
_struct_conn.ptnr2_symmetry 
_struct_conn.pdbx_ptnr3_label_atom_id 
_struct_conn.pdbx_ptnr3_label_seq_id 
_struct_conn.pdbx_ptnr3_label_comp_id 
_struct_conn.pdbx_ptnr3_label_asym_id 
_struct_conn.pdbx_ptnr3_label_alt_id 
_struct_conn.pdbx_ptnr3_PDB_ins_code 
_struct_conn.details 
_struct_conn.pdbx_dist_value 
_struct_conn.pdbx_value_order 
_struct_conn.pdbx_role 
disulf1 disulf ? ? A CYS 45  SG ? ? ? 1_555 A CYS 90  SG ? ? B CYS 45  B CYS 90  1_555 ? ? ? ? ? ? ? 2.036 ? ? 
disulf2 disulf ? ? A CYS 145 SG ? ? ? 1_555 A CYS 152 SG ? ? B CYS 145 B CYS 152 1_555 ? ? ? ? ? ? ? 2.019 ? ? 
# 
_struct_conn_type.id          disulf 
_struct_conn_type.criteria    ? 
_struct_conn_type.reference   ? 
# 
loop_
_pdbx_modification_feature.ordinal 
_pdbx_modification_feature.label_comp_id 
_pdbx_modification_feature.label_asym_id 
_pdbx_modification_feature.label_seq_id 
_pdbx_modification_feature.label_alt_id 
_pdbx_modification_feature.modified_residue_label_comp_id 
_pdbx_modification_feature.modified_residue_label_asym_id 
_pdbx_modification_feature.modified_residue_label_seq_id 
_pdbx_modification_feature.modified_residue_label_alt_id 
_pdbx_modification_feature.auth_comp_id 
_pdbx_modification_feature.auth_asym_id 
_pdbx_modification_feature.auth_seq_id 
_pdbx_modification_feature.PDB_ins_code 
_pdbx_modification_feature.symmetry 
_pdbx_modification_feature.modified_residue_auth_comp_id 
_pdbx_modification_feature.modified_residue_auth_asym_id 
_pdbx_modification_feature.modified_residue_auth_seq_id 
_pdbx_modification_feature.modified_residue_PDB_ins_code 
_pdbx_modification_feature.modified_residue_symmetry 
_pdbx_modification_feature.comp_id_linking_atom 
_pdbx_modification_feature.modified_residue_id_linking_atom 
_pdbx_modification_feature.modified_residue_id 
_pdbx_modification_feature.ref_pcm_id 
_pdbx_modification_feature.ref_comp_id 
_pdbx_modification_feature.type 
_pdbx_modification_feature.category 
1 CYS A 45  ? CYS A 90  ? CYS B 45  ? 1_555 CYS B 90  ? 1_555 SG SG . . . None 'Disulfide bridge' 
2 CYS A 145 ? CYS A 152 ? CYS B 145 ? 1_555 CYS B 152 ? 1_555 SG SG . . . None 'Disulfide bridge' 
# 
loop_
_struct_mon_prot_cis.pdbx_id 
_struct_mon_prot_cis.label_comp_id 
_struct_mon_prot_cis.label_seq_id 
_struct_mon_prot_cis.label_asym_id 
_struct_mon_prot_cis.label_alt_id 
_struct_mon_prot_cis.pdbx_PDB_ins_code 
_struct_mon_prot_cis.auth_comp_id 
_struct_mon_prot_cis.auth_seq_id 
_struct_mon_prot_cis.auth_asym_id 
_struct_mon_prot_cis.pdbx_label_comp_id_2 
_struct_mon_prot_cis.pdbx_label_seq_id_2 
_struct_mon_prot_cis.pdbx_label_asym_id_2 
_struct_mon_prot_cis.pdbx_PDB_ins_code_2 
_struct_mon_prot_cis.pdbx_auth_comp_id_2 
_struct_mon_prot_cis.pdbx_auth_seq_id_2 
_struct_mon_prot_cis.pdbx_auth_asym_id_2 
_struct_mon_prot_cis.pdbx_PDB_model_num 
_struct_mon_prot_cis.pdbx_omega_angle 
1 ASN 2  A . ? ASN 2  B ASP 3  A ? ASP 3  B 1 -0.26  
2 GLY 29 A . ? GLY 29 B PRO 30 A ? PRO 30 B 1 -22.50 
3 PRO 30 A . ? PRO 30 B PRO 31 A ? PRO 31 B 1 -20.72 
# 
loop_
_struct_sheet.id 
_struct_sheet.type 
_struct_sheet.number_strands 
_struct_sheet.details 
AA1 ? 4 ? 
AA2 ? 2 ? 
AA3 ? 2 ? 
AA4 ? 4 ? 
# 
loop_
_struct_sheet_order.sheet_id 
_struct_sheet_order.range_id_1 
_struct_sheet_order.range_id_2 
_struct_sheet_order.offset 
_struct_sheet_order.sense 
AA1 2 3 ? anti-parallel 
AA1 3 4 ? anti-parallel 
AA2 1 2 ? anti-parallel 
AA4 1 2 ? anti-parallel 
AA4 2 3 ? anti-parallel 
AA4 3 4 ? anti-parallel 
# 
loop_
_struct_sheet_range.sheet_id 
_struct_sheet_range.id 
_struct_sheet_range.beg_label_comp_id 
_struct_sheet_range.beg_label_asym_id 
_struct_sheet_range.beg_label_seq_id 
_struct_sheet_range.pdbx_beg_PDB_ins_code 
_struct_sheet_range.end_label_comp_id 
_struct_sheet_range.end_label_asym_id 
_struct_sheet_range.end_label_seq_id 
_struct_sheet_range.pdbx_end_PDB_ins_code 
_struct_sheet_range.beg_auth_comp_id 
_struct_sheet_range.beg_auth_asym_id 
_struct_sheet_range.beg_auth_seq_id 
_struct_sheet_range.end_auth_comp_id 
_struct_sheet_range.end_auth_asym_id 
_struct_sheet_range.end_auth_seq_id 
AA1 1 TYR A 21  ? MET A 24  ? TYR B 21  MET B 24  
AA1 2 GLY A 177 ? LYS A 180 ? GLY B 177 LYS B 180 
AA1 3 LEU A 35  ? LEU A 37  ? LEU B 35  LEU B 37  
AA1 4 VAL A 49  ? GLN A 51  ? VAL B 49  GLN B 51  
AA2 1 VAL A 62  ? ASN A 65  ? VAL B 62  ASN B 65  
AA2 2 LEU A 80  ? PHE A 84  ? LEU B 80  PHE B 84  
AA3 1 TRP A 96  ? PHE A 99  ? TRP B 96  PHE B 99  
AA3 2 ARG A 109 ? GLY A 111 ? ARG B 109 GLY B 111 
AA4 1 GLY A 126 ? GLY A 130 ? GLY B 126 GLY B 130 
AA4 2 LEU A 142 ? ARG A 146 ? LEU B 142 ARG B 146 
AA4 3 ARG A 157 ? GLY A 159 ? ARG B 157 GLY B 159 
AA4 4 ARG A 164 ? LEU A 166 ? ARG B 164 LEU B 166 
# 
loop_
_pdbx_struct_sheet_hbond.sheet_id 
_pdbx_struct_sheet_hbond.range_id_1 
_pdbx_struct_sheet_hbond.range_id_2 
_pdbx_struct_sheet_hbond.range_1_label_atom_id 
_pdbx_struct_sheet_hbond.range_1_label_comp_id 
_pdbx_struct_sheet_hbond.range_1_label_asym_id 
_pdbx_struct_sheet_hbond.range_1_label_seq_id 
_pdbx_struct_sheet_hbond.range_1_PDB_ins_code 
_pdbx_struct_sheet_hbond.range_1_auth_atom_id 
_pdbx_struct_sheet_hbond.range_1_auth_comp_id 
_pdbx_struct_sheet_hbond.range_1_auth_asym_id 
_pdbx_struct_sheet_hbond.range_1_auth_seq_id 
_pdbx_struct_sheet_hbond.range_2_label_atom_id 
_pdbx_struct_sheet_hbond.range_2_label_comp_id 
_pdbx_struct_sheet_hbond.range_2_label_asym_id 
_pdbx_struct_sheet_hbond.range_2_label_seq_id 
_pdbx_struct_sheet_hbond.range_2_PDB_ins_code 
_pdbx_struct_sheet_hbond.range_2_auth_atom_id 
_pdbx_struct_sheet_hbond.range_2_auth_comp_id 
_pdbx_struct_sheet_hbond.range_2_auth_asym_id 
_pdbx_struct_sheet_hbond.range_2_auth_seq_id 
AA1 2 3 O GLU A 179 ? O GLU B 179 N ARG A 36  ? N ARG B 36  
AA1 3 4 O GLY A 34  ? O GLY B 34  N LEU A 50  ? N LEU B 50  
AA2 1 2 O ASN A 65  ? O ASN B 65  N ASN A 81  ? N ASN B 81  
AA4 1 2 N TYR A 129 ? N TYR B 129 O VAL A 143 ? O VAL B 143 
AA4 2 3 O PHE A 144 ? O PHE B 144 N TYR A 158 ? N TYR B 158 
AA4 3 4 N TYR A 158 ? N TYR B 158 O ARG A 165 ? O ARG B 165 
# 
_pdbx_entry_details.entry_id                   5DSS 
_pdbx_entry_details.compound_details           ? 
_pdbx_entry_details.source_details             ? 
_pdbx_entry_details.nonpolymer_details         ? 
_pdbx_entry_details.sequence_details           ? 
_pdbx_entry_details.has_ligand_of_interest     ? 
_pdbx_entry_details.has_protein_modification   Y 
# 
loop_
_pdbx_validate_close_contact.id 
_pdbx_validate_close_contact.PDB_model_num 
_pdbx_validate_close_contact.auth_atom_id_1 
_pdbx_validate_close_contact.auth_asym_id_1 
_pdbx_validate_close_contact.auth_comp_id_1 
_pdbx_validate_close_contact.auth_seq_id_1 
_pdbx_validate_close_contact.PDB_ins_code_1 
_pdbx_validate_close_contact.label_alt_id_1 
_pdbx_validate_close_contact.auth_atom_id_2 
_pdbx_validate_close_contact.auth_asym_id_2 
_pdbx_validate_close_contact.auth_comp_id_2 
_pdbx_validate_close_contact.auth_seq_id_2 
_pdbx_validate_close_contact.PDB_ins_code_2 
_pdbx_validate_close_contact.label_alt_id_2 
_pdbx_validate_close_contact.dist 
1 1 O  B ASP 77  ? ? O  B HOH 201 ? ? 1.98 
2 1 NZ B LYS 180 ? ? O  B HOH 202 ? ? 2.05 
3 1 O  B SER 26  ? ? O  B HOH 203 ? ? 2.07 
4 1 O  B PHE 144 ? ? CB B CYS 152 ? ? 2.17 
# 
_pdbx_validate_rmsd_bond.id                        1 
_pdbx_validate_rmsd_bond.PDB_model_num             1 
_pdbx_validate_rmsd_bond.auth_atom_id_1            C 
_pdbx_validate_rmsd_bond.auth_asym_id_1            B 
_pdbx_validate_rmsd_bond.auth_comp_id_1            ASN 
_pdbx_validate_rmsd_bond.auth_seq_id_1             185 
_pdbx_validate_rmsd_bond.PDB_ins_code_1            ? 
_pdbx_validate_rmsd_bond.label_alt_id_1            ? 
_pdbx_validate_rmsd_bond.auth_atom_id_2            OXT 
_pdbx_validate_rmsd_bond.auth_asym_id_2            B 
_pdbx_validate_rmsd_bond.auth_comp_id_2            ASN 
_pdbx_validate_rmsd_bond.auth_seq_id_2             185 
_pdbx_validate_rmsd_bond.PDB_ins_code_2            ? 
_pdbx_validate_rmsd_bond.label_alt_id_2            ? 
_pdbx_validate_rmsd_bond.bond_value                1.504 
_pdbx_validate_rmsd_bond.bond_target_value         1.229 
_pdbx_validate_rmsd_bond.bond_deviation            0.275 
_pdbx_validate_rmsd_bond.bond_standard_deviation   0.019 
_pdbx_validate_rmsd_bond.linker_flag               N 
# 
loop_
_pdbx_validate_rmsd_angle.id 
_pdbx_validate_rmsd_angle.PDB_model_num 
_pdbx_validate_rmsd_angle.auth_atom_id_1 
_pdbx_validate_rmsd_angle.auth_asym_id_1 
_pdbx_validate_rmsd_angle.auth_comp_id_1 
_pdbx_validate_rmsd_angle.auth_seq_id_1 
_pdbx_validate_rmsd_angle.PDB_ins_code_1 
_pdbx_validate_rmsd_angle.label_alt_id_1 
_pdbx_validate_rmsd_angle.auth_atom_id_2 
_pdbx_validate_rmsd_angle.auth_asym_id_2 
_pdbx_validate_rmsd_angle.auth_comp_id_2 
_pdbx_validate_rmsd_angle.auth_seq_id_2 
_pdbx_validate_rmsd_angle.PDB_ins_code_2 
_pdbx_validate_rmsd_angle.label_alt_id_2 
_pdbx_validate_rmsd_angle.auth_atom_id_3 
_pdbx_validate_rmsd_angle.auth_asym_id_3 
_pdbx_validate_rmsd_angle.auth_comp_id_3 
_pdbx_validate_rmsd_angle.auth_seq_id_3 
_pdbx_validate_rmsd_angle.PDB_ins_code_3 
_pdbx_validate_rmsd_angle.label_alt_id_3 
_pdbx_validate_rmsd_angle.angle_value 
_pdbx_validate_rmsd_angle.angle_target_value 
_pdbx_validate_rmsd_angle.angle_deviation 
_pdbx_validate_rmsd_angle.angle_standard_deviation 
_pdbx_validate_rmsd_angle.linker_flag 
1  1 CA B LEU 15  ? ? CB B LEU 15  ? ? CG  B LEU 15  ? ? 129.95 115.30 14.65  2.30 N 
2  1 CA B LEU 35  ? ? CB B LEU 35  ? ? CG  B LEU 35  ? ? 130.03 115.30 14.73  2.30 N 
3  1 CA B LEU 43  ? ? CB B LEU 43  ? ? CG  B LEU 43  ? ? 129.74 115.30 14.44  2.30 N 
4  1 N  B LEU 43  ? ? CA B LEU 43  ? ? C   B LEU 43  ? ? 136.47 111.00 25.47  2.70 N 
5  1 CB B ASP 52  ? ? CG B ASP 52  ? ? OD1 B ASP 52  ? ? 123.79 118.30 5.49   0.90 N 
6  1 N  B ILE 66  ? ? CA B ILE 66  ? ? C   B ILE 66  ? ? 86.62  111.00 -24.38 2.70 N 
7  1 N  B ARG 67  ? ? CA B ARG 67  ? ? C   B ARG 67  ? ? 129.85 111.00 18.85  2.70 N 
8  1 N  B LYS 100 ? ? CA B LYS 100 ? ? C   B LYS 100 ? ? 128.64 111.00 17.64  2.70 N 
9  1 N  B SER 115 ? ? CA B SER 115 ? ? C   B SER 115 ? ? 90.32  111.00 -20.68 2.70 N 
10 1 N  B GLY 117 ? ? CA B GLY 117 ? ? C   B GLY 117 ? ? 91.75  113.10 -21.35 2.50 N 
11 1 N  B HIS 133 ? ? CA B HIS 133 ? ? C   B HIS 133 ? ? 90.18  111.00 -20.82 2.70 N 
12 1 N  B THR 151 ? ? CA B THR 151 ? ? C   B THR 151 ? ? 79.18  111.00 -31.82 2.70 N 
# 
loop_
_pdbx_validate_torsion.id 
_pdbx_validate_torsion.PDB_model_num 
_pdbx_validate_torsion.auth_comp_id 
_pdbx_validate_torsion.auth_asym_id 
_pdbx_validate_torsion.auth_seq_id 
_pdbx_validate_torsion.PDB_ins_code 
_pdbx_validate_torsion.label_alt_id 
_pdbx_validate_torsion.phi 
_pdbx_validate_torsion.psi 
1  1 SER B 26  ? ? 49.17   -127.55 
2  1 ARG B 41  ? ? 62.99   -150.61 
3  1 ASN B 42  ? ? -119.03 -151.57 
4  1 PRO B 61  ? ? -48.99  152.30  
5  1 ASP B 102 ? ? -165.72 -159.56 
6  1 HIS B 118 ? ? 62.65   -129.16 
7  1 TYR B 129 ? ? -161.42 -167.39 
8  1 GLU B 131 ? ? 100.75  152.67  
9  1 TYR B 140 ? ? -163.14 -162.06 
10 1 LYS B 141 ? ? -45.86  150.61  
11 1 SER B 149 ? ? -140.28 11.14   
12 1 ASN B 160 ? ? 82.48   8.16    
13 1 LEU B 174 ? ? 80.44   97.88   
# 
loop_
_pdbx_validate_peptide_omega.id 
_pdbx_validate_peptide_omega.PDB_model_num 
_pdbx_validate_peptide_omega.auth_comp_id_1 
_pdbx_validate_peptide_omega.auth_asym_id_1 
_pdbx_validate_peptide_omega.auth_seq_id_1 
_pdbx_validate_peptide_omega.PDB_ins_code_1 
_pdbx_validate_peptide_omega.label_alt_id_1 
_pdbx_validate_peptide_omega.auth_comp_id_2 
_pdbx_validate_peptide_omega.auth_asym_id_2 
_pdbx_validate_peptide_omega.auth_seq_id_2 
_pdbx_validate_peptide_omega.PDB_ins_code_2 
_pdbx_validate_peptide_omega.label_alt_id_2 
_pdbx_validate_peptide_omega.omega 
1 1 ASN B 44  ? ? CYS B 45  ? ? -146.96 
2 1 LYS B 100 ? ? GLY B 101 ? ? 148.97  
# 
loop_
_pdbx_struct_special_symmetry.id 
_pdbx_struct_special_symmetry.PDB_model_num 
_pdbx_struct_special_symmetry.auth_asym_id 
_pdbx_struct_special_symmetry.auth_comp_id 
_pdbx_struct_special_symmetry.auth_seq_id 
_pdbx_struct_special_symmetry.PDB_ins_code 
_pdbx_struct_special_symmetry.label_asym_id 
_pdbx_struct_special_symmetry.label_comp_id 
_pdbx_struct_special_symmetry.label_seq_id 
1 1 B HOH 270 ? B HOH . 
2 1 B HOH 314 ? B HOH . 
# 
loop_
_chem_comp_atom.comp_id 
_chem_comp_atom.atom_id 
_chem_comp_atom.type_symbol 
_chem_comp_atom.pdbx_aromatic_flag 
_chem_comp_atom.pdbx_stereo_config 
_chem_comp_atom.pdbx_ordinal 
ALA N    N N N 1   
ALA CA   C N S 2   
ALA C    C N N 3   
ALA O    O N N 4   
ALA CB   C N N 5   
ALA OXT  O N N 6   
ALA H    H N N 7   
ALA H2   H N N 8   
ALA HA   H N N 9   
ALA HB1  H N N 10  
ALA HB2  H N N 11  
ALA HB3  H N N 12  
ALA HXT  H N N 13  
ARG N    N N N 14  
ARG CA   C N S 15  
ARG C    C N N 16  
ARG O    O N N 17  
ARG CB   C N N 18  
ARG CG   C N N 19  
ARG CD   C N N 20  
ARG NE   N N N 21  
ARG CZ   C N N 22  
ARG NH1  N N N 23  
ARG NH2  N N N 24  
ARG OXT  O N N 25  
ARG H    H N N 26  
ARG H2   H N N 27  
ARG HA   H N N 28  
ARG HB2  H N N 29  
ARG HB3  H N N 30  
ARG HG2  H N N 31  
ARG HG3  H N N 32  
ARG HD2  H N N 33  
ARG HD3  H N N 34  
ARG HE   H N N 35  
ARG HH11 H N N 36  
ARG HH12 H N N 37  
ARG HH21 H N N 38  
ARG HH22 H N N 39  
ARG HXT  H N N 40  
ASN N    N N N 41  
ASN CA   C N S 42  
ASN C    C N N 43  
ASN O    O N N 44  
ASN CB   C N N 45  
ASN CG   C N N 46  
ASN OD1  O N N 47  
ASN ND2  N N N 48  
ASN OXT  O N N 49  
ASN H    H N N 50  
ASN H2   H N N 51  
ASN HA   H N N 52  
ASN HB2  H N N 53  
ASN HB3  H N N 54  
ASN HD21 H N N 55  
ASN HD22 H N N 56  
ASN HXT  H N N 57  
ASP N    N N N 58  
ASP CA   C N S 59  
ASP C    C N N 60  
ASP O    O N N 61  
ASP CB   C N N 62  
ASP CG   C N N 63  
ASP OD1  O N N 64  
ASP OD2  O N N 65  
ASP OXT  O N N 66  
ASP H    H N N 67  
ASP H2   H N N 68  
ASP HA   H N N 69  
ASP HB2  H N N 70  
ASP HB3  H N N 71  
ASP HD2  H N N 72  
ASP HXT  H N N 73  
CYS N    N N N 74  
CYS CA   C N R 75  
CYS C    C N N 76  
CYS O    O N N 77  
CYS CB   C N N 78  
CYS SG   S N N 79  
CYS OXT  O N N 80  
CYS H    H N N 81  
CYS H2   H N N 82  
CYS HA   H N N 83  
CYS HB2  H N N 84  
CYS HB3  H N N 85  
CYS HG   H N N 86  
CYS HXT  H N N 87  
GLN N    N N N 88  
GLN CA   C N S 89  
GLN C    C N N 90  
GLN O    O N N 91  
GLN CB   C N N 92  
GLN CG   C N N 93  
GLN CD   C N N 94  
GLN OE1  O N N 95  
GLN NE2  N N N 96  
GLN OXT  O N N 97  
GLN H    H N N 98  
GLN H2   H N N 99  
GLN HA   H N N 100 
GLN HB2  H N N 101 
GLN HB3  H N N 102 
GLN HG2  H N N 103 
GLN HG3  H N N 104 
GLN HE21 H N N 105 
GLN HE22 H N N 106 
GLN HXT  H N N 107 
GLU N    N N N 108 
GLU CA   C N S 109 
GLU C    C N N 110 
GLU O    O N N 111 
GLU CB   C N N 112 
GLU CG   C N N 113 
GLU CD   C N N 114 
GLU OE1  O N N 115 
GLU OE2  O N N 116 
GLU OXT  O N N 117 
GLU H    H N N 118 
GLU H2   H N N 119 
GLU HA   H N N 120 
GLU HB2  H N N 121 
GLU HB3  H N N 122 
GLU HG2  H N N 123 
GLU HG3  H N N 124 
GLU HE2  H N N 125 
GLU HXT  H N N 126 
GLY N    N N N 127 
GLY CA   C N N 128 
GLY C    C N N 129 
GLY O    O N N 130 
GLY OXT  O N N 131 
GLY H    H N N 132 
GLY H2   H N N 133 
GLY HA2  H N N 134 
GLY HA3  H N N 135 
GLY HXT  H N N 136 
HIS N    N N N 137 
HIS CA   C N S 138 
HIS C    C N N 139 
HIS O    O N N 140 
HIS CB   C N N 141 
HIS CG   C Y N 142 
HIS ND1  N Y N 143 
HIS CD2  C Y N 144 
HIS CE1  C Y N 145 
HIS NE2  N Y N 146 
HIS OXT  O N N 147 
HIS H    H N N 148 
HIS H2   H N N 149 
HIS HA   H N N 150 
HIS HB2  H N N 151 
HIS HB3  H N N 152 
HIS HD1  H N N 153 
HIS HD2  H N N 154 
HIS HE1  H N N 155 
HIS HE2  H N N 156 
HIS HXT  H N N 157 
HOH O    O N N 158 
HOH H1   H N N 159 
HOH H2   H N N 160 
ILE N    N N N 161 
ILE CA   C N S 162 
ILE C    C N N 163 
ILE O    O N N 164 
ILE CB   C N S 165 
ILE CG1  C N N 166 
ILE CG2  C N N 167 
ILE CD1  C N N 168 
ILE OXT  O N N 169 
ILE H    H N N 170 
ILE H2   H N N 171 
ILE HA   H N N 172 
ILE HB   H N N 173 
ILE HG12 H N N 174 
ILE HG13 H N N 175 
ILE HG21 H N N 176 
ILE HG22 H N N 177 
ILE HG23 H N N 178 
ILE HD11 H N N 179 
ILE HD12 H N N 180 
ILE HD13 H N N 181 
ILE HXT  H N N 182 
LEU N    N N N 183 
LEU CA   C N S 184 
LEU C    C N N 185 
LEU O    O N N 186 
LEU CB   C N N 187 
LEU CG   C N N 188 
LEU CD1  C N N 189 
LEU CD2  C N N 190 
LEU OXT  O N N 191 
LEU H    H N N 192 
LEU H2   H N N 193 
LEU HA   H N N 194 
LEU HB2  H N N 195 
LEU HB3  H N N 196 
LEU HG   H N N 197 
LEU HD11 H N N 198 
LEU HD12 H N N 199 
LEU HD13 H N N 200 
LEU HD21 H N N 201 
LEU HD22 H N N 202 
LEU HD23 H N N 203 
LEU HXT  H N N 204 
LYS N    N N N 205 
LYS CA   C N S 206 
LYS C    C N N 207 
LYS O    O N N 208 
LYS CB   C N N 209 
LYS CG   C N N 210 
LYS CD   C N N 211 
LYS CE   C N N 212 
LYS NZ   N N N 213 
LYS OXT  O N N 214 
LYS H    H N N 215 
LYS H2   H N N 216 
LYS HA   H N N 217 
LYS HB2  H N N 218 
LYS HB3  H N N 219 
LYS HG2  H N N 220 
LYS HG3  H N N 221 
LYS HD2  H N N 222 
LYS HD3  H N N 223 
LYS HE2  H N N 224 
LYS HE3  H N N 225 
LYS HZ1  H N N 226 
LYS HZ2  H N N 227 
LYS HZ3  H N N 228 
LYS HXT  H N N 229 
MET N    N N N 230 
MET CA   C N S 231 
MET C    C N N 232 
MET O    O N N 233 
MET CB   C N N 234 
MET CG   C N N 235 
MET SD   S N N 236 
MET CE   C N N 237 
MET OXT  O N N 238 
MET H    H N N 239 
MET H2   H N N 240 
MET HA   H N N 241 
MET HB2  H N N 242 
MET HB3  H N N 243 
MET HG2  H N N 244 
MET HG3  H N N 245 
MET HE1  H N N 246 
MET HE2  H N N 247 
MET HE3  H N N 248 
MET HXT  H N N 249 
PHE N    N N N 250 
PHE CA   C N S 251 
PHE C    C N N 252 
PHE O    O N N 253 
PHE CB   C N N 254 
PHE CG   C Y N 255 
PHE CD1  C Y N 256 
PHE CD2  C Y N 257 
PHE CE1  C Y N 258 
PHE CE2  C Y N 259 
PHE CZ   C Y N 260 
PHE OXT  O N N 261 
PHE H    H N N 262 
PHE H2   H N N 263 
PHE HA   H N N 264 
PHE HB2  H N N 265 
PHE HB3  H N N 266 
PHE HD1  H N N 267 
PHE HD2  H N N 268 
PHE HE1  H N N 269 
PHE HE2  H N N 270 
PHE HZ   H N N 271 
PHE HXT  H N N 272 
PRO N    N N N 273 
PRO CA   C N S 274 
PRO C    C N N 275 
PRO O    O N N 276 
PRO CB   C N N 277 
PRO CG   C N N 278 
PRO CD   C N N 279 
PRO OXT  O N N 280 
PRO H    H N N 281 
PRO HA   H N N 282 
PRO HB2  H N N 283 
PRO HB3  H N N 284 
PRO HG2  H N N 285 
PRO HG3  H N N 286 
PRO HD2  H N N 287 
PRO HD3  H N N 288 
PRO HXT  H N N 289 
SER N    N N N 290 
SER CA   C N S 291 
SER C    C N N 292 
SER O    O N N 293 
SER CB   C N N 294 
SER OG   O N N 295 
SER OXT  O N N 296 
SER H    H N N 297 
SER H2   H N N 298 
SER HA   H N N 299 
SER HB2  H N N 300 
SER HB3  H N N 301 
SER HG   H N N 302 
SER HXT  H N N 303 
THR N    N N N 304 
THR CA   C N S 305 
THR C    C N N 306 
THR O    O N N 307 
THR CB   C N R 308 
THR OG1  O N N 309 
THR CG2  C N N 310 
THR OXT  O N N 311 
THR H    H N N 312 
THR H2   H N N 313 
THR HA   H N N 314 
THR HB   H N N 315 
THR HG1  H N N 316 
THR HG21 H N N 317 
THR HG22 H N N 318 
THR HG23 H N N 319 
THR HXT  H N N 320 
TRP N    N N N 321 
TRP CA   C N S 322 
TRP C    C N N 323 
TRP O    O N N 324 
TRP CB   C N N 325 
TRP CG   C Y N 326 
TRP CD1  C Y N 327 
TRP CD2  C Y N 328 
TRP NE1  N Y N 329 
TRP CE2  C Y N 330 
TRP CE3  C Y N 331 
TRP CZ2  C Y N 332 
TRP CZ3  C Y N 333 
TRP CH2  C Y N 334 
TRP OXT  O N N 335 
TRP H    H N N 336 
TRP H2   H N N 337 
TRP HA   H N N 338 
TRP HB2  H N N 339 
TRP HB3  H N N 340 
TRP HD1  H N N 341 
TRP HE1  H N N 342 
TRP HE3  H N N 343 
TRP HZ2  H N N 344 
TRP HZ3  H N N 345 
TRP HH2  H N N 346 
TRP HXT  H N N 347 
TYR N    N N N 348 
TYR CA   C N S 349 
TYR C    C N N 350 
TYR O    O N N 351 
TYR CB   C N N 352 
TYR CG   C Y N 353 
TYR CD1  C Y N 354 
TYR CD2  C Y N 355 
TYR CE1  C Y N 356 
TYR CE2  C Y N 357 
TYR CZ   C Y N 358 
TYR OH   O N N 359 
TYR OXT  O N N 360 
TYR H    H N N 361 
TYR H2   H N N 362 
TYR HA   H N N 363 
TYR HB2  H N N 364 
TYR HB3  H N N 365 
TYR HD1  H N N 366 
TYR HD2  H N N 367 
TYR HE1  H N N 368 
TYR HE2  H N N 369 
TYR HH   H N N 370 
TYR HXT  H N N 371 
VAL N    N N N 372 
VAL CA   C N S 373 
VAL C    C N N 374 
VAL O    O N N 375 
VAL CB   C N N 376 
VAL CG1  C N N 377 
VAL CG2  C N N 378 
VAL OXT  O N N 379 
VAL H    H N N 380 
VAL H2   H N N 381 
VAL HA   H N N 382 
VAL HB   H N N 383 
VAL HG11 H N N 384 
VAL HG12 H N N 385 
VAL HG13 H N N 386 
VAL HG21 H N N 387 
VAL HG22 H N N 388 
VAL HG23 H N N 389 
VAL HXT  H N N 390 
# 
loop_
_chem_comp_bond.comp_id 
_chem_comp_bond.atom_id_1 
_chem_comp_bond.atom_id_2 
_chem_comp_bond.value_order 
_chem_comp_bond.pdbx_aromatic_flag 
_chem_comp_bond.pdbx_stereo_config 
_chem_comp_bond.pdbx_ordinal 
ALA N   CA   sing N N 1   
ALA N   H    sing N N 2   
ALA N   H2   sing N N 3   
ALA CA  C    sing N N 4   
ALA CA  CB   sing N N 5   
ALA CA  HA   sing N N 6   
ALA C   O    doub N N 7   
ALA C   OXT  sing N N 8   
ALA CB  HB1  sing N N 9   
ALA CB  HB2  sing N N 10  
ALA CB  HB3  sing N N 11  
ALA OXT HXT  sing N N 12  
ARG N   CA   sing N N 13  
ARG N   H    sing N N 14  
ARG N   H2   sing N N 15  
ARG CA  C    sing N N 16  
ARG CA  CB   sing N N 17  
ARG CA  HA   sing N N 18  
ARG C   O    doub N N 19  
ARG C   OXT  sing N N 20  
ARG CB  CG   sing N N 21  
ARG CB  HB2  sing N N 22  
ARG CB  HB3  sing N N 23  
ARG CG  CD   sing N N 24  
ARG CG  HG2  sing N N 25  
ARG CG  HG3  sing N N 26  
ARG CD  NE   sing N N 27  
ARG CD  HD2  sing N N 28  
ARG CD  HD3  sing N N 29  
ARG NE  CZ   sing N N 30  
ARG NE  HE   sing N N 31  
ARG CZ  NH1  sing N N 32  
ARG CZ  NH2  doub N N 33  
ARG NH1 HH11 sing N N 34  
ARG NH1 HH12 sing N N 35  
ARG NH2 HH21 sing N N 36  
ARG NH2 HH22 sing N N 37  
ARG OXT HXT  sing N N 38  
ASN N   CA   sing N N 39  
ASN N   H    sing N N 40  
ASN N   H2   sing N N 41  
ASN CA  C    sing N N 42  
ASN CA  CB   sing N N 43  
ASN CA  HA   sing N N 44  
ASN C   O    doub N N 45  
ASN C   OXT  sing N N 46  
ASN CB  CG   sing N N 47  
ASN CB  HB2  sing N N 48  
ASN CB  HB3  sing N N 49  
ASN CG  OD1  doub N N 50  
ASN CG  ND2  sing N N 51  
ASN ND2 HD21 sing N N 52  
ASN ND2 HD22 sing N N 53  
ASN OXT HXT  sing N N 54  
ASP N   CA   sing N N 55  
ASP N   H    sing N N 56  
ASP N   H2   sing N N 57  
ASP CA  C    sing N N 58  
ASP CA  CB   sing N N 59  
ASP CA  HA   sing N N 60  
ASP C   O    doub N N 61  
ASP C   OXT  sing N N 62  
ASP CB  CG   sing N N 63  
ASP CB  HB2  sing N N 64  
ASP CB  HB3  sing N N 65  
ASP CG  OD1  doub N N 66  
ASP CG  OD2  sing N N 67  
ASP OD2 HD2  sing N N 68  
ASP OXT HXT  sing N N 69  
CYS N   CA   sing N N 70  
CYS N   H    sing N N 71  
CYS N   H2   sing N N 72  
CYS CA  C    sing N N 73  
CYS CA  CB   sing N N 74  
CYS CA  HA   sing N N 75  
CYS C   O    doub N N 76  
CYS C   OXT  sing N N 77  
CYS CB  SG   sing N N 78  
CYS CB  HB2  sing N N 79  
CYS CB  HB3  sing N N 80  
CYS SG  HG   sing N N 81  
CYS OXT HXT  sing N N 82  
GLN N   CA   sing N N 83  
GLN N   H    sing N N 84  
GLN N   H2   sing N N 85  
GLN CA  C    sing N N 86  
GLN CA  CB   sing N N 87  
GLN CA  HA   sing N N 88  
GLN C   O    doub N N 89  
GLN C   OXT  sing N N 90  
GLN CB  CG   sing N N 91  
GLN CB  HB2  sing N N 92  
GLN CB  HB3  sing N N 93  
GLN CG  CD   sing N N 94  
GLN CG  HG2  sing N N 95  
GLN CG  HG3  sing N N 96  
GLN CD  OE1  doub N N 97  
GLN CD  NE2  sing N N 98  
GLN NE2 HE21 sing N N 99  
GLN NE2 HE22 sing N N 100 
GLN OXT HXT  sing N N 101 
GLU N   CA   sing N N 102 
GLU N   H    sing N N 103 
GLU N   H2   sing N N 104 
GLU CA  C    sing N N 105 
GLU CA  CB   sing N N 106 
GLU CA  HA   sing N N 107 
GLU C   O    doub N N 108 
GLU C   OXT  sing N N 109 
GLU CB  CG   sing N N 110 
GLU CB  HB2  sing N N 111 
GLU CB  HB3  sing N N 112 
GLU CG  CD   sing N N 113 
GLU CG  HG2  sing N N 114 
GLU CG  HG3  sing N N 115 
GLU CD  OE1  doub N N 116 
GLU CD  OE2  sing N N 117 
GLU OE2 HE2  sing N N 118 
GLU OXT HXT  sing N N 119 
GLY N   CA   sing N N 120 
GLY N   H    sing N N 121 
GLY N   H2   sing N N 122 
GLY CA  C    sing N N 123 
GLY CA  HA2  sing N N 124 
GLY CA  HA3  sing N N 125 
GLY C   O    doub N N 126 
GLY C   OXT  sing N N 127 
GLY OXT HXT  sing N N 128 
HIS N   CA   sing N N 129 
HIS N   H    sing N N 130 
HIS N   H2   sing N N 131 
HIS CA  C    sing N N 132 
HIS CA  CB   sing N N 133 
HIS CA  HA   sing N N 134 
HIS C   O    doub N N 135 
HIS C   OXT  sing N N 136 
HIS CB  CG   sing N N 137 
HIS CB  HB2  sing N N 138 
HIS CB  HB3  sing N N 139 
HIS CG  ND1  sing Y N 140 
HIS CG  CD2  doub Y N 141 
HIS ND1 CE1  doub Y N 142 
HIS ND1 HD1  sing N N 143 
HIS CD2 NE2  sing Y N 144 
HIS CD2 HD2  sing N N 145 
HIS CE1 NE2  sing Y N 146 
HIS CE1 HE1  sing N N 147 
HIS NE2 HE2  sing N N 148 
HIS OXT HXT  sing N N 149 
HOH O   H1   sing N N 150 
HOH O   H2   sing N N 151 
ILE N   CA   sing N N 152 
ILE N   H    sing N N 153 
ILE N   H2   sing N N 154 
ILE CA  C    sing N N 155 
ILE CA  CB   sing N N 156 
ILE CA  HA   sing N N 157 
ILE C   O    doub N N 158 
ILE C   OXT  sing N N 159 
ILE CB  CG1  sing N N 160 
ILE CB  CG2  sing N N 161 
ILE CB  HB   sing N N 162 
ILE CG1 CD1  sing N N 163 
ILE CG1 HG12 sing N N 164 
ILE CG1 HG13 sing N N 165 
ILE CG2 HG21 sing N N 166 
ILE CG2 HG22 sing N N 167 
ILE CG2 HG23 sing N N 168 
ILE CD1 HD11 sing N N 169 
ILE CD1 HD12 sing N N 170 
ILE CD1 HD13 sing N N 171 
ILE OXT HXT  sing N N 172 
LEU N   CA   sing N N 173 
LEU N   H    sing N N 174 
LEU N   H2   sing N N 175 
LEU CA  C    sing N N 176 
LEU CA  CB   sing N N 177 
LEU CA  HA   sing N N 178 
LEU C   O    doub N N 179 
LEU C   OXT  sing N N 180 
LEU CB  CG   sing N N 181 
LEU CB  HB2  sing N N 182 
LEU CB  HB3  sing N N 183 
LEU CG  CD1  sing N N 184 
LEU CG  CD2  sing N N 185 
LEU CG  HG   sing N N 186 
LEU CD1 HD11 sing N N 187 
LEU CD1 HD12 sing N N 188 
LEU CD1 HD13 sing N N 189 
LEU CD2 HD21 sing N N 190 
LEU CD2 HD22 sing N N 191 
LEU CD2 HD23 sing N N 192 
LEU OXT HXT  sing N N 193 
LYS N   CA   sing N N 194 
LYS N   H    sing N N 195 
LYS N   H2   sing N N 196 
LYS CA  C    sing N N 197 
LYS CA  CB   sing N N 198 
LYS CA  HA   sing N N 199 
LYS C   O    doub N N 200 
LYS C   OXT  sing N N 201 
LYS CB  CG   sing N N 202 
LYS CB  HB2  sing N N 203 
LYS CB  HB3  sing N N 204 
LYS CG  CD   sing N N 205 
LYS CG  HG2  sing N N 206 
LYS CG  HG3  sing N N 207 
LYS CD  CE   sing N N 208 
LYS CD  HD2  sing N N 209 
LYS CD  HD3  sing N N 210 
LYS CE  NZ   sing N N 211 
LYS CE  HE2  sing N N 212 
LYS CE  HE3  sing N N 213 
LYS NZ  HZ1  sing N N 214 
LYS NZ  HZ2  sing N N 215 
LYS NZ  HZ3  sing N N 216 
LYS OXT HXT  sing N N 217 
MET N   CA   sing N N 218 
MET N   H    sing N N 219 
MET N   H2   sing N N 220 
MET CA  C    sing N N 221 
MET CA  CB   sing N N 222 
MET CA  HA   sing N N 223 
MET C   O    doub N N 224 
MET C   OXT  sing N N 225 
MET CB  CG   sing N N 226 
MET CB  HB2  sing N N 227 
MET CB  HB3  sing N N 228 
MET CG  SD   sing N N 229 
MET CG  HG2  sing N N 230 
MET CG  HG3  sing N N 231 
MET SD  CE   sing N N 232 
MET CE  HE1  sing N N 233 
MET CE  HE2  sing N N 234 
MET CE  HE3  sing N N 235 
MET OXT HXT  sing N N 236 
PHE N   CA   sing N N 237 
PHE N   H    sing N N 238 
PHE N   H2   sing N N 239 
PHE CA  C    sing N N 240 
PHE CA  CB   sing N N 241 
PHE CA  HA   sing N N 242 
PHE C   O    doub N N 243 
PHE C   OXT  sing N N 244 
PHE CB  CG   sing N N 245 
PHE CB  HB2  sing N N 246 
PHE CB  HB3  sing N N 247 
PHE CG  CD1  doub Y N 248 
PHE CG  CD2  sing Y N 249 
PHE CD1 CE1  sing Y N 250 
PHE CD1 HD1  sing N N 251 
PHE CD2 CE2  doub Y N 252 
PHE CD2 HD2  sing N N 253 
PHE CE1 CZ   doub Y N 254 
PHE CE1 HE1  sing N N 255 
PHE CE2 CZ   sing Y N 256 
PHE CE2 HE2  sing N N 257 
PHE CZ  HZ   sing N N 258 
PHE OXT HXT  sing N N 259 
PRO N   CA   sing N N 260 
PRO N   CD   sing N N 261 
PRO N   H    sing N N 262 
PRO CA  C    sing N N 263 
PRO CA  CB   sing N N 264 
PRO CA  HA   sing N N 265 
PRO C   O    doub N N 266 
PRO C   OXT  sing N N 267 
PRO CB  CG   sing N N 268 
PRO CB  HB2  sing N N 269 
PRO CB  HB3  sing N N 270 
PRO CG  CD   sing N N 271 
PRO CG  HG2  sing N N 272 
PRO CG  HG3  sing N N 273 
PRO CD  HD2  sing N N 274 
PRO CD  HD3  sing N N 275 
PRO OXT HXT  sing N N 276 
SER N   CA   sing N N 277 
SER N   H    sing N N 278 
SER N   H2   sing N N 279 
SER CA  C    sing N N 280 
SER CA  CB   sing N N 281 
SER CA  HA   sing N N 282 
SER C   O    doub N N 283 
SER C   OXT  sing N N 284 
SER CB  OG   sing N N 285 
SER CB  HB2  sing N N 286 
SER CB  HB3  sing N N 287 
SER OG  HG   sing N N 288 
SER OXT HXT  sing N N 289 
THR N   CA   sing N N 290 
THR N   H    sing N N 291 
THR N   H2   sing N N 292 
THR CA  C    sing N N 293 
THR CA  CB   sing N N 294 
THR CA  HA   sing N N 295 
THR C   O    doub N N 296 
THR C   OXT  sing N N 297 
THR CB  OG1  sing N N 298 
THR CB  CG2  sing N N 299 
THR CB  HB   sing N N 300 
THR OG1 HG1  sing N N 301 
THR CG2 HG21 sing N N 302 
THR CG2 HG22 sing N N 303 
THR CG2 HG23 sing N N 304 
THR OXT HXT  sing N N 305 
TRP N   CA   sing N N 306 
TRP N   H    sing N N 307 
TRP N   H2   sing N N 308 
TRP CA  C    sing N N 309 
TRP CA  CB   sing N N 310 
TRP CA  HA   sing N N 311 
TRP C   O    doub N N 312 
TRP C   OXT  sing N N 313 
TRP CB  CG   sing N N 314 
TRP CB  HB2  sing N N 315 
TRP CB  HB3  sing N N 316 
TRP CG  CD1  doub Y N 317 
TRP CG  CD2  sing Y N 318 
TRP CD1 NE1  sing Y N 319 
TRP CD1 HD1  sing N N 320 
TRP CD2 CE2  doub Y N 321 
TRP CD2 CE3  sing Y N 322 
TRP NE1 CE2  sing Y N 323 
TRP NE1 HE1  sing N N 324 
TRP CE2 CZ2  sing Y N 325 
TRP CE3 CZ3  doub Y N 326 
TRP CE3 HE3  sing N N 327 
TRP CZ2 CH2  doub Y N 328 
TRP CZ2 HZ2  sing N N 329 
TRP CZ3 CH2  sing Y N 330 
TRP CZ3 HZ3  sing N N 331 
TRP CH2 HH2  sing N N 332 
TRP OXT HXT  sing N N 333 
TYR N   CA   sing N N 334 
TYR N   H    sing N N 335 
TYR N   H2   sing N N 336 
TYR CA  C    sing N N 337 
TYR CA  CB   sing N N 338 
TYR CA  HA   sing N N 339 
TYR C   O    doub N N 340 
TYR C   OXT  sing N N 341 
TYR CB  CG   sing N N 342 
TYR CB  HB2  sing N N 343 
TYR CB  HB3  sing N N 344 
TYR CG  CD1  doub Y N 345 
TYR CG  CD2  sing Y N 346 
TYR CD1 CE1  sing Y N 347 
TYR CD1 HD1  sing N N 348 
TYR CD2 CE2  doub Y N 349 
TYR CD2 HD2  sing N N 350 
TYR CE1 CZ   doub Y N 351 
TYR CE1 HE1  sing N N 352 
TYR CE2 CZ   sing Y N 353 
TYR CE2 HE2  sing N N 354 
TYR CZ  OH   sing N N 355 
TYR OH  HH   sing N N 356 
TYR OXT HXT  sing N N 357 
VAL N   CA   sing N N 358 
VAL N   H    sing N N 359 
VAL N   H2   sing N N 360 
VAL CA  C    sing N N 361 
VAL CA  CB   sing N N 362 
VAL CA  HA   sing N N 363 
VAL C   O    doub N N 364 
VAL C   OXT  sing N N 365 
VAL CB  CG1  sing N N 366 
VAL CB  CG2  sing N N 367 
VAL CB  HB   sing N N 368 
VAL CG1 HG11 sing N N 369 
VAL CG1 HG12 sing N N 370 
VAL CG1 HG13 sing N N 371 
VAL CG2 HG21 sing N N 372 
VAL CG2 HG22 sing N N 373 
VAL CG2 HG23 sing N N 374 
VAL OXT HXT  sing N N 375 
# 
_pdbx_initial_refinement_model.id               1 
_pdbx_initial_refinement_model.entity_id_list   ? 
_pdbx_initial_refinement_model.type             'experimental model' 
_pdbx_initial_refinement_model.source_name      PDB 
_pdbx_initial_refinement_model.accession_code   1R8N 
_pdbx_initial_refinement_model.details          ? 
# 
_atom_sites.entry_id                    5DSS 
_atom_sites.fract_transf_matrix[1][1]   -0.00085254 
_atom_sites.fract_transf_matrix[1][2]   0.01300851 
_atom_sites.fract_transf_matrix[1][3]   0.01464669 
_atom_sites.fract_transf_matrix[2][1]   -0.00187474 
_atom_sites.fract_transf_matrix[2][2]   -0.01077047 
_atom_sites.fract_transf_matrix[2][3]   0.00945671 
_atom_sites.fract_transf_matrix[3][1]   0.02185759 
_atom_sites.fract_transf_matrix[3][2]   -0.00150999 
_atom_sites.fract_transf_matrix[3][3]   0.00261338 
_atom_sites.fract_transf_vector[1]      0.203835 
_atom_sites.fract_transf_vector[2]      -0.192731 
_atom_sites.fract_transf_vector[3]      -0.249958 
# 
loop_
_atom_type.symbol 
C 
N 
O 
S 
# 
loop_
_atom_site.group_PDB 
_atom_site.id 
_atom_site.type_symbol 
_atom_site.label_atom_id 
_atom_site.label_alt_id 
_atom_site.label_comp_id 
_atom_site.label_asym_id 
_atom_site.label_entity_id 
_atom_site.label_seq_id 
_atom_site.pdbx_PDB_ins_code 
_atom_site.Cartn_x 
_atom_site.Cartn_y 
_atom_site.Cartn_z 
_atom_site.occupancy 
_atom_site.B_iso_or_equiv 
_atom_site.pdbx_formal_charge 
_atom_site.auth_seq_id 
_atom_site.auth_comp_id 
_atom_site.auth_asym_id 
_atom_site.auth_atom_id 
_atom_site.pdbx_PDB_model_num 
ATOM   1    N N   . LYS A 1 1   ? 15.901  3.530   17.710  1.00 26.85 ? 1   LYS B N   1 
ATOM   2    C CA  . LYS A 1 1   ? 15.812  2.396   18.679  1.00 25.86 ? 1   LYS B CA  1 
ATOM   3    C C   . LYS A 1 1   ? 16.983  1.429   18.544  1.00 24.76 ? 1   LYS B C   1 
ATOM   4    O O   . LYS A 1 1   ? 17.947  1.498   19.304  1.00 24.32 ? 1   LYS B O   1 
ATOM   5    C CB  . LYS A 1 1   ? 14.452  1.692   18.572  1.00 25.52 ? 1   LYS B CB  1 
ATOM   6    C CG  . LYS A 1 1   ? 13.287  2.685   18.537  1.00 26.78 ? 1   LYS B CG  1 
ATOM   7    C CD  . LYS A 1 1   ? 12.146  2.252   19.444  1.00 27.24 ? 1   LYS B CD  1 
ATOM   8    C CE  . LYS A 1 1   ? 11.461  3.443   20.117  1.00 26.43 ? 1   LYS B CE  1 
ATOM   9    N NZ  . LYS A 1 1   ? 10.393  2.960   21.046  1.00 27.48 ? 1   LYS B NZ  1 
ATOM   10   N N   . ASN A 1 2   ? 16.920  0.564   17.549  1.00 24.60 ? 2   ASN B N   1 
ATOM   11   C CA  . ASN A 1 2   ? 17.957  -0.442  17.398  1.00 24.06 ? 2   ASN B CA  1 
ATOM   12   C C   . ASN A 1 2   ? 18.637  -0.589  16.008  1.00 24.33 ? 2   ASN B C   1 
ATOM   13   O O   . ASN A 1 2   ? 19.299  -1.596  15.790  1.00 24.57 ? 2   ASN B O   1 
ATOM   14   C CB  . ASN A 1 2   ? 17.448  -1.795  17.983  1.00 21.73 ? 2   ASN B CB  1 
ATOM   15   C CG  . ASN A 1 2   ? 18.574  -2.726  18.462  1.00 20.45 ? 2   ASN B CG  1 
ATOM   16   O OD1 . ASN A 1 2   ? 18.938  -2.757  19.655  1.00 18.80 ? 2   ASN B OD1 1 
ATOM   17   N ND2 . ASN A 1 2   ? 19.085  -3.531  17.544  1.00 19.09 ? 2   ASN B ND2 1 
ATOM   18   N N   . ASP A 1 3   ? 18.585  0.362   15.060  1.00 24.23 ? 3   ASP B N   1 
ATOM   19   C CA  . ASP A 1 3   ? 17.955  1.688   14.998  1.00 24.10 ? 3   ASP B CA  1 
ATOM   20   C C   . ASP A 1 3   ? 17.671  1.769   13.508  1.00 23.17 ? 3   ASP B C   1 
ATOM   21   O O   . ASP A 1 3   ? 18.239  1.004   12.729  1.00 25.21 ? 3   ASP B O   1 
ATOM   22   C CB  . ASP A 1 3   ? 18.957  2.776   15.408  1.00 27.27 ? 3   ASP B CB  1 
ATOM   23   C CG  . ASP A 1 3   ? 20.422  2.266   15.484  1.00 28.97 ? 3   ASP B CG  1 
ATOM   24   O OD1 . ASP A 1 3   ? 20.837  1.400   14.678  1.00 29.03 ? 3   ASP B OD1 1 
ATOM   25   O OD2 . ASP A 1 3   ? 21.169  2.750   16.363  1.00 30.81 ? 3   ASP B OD2 1 
ATOM   26   N N   . ALA A 1 4   ? 16.794  2.677   13.116  1.00 21.00 ? 4   ALA B N   1 
ATOM   27   C CA  . ALA A 1 4   ? 16.309  2.799   11.730  1.00 18.48 ? 4   ALA B CA  1 
ATOM   28   C C   . ALA A 1 4   ? 17.353  2.893   10.607  1.00 16.59 ? 4   ALA B C   1 
ATOM   29   O O   . ALA A 1 4   ? 18.135  3.864   10.524  1.00 15.43 ? 4   ALA B O   1 
ATOM   30   C CB  . ALA A 1 4   ? 15.320  3.968   11.616  1.00 18.47 ? 4   ALA B CB  1 
ATOM   31   N N   . GLU A 1 5   ? 17.334  1.875   9.751   1.00 14.47 ? 5   GLU B N   1 
ATOM   32   C CA  . GLU A 1 5   ? 18.162  1.812   8.557   1.00 12.87 ? 5   GLU B CA  1 
ATOM   33   C C   . GLU A 1 5   ? 17.409  2.439   7.374   1.00 11.25 ? 5   GLU B C   1 
ATOM   34   O O   . GLU A 1 5   ? 16.226  2.768   7.503   1.00 12.23 ? 5   GLU B O   1 
ATOM   35   C CB  . GLU A 1 5   ? 18.499  0.350   8.258   1.00 12.76 ? 5   GLU B CB  1 
ATOM   36   C CG  . GLU A 1 5   ? 19.717  -0.183  8.985   1.00 11.74 ? 5   GLU B CG  1 
ATOM   37   C CD  . GLU A 1 5   ? 20.985  -0.006  8.193   1.00 11.72 ? 5   GLU B CD  1 
ATOM   38   O OE1 . GLU A 1 5   ? 20.912  0.122   6.963   1.00 13.78 ? 5   GLU B OE1 1 
ATOM   39   O OE2 . GLU A 1 5   ? 22.065  -0.007  8.788   1.00 12.02 ? 5   GLU B OE2 1 
ATOM   40   N N   . PRO A 1 6   ? 18.087  2.624   6.234   1.00 9.08  ? 6   PRO B N   1 
ATOM   41   C CA  . PRO A 1 6   ? 17.382  3.058   5.011   1.00 8.43  ? 6   PRO B CA  1 
ATOM   42   C C   . PRO A 1 6   ? 16.607  1.970   4.250   1.00 7.65  ? 6   PRO B C   1 
ATOM   43   O O   . PRO A 1 6   ? 17.081  0.849   4.035   1.00 7.09  ? 6   PRO B O   1 
ATOM   44   C CB  . PRO A 1 6   ? 18.506  3.625   4.135   1.00 8.03  ? 6   PRO B CB  1 
ATOM   45   C CG  . PRO A 1 6   ? 19.566  3.974   5.120   1.00 8.95  ? 6   PRO B CG  1 
ATOM   46   C CD  . PRO A 1 6   ? 19.526  2.872   6.122   1.00 7.79  ? 6   PRO B CD  1 
ATOM   47   N N   . VAL A 1 7   ? 15.451  2.363   3.789   1.00 7.61  ? 7   VAL B N   1 
ATOM   48   C CA  . VAL A 1 7   ? 14.524  1.513   3.076   1.00 8.85  ? 7   VAL B CA  1 
ATOM   49   C C   . VAL A 1 7   ? 14.881  1.342   1.568   1.00 8.16  ? 7   VAL B C   1 
ATOM   50   O O   . VAL A 1 7   ? 14.932  2.252   0.770   1.00 7.36  ? 7   VAL B O   1 
ATOM   51   C CB  . VAL A 1 7   ? 13.061  1.879   3.471   1.00 9.61  ? 7   VAL B CB  1 
ATOM   52   C CG1 . VAL A 1 7   ? 12.025  1.258   2.596   1.00 10.04 ? 7   VAL B CG1 1 
ATOM   53   C CG2 . VAL A 1 7   ? 12.776  1.406   4.841   1.00 8.94  ? 7   VAL B CG2 1 
ATOM   54   N N   . ILE A 1 8   ? 15.164  0.088   1.256   1.00 8.47  ? 8   ILE B N   1 
ATOM   55   C CA  . ILE A 1 8   ? 15.844  -0.267  0.017   1.00 10.52 ? 8   ILE B CA  1 
ATOM   56   C C   . ILE A 1 8   ? 14.855  -0.779  -1.032  1.00 11.88 ? 8   ILE B C   1 
ATOM   57   O O   . ILE A 1 8   ? 13.818  -1.343  -0.691  1.00 12.29 ? 8   ILE B O   1 
ATOM   58   C CB  . ILE A 1 8   ? 16.923  -1.354  0.310   1.00 10.36 ? 8   ILE B CB  1 
ATOM   59   C CG1 . ILE A 1 8   ? 18.104  -0.749  1.065   1.00 10.24 ? 8   ILE B CG1 1 
ATOM   60   C CG2 . ILE A 1 8   ? 17.404  -2.047  -0.952  1.00 10.23 ? 8   ILE B CG2 1 
ATOM   61   C CD1 . ILE A 1 8   ? 19.398  -1.497  0.868   1.00 10.36 ? 8   ILE B CD1 1 
ATOM   62   N N   . ASP A 1 9   ? 15.140  -0.591  -2.311  1.00 13.54 ? 9   ASP B N   1 
ATOM   63   C CA  . ASP A 1 9   ? 14.256  -1.290  -3.257  1.00 16.75 ? 9   ASP B CA  1 
ATOM   64   C C   . ASP A 1 9   ? 14.445  -2.791  -3.087  1.00 19.74 ? 9   ASP B C   1 
ATOM   65   O O   . ASP A 1 9   ? 13.509  -3.577  -3.162  1.00 22.56 ? 9   ASP B O   1 
ATOM   66   C CB  . ASP A 1 9   ? 14.343  -0.824  -4.744  1.00 15.23 ? 9   ASP B CB  1 
ATOM   67   C CG  . ASP A 1 9   ? 15.727  -0.348  -5.175  1.00 13.99 ? 9   ASP B CG  1 
ATOM   68   O OD1 . ASP A 1 9   ? 16.493  -1.121  -5.792  1.00 11.79 ? 9   ASP B OD1 1 
ATOM   69   O OD2 . ASP A 1 9   ? 16.030  0.832   -4.943  1.00 14.64 ? 9   ASP B OD2 1 
ATOM   70   N N   . THR A 1 10  ? 15.661  -3.139  -2.717  1.00 22.28 ? 10  THR B N   1 
ATOM   71   C CA  . THR A 1 10  ? 16.206  -4.478  -2.839  1.00 23.73 ? 10  THR B CA  1 
ATOM   72   C C   . THR A 1 10  ? 16.447  -4.957  -4.282  1.00 24.99 ? 10  THR B C   1 
ATOM   73   O O   . THR A 1 10  ? 16.134  -6.084  -4.660  1.00 24.96 ? 10  THR B O   1 
ATOM   74   C CB  . THR A 1 10  ? 15.520  -5.574  -2.021  1.00 22.96 ? 10  THR B CB  1 
ATOM   75   O OG1 . THR A 1 10  ? 15.930  -5.448  -0.661  1.00 24.31 ? 10  THR B OG1 1 
ATOM   76   C CG2 . THR A 1 10  ? 16.020  -6.910  -2.494  1.00 23.66 ? 10  THR B CG2 1 
ATOM   77   N N   . ASP A 1 11  ? 16.997  -4.062  -5.089  1.00 26.50 ? 11  ASP B N   1 
ATOM   78   C CA  . ASP A 1 11  ? 17.821  -4.455  -6.206  1.00 26.37 ? 11  ASP B CA  1 
ATOM   79   C C   . ASP A 1 11  ? 19.139  -3.785  -5.820  1.00 24.85 ? 11  ASP B C   1 
ATOM   80   O O   . ASP A 1 11  ? 20.021  -3.572  -6.638  1.00 21.87 ? 11  ASP B O   1 
ATOM   81   C CB  . ASP A 1 11  ? 17.210  -3.989  -7.529  1.00 29.64 ? 11  ASP B CB  1 
ATOM   82   C CG  . ASP A 1 11  ? 15.697  -4.303  -7.617  1.00 32.56 ? 11  ASP B CG  1 
ATOM   83   O OD1 . ASP A 1 11  ? 15.304  -5.413  -7.168  1.00 35.51 ? 11  ASP B OD1 1 
ATOM   84   O OD2 . ASP A 1 11  ? 14.907  -3.453  -8.123  1.00 32.52 ? 11  ASP B OD2 1 
ATOM   85   N N   . GLY A 1 12  ? 19.236  -3.572  -4.493  1.00 25.69 ? 12  GLY B N   1 
ATOM   86   C CA  . GLY A 1 12  ? 20.397  -3.048  -3.776  1.00 26.26 ? 12  GLY B CA  1 
ATOM   87   C C   . GLY A 1 12  ? 20.558  -1.600  -3.286  1.00 26.07 ? 12  GLY B C   1 
ATOM   88   O O   . GLY A 1 12  ? 21.519  -1.301  -2.576  1.00 28.57 ? 12  GLY B O   1 
ATOM   89   N N   . ASN A 1 13  ? 19.610  -0.748  -3.619  1.00 25.25 ? 13  ASN B N   1 
ATOM   90   C CA  . ASN A 1 13  ? 19.692  0.688   -3.396  1.00 24.36 ? 13  ASN B CA  1 
ATOM   91   C C   . ASN A 1 13  ? 18.689  1.402   -2.581  1.00 26.33 ? 13  ASN B C   1 
ATOM   92   O O   . ASN A 1 13  ? 17.507  1.264   -2.854  1.00 26.58 ? 13  ASN B O   1 
ATOM   93   C CB  . ASN A 1 13  ? 19.472  1.263   -4.808  1.00 23.45 ? 13  ASN B CB  1 
ATOM   94   C CG  . ASN A 1 13  ? 20.528  2.250   -5.242  1.00 22.63 ? 13  ASN B CG  1 
ATOM   95   O OD1 . ASN A 1 13  ? 21.326  2.732   -4.441  1.00 23.94 ? 13  ASN B OD1 1 
ATOM   96   N ND2 . ASN A 1 13  ? 20.531  2.565   -6.548  1.00 22.72 ? 13  ASN B ND2 1 
ATOM   97   N N   . PRO A 1 14  ? 19.127  2.269   -1.671  1.00 26.80 ? 14  PRO B N   1 
ATOM   98   C CA  . PRO A 1 14  ? 18.138  2.924   -0.811  1.00 26.88 ? 14  PRO B CA  1 
ATOM   99   C C   . PRO A 1 14  ? 17.050  3.631   -1.627  1.00 27.74 ? 14  PRO B C   1 
ATOM   100  O O   . PRO A 1 14  ? 17.291  4.158   -2.699  1.00 27.05 ? 14  PRO B O   1 
ATOM   101  C CB  . PRO A 1 14  ? 18.981  3.949   -0.030  1.00 26.71 ? 14  PRO B CB  1 
ATOM   102  C CG  . PRO A 1 14  ? 20.412  3.569   -0.240  1.00 26.31 ? 14  PRO B CG  1 
ATOM   103  C CD  . PRO A 1 14  ? 20.480  2.331   -1.089  1.00 27.43 ? 14  PRO B CD  1 
ATOM   104  N N   . LEU A 1 15  ? 15.828  3.561   -1.092  1.00 26.32 ? 15  LEU B N   1 
ATOM   105  C CA  . LEU A 1 15  ? 14.589  3.906   -1.766  1.00 26.55 ? 15  LEU B CA  1 
ATOM   106  C C   . LEU A 1 15  ? 14.226  5.357   -1.426  1.00 27.17 ? 15  LEU B C   1 
ATOM   107  O O   . LEU A 1 15  ? 14.482  5.841   -0.314  1.00 27.24 ? 15  LEU B O   1 
ATOM   108  C CB  . LEU A 1 15  ? 13.514  2.904   -1.298  1.00 26.02 ? 15  LEU B CB  1 
ATOM   109  C CG  . LEU A 1 15  ? 12.081  2.681   -1.812  1.00 26.43 ? 15  LEU B CG  1 
ATOM   110  C CD1 . LEU A 1 15  ? 11.771  1.185   -1.921  1.00 24.52 ? 15  LEU B CD1 1 
ATOM   111  C CD2 . LEU A 1 15  ? 11.037  3.361   -0.937  1.00 26.84 ? 15  LEU B CD2 1 
ATOM   112  N N   . LEU A 1 16  ? 13.685  6.063   -2.414  1.00 25.60 ? 16  LEU B N   1 
ATOM   113  C CA  . LEU A 1 16  ? 13.510  7.500   -2.300  1.00 24.41 ? 16  LEU B CA  1 
ATOM   114  C C   . LEU A 1 16  ? 12.077  7.997   -2.481  1.00 24.41 ? 16  LEU B C   1 
ATOM   115  O O   . LEU A 1 16  ? 11.165  7.242   -2.803  1.00 24.14 ? 16  LEU B O   1 
ATOM   116  C CB  . LEU A 1 16  ? 14.457  8.186   -3.287  1.00 24.20 ? 16  LEU B CB  1 
ATOM   117  C CG  . LEU A 1 16  ? 15.078  9.548   -3.003  1.00 22.58 ? 16  LEU B CG  1 
ATOM   118  C CD1 . LEU A 1 16  ? 16.491  9.516   -3.547  1.00 22.06 ? 16  LEU B CD1 1 
ATOM   119  C CD2 . LEU A 1 16  ? 14.282  10.668  -3.661  1.00 24.01 ? 16  LEU B CD2 1 
ATOM   120  N N   . HIS A 1 17  ? 11.910  9.294   -2.261  1.00 25.26 ? 17  HIS B N   1 
ATOM   121  C CA  . HIS A 1 17  ? 10.615  9.956   -2.248  1.00 26.69 ? 17  HIS B CA  1 
ATOM   122  C C   . HIS A 1 17  ? 10.213  10.639  -3.566  1.00 26.23 ? 17  HIS B C   1 
ATOM   123  O O   . HIS A 1 17  ? 11.015  11.315  -4.197  1.00 27.77 ? 17  HIS B O   1 
ATOM   124  C CB  . HIS A 1 17  ? 10.636  11.006  -1.151  1.00 27.98 ? 17  HIS B CB  1 
ATOM   125  C CG  . HIS A 1 17  ? 10.651  10.444  0.233   1.00 27.55 ? 17  HIS B CG  1 
ATOM   126  N ND1 . HIS A 1 17  ? 9.592   9.739   0.757   1.00 27.37 ? 17  HIS B ND1 1 
ATOM   127  C CD2 . HIS A 1 17  ? 11.561  10.554  1.227   1.00 28.45 ? 17  HIS B CD2 1 
ATOM   128  C CE1 . HIS A 1 17  ? 9.850   9.428   2.014   1.00 28.64 ? 17  HIS B CE1 1 
ATOM   129  N NE2 . HIS A 1 17  ? 11.039  9.911   2.323   1.00 30.82 ? 17  HIS B NE2 1 
ATOM   130  N N   . ARG A 1 18  ? 8.940   10.498  -3.932  1.00 25.87 ? 18  ARG B N   1 
ATOM   131  C CA  . ARG A 1 18  ? 8.399   10.917  -5.230  1.00 25.63 ? 18  ARG B CA  1 
ATOM   132  C C   . ARG A 1 18  ? 9.004   10.014  -6.288  1.00 24.98 ? 18  ARG B C   1 
ATOM   133  O O   . ARG A 1 18  ? 8.980   10.318  -7.477  1.00 26.42 ? 18  ARG B O   1 
ATOM   134  C CB  . ARG A 1 18  ? 8.696   12.385  -5.568  1.00 27.61 ? 18  ARG B CB  1 
ATOM   135  C CG  . ARG A 1 18  ? 7.930   12.875  -6.808  1.00 29.66 ? 18  ARG B CG  1 
ATOM   136  C CD  . ARG A 1 18  ? 8.622   13.945  -7.662  1.00 30.43 ? 18  ARG B CD  1 
ATOM   137  N NE  . ARG A 1 18  ? 9.968   13.580  -8.114  1.00 32.82 ? 18  ARG B NE  1 
ATOM   138  C CZ  . ARG A 1 18  ? 10.264  12.878  -9.213  1.00 34.02 ? 18  ARG B CZ  1 
ATOM   139  N NH1 . ARG A 1 18  ? 9.311   12.426  -10.018 1.00 35.86 ? 18  ARG B NH1 1 
ATOM   140  N NH2 . ARG A 1 18  ? 11.536  12.630  -9.516  1.00 32.55 ? 18  ARG B NH2 1 
ATOM   141  N N   . GLY A 1 19  ? 9.592   8.915   -5.842  1.00 22.93 ? 19  GLY B N   1 
ATOM   142  C CA  . GLY A 1 19  ? 10.143  7.963   -6.760  1.00 19.59 ? 19  GLY B CA  1 
ATOM   143  C C   . GLY A 1 19  ? 9.055   6.949   -6.995  1.00 18.26 ? 19  GLY B C   1 
ATOM   144  O O   . GLY A 1 19  ? 8.462   6.444   -6.033  1.00 19.54 ? 19  GLY B O   1 
ATOM   145  N N   . LYS A 1 20  ? 8.798   6.646   -8.268  1.00 15.77 ? 20  LYS B N   1 
ATOM   146  C CA  . LYS A 1 20  ? 7.817   5.638   -8.656  1.00 12.67 ? 20  LYS B CA  1 
ATOM   147  C C   . LYS A 1 20  ? 8.383   4.243   -8.519  1.00 11.41 ? 20  LYS B C   1 
ATOM   148  O O   . LYS A 1 20  ? 9.460   3.965   -9.020  1.00 10.46 ? 20  LYS B O   1 
ATOM   149  C CB  . LYS A 1 20  ? 7.392   5.865   -10.094 1.00 11.28 ? 20  LYS B CB  1 
ATOM   150  C CG  . LYS A 1 20  ? 6.675   7.174   -10.345 1.00 9.75  ? 20  LYS B CG  1 
ATOM   151  C CD  . LYS A 1 20  ? 7.136   7.688   -11.679 1.00 8.50  ? 20  LYS B CD  1 
ATOM   152  C CE  . LYS A 1 20  ? 7.333   6.524   -12.644 1.00 8.53  ? 20  LYS B CE  1 
ATOM   153  N NZ  . LYS A 1 20  ? 7.850   6.886   -13.998 1.00 8.99  ? 20  LYS B NZ  1 
ATOM   154  N N   . TYR A 1 21  ? 7.634   3.371   -7.846  1.00 10.63 ? 21  TYR B N   1 
ATOM   155  C CA  . TYR A 1 21  ? 8.025   1.988   -7.623  1.00 10.12 ? 21  TYR B CA  1 
ATOM   156  C C   . TYR A 1 21  ? 6.873   1.039   -7.873  1.00 9.94  ? 21  TYR B C   1 
ATOM   157  O O   . TYR A 1 21  ? 5.803   1.449   -8.265  1.00 9.55  ? 21  TYR B O   1 
ATOM   158  C CB  . TYR A 1 21  ? 8.530   1.814   -6.186  1.00 10.25 ? 21  TYR B CB  1 
ATOM   159  C CG  . TYR A 1 21  ? 9.758   2.623   -5.857  1.00 9.51  ? 21  TYR B CG  1 
ATOM   160  C CD1 . TYR A 1 21  ? 9.873   3.937   -6.270  1.00 8.42  ? 21  TYR B CD1 1 
ATOM   161  C CD2 . TYR A 1 21  ? 10.813  2.075   -5.134  1.00 10.07 ? 21  TYR B CD2 1 
ATOM   162  C CE1 . TYR A 1 21  ? 11.005  4.698   -5.976  1.00 7.42  ? 21  TYR B CE1 1 
ATOM   163  C CE2 . TYR A 1 21  ? 11.950  2.834   -4.838  1.00 8.20  ? 21  TYR B CE2 1 
ATOM   164  C CZ  . TYR A 1 21  ? 12.030  4.151   -5.258  1.00 5.64  ? 21  TYR B CZ  1 
ATOM   165  O OH  . TYR A 1 21  ? 13.121  4.927   -4.984  1.00 4.02  ? 21  TYR B OH  1 
ATOM   166  N N   . TYR A 1 22  ? 7.123   -0.247  -7.686  1.00 10.72 ? 22  TYR B N   1 
ATOM   167  C CA  . TYR A 1 22  ? 6.097   -1.264  -7.823  1.00 12.07 ? 22  TYR B CA  1 
ATOM   168  C C   . TYR A 1 22  ? 6.314   -2.082  -6.578  1.00 12.88 ? 22  TYR B C   1 
ATOM   169  O O   . TYR A 1 22  ? 7.390   -2.050  -5.987  1.00 13.07 ? 22  TYR B O   1 
ATOM   170  C CB  . TYR A 1 22  ? 6.350   -2.207  -9.010  1.00 12.91 ? 22  TYR B CB  1 
ATOM   171  C CG  . TYR A 1 22  ? 6.202   -1.688  -10.434 1.00 12.97 ? 22  TYR B CG  1 
ATOM   172  C CD1 . TYR A 1 22  ? 4.960   -1.574  -11.026 1.00 13.16 ? 22  TYR B CD1 1 
ATOM   173  C CD2 . TYR A 1 22  ? 7.325   -1.380  -11.197 1.00 11.96 ? 22  TYR B CD2 1 
ATOM   174  C CE1 . TYR A 1 22  ? 4.841   -1.140  -12.330 1.00 14.38 ? 22  TYR B CE1 1 
ATOM   175  C CE2 . TYR A 1 22  ? 7.221   -0.955  -12.484 1.00 12.39 ? 22  TYR B CE2 1 
ATOM   176  C CZ  . TYR A 1 22  ? 5.983   -0.832  -13.058 1.00 13.83 ? 22  TYR B CZ  1 
ATOM   177  O OH  . TYR A 1 22  ? 5.876   -0.387  -14.370 1.00 14.66 ? 22  TYR B OH  1 
ATOM   178  N N   . ILE A 1 23  ? 5.300   -2.765  -6.171  1.00 14.18 ? 23  ILE B N   1 
ATOM   179  C CA  . ILE A 1 23  ? 5.399   -3.681  -5.064  1.00 15.90 ? 23  ILE B CA  1 
ATOM   180  C C   . ILE A 1 23  ? 4.976   -5.094  -5.524  1.00 17.11 ? 23  ILE B C   1 
ATOM   181  O O   . ILE A 1 23  ? 3.817   -5.334  -5.782  1.00 17.17 ? 23  ILE B O   1 
ATOM   182  C CB  . ILE A 1 23  ? 4.543   -3.161  -3.885  1.00 15.85 ? 23  ILE B CB  1 
ATOM   183  C CG1 . ILE A 1 23  ? 4.386   -1.658  -3.978  1.00 14.15 ? 23  ILE B CG1 1 
ATOM   184  C CG2 . ILE A 1 23  ? 5.167   -3.500  -2.552  1.00 17.17 ? 23  ILE B CG2 1 
ATOM   185  C CD1 . ILE A 1 23  ? 3.464   -1.120  -2.948  1.00 13.48 ? 23  ILE B CD1 1 
ATOM   186  N N   . MET A 1 24  ? 5.943   -6.017  -5.622  1.00 18.99 ? 24  MET B N   1 
ATOM   187  C CA  . MET A 1 24  ? 5.672   -7.411  -6.002  1.00 19.95 ? 24  MET B CA  1 
ATOM   188  C C   . MET A 1 24  ? 5.268   -8.294  -4.822  1.00 22.32 ? 24  MET B C   1 
ATOM   189  O O   . MET A 1 24  ? 5.340   -7.865  -3.669  1.00 22.34 ? 24  MET B O   1 
ATOM   190  C CB  . MET A 1 24  ? 6.833   -8.007  -6.809  1.00 17.91 ? 24  MET B CB  1 
ATOM   191  C CG  . MET A 1 24  ? 6.485   -8.153  -8.284  1.00 17.39 ? 24  MET B CG  1 
ATOM   192  S SD  . MET A 1 24  ? 7.689   -7.494  -9.472  1.00 18.22 ? 24  MET B SD  1 
ATOM   193  C CE  . MET A 1 24  ? 7.187   -5.778  -9.629  1.00 16.74 ? 24  MET B CE  1 
ATOM   194  N N   . PRO A 1 25  ? 4.810   -9.523  -5.089  1.00 24.74 ? 25  PRO B N   1 
ATOM   195  C CA  . PRO A 1 25  ? 4.411   -10.321 -3.955  1.00 24.78 ? 25  PRO B CA  1 
ATOM   196  C C   . PRO A 1 25  ? 5.604   -11.088 -3.450  1.00 25.70 ? 25  PRO B C   1 
ATOM   197  O O   . PRO A 1 25  ? 5.564   -12.329 -3.365  1.00 28.47 ? 25  PRO B O   1 
ATOM   198  C CB  . PRO A 1 25  ? 3.436   -11.298 -4.593  1.00 24.17 ? 25  PRO B CB  1 
ATOM   199  C CG  . PRO A 1 25  ? 4.105   -11.612 -5.900  1.00 24.52 ? 25  PRO B CG  1 
ATOM   200  C CD  . PRO A 1 25  ? 4.797   -10.339 -6.325  1.00 25.14 ? 25  PRO B CD  1 
ATOM   201  N N   . SER A 1 26  ? 6.659   -10.358 -3.135  1.00 24.98 ? 26  SER B N   1 
ATOM   202  C CA  . SER A 1 26  ? 7.855   -10.953 -2.567  1.00 27.15 ? 26  SER B CA  1 
ATOM   203  C C   . SER A 1 26  ? 8.302   -12.177 -3.391  1.00 28.92 ? 26  SER B C   1 
ATOM   204  O O   . SER A 1 26  ? 8.454   -12.097 -4.616  1.00 30.94 ? 26  SER B O   1 
ATOM   205  C CB  . SER A 1 26  ? 7.623   -11.298 -1.098  1.00 26.93 ? 26  SER B CB  1 
ATOM   206  O OG  . SER A 1 26  ? 8.854   -11.526 -0.446  1.00 28.77 ? 26  SER B OG  1 
ATOM   207  N N   . ASN A 1 27  ? 8.496   -13.302 -2.708  1.00 29.36 ? 27  ASN B N   1 
ATOM   208  C CA  . ASN A 1 27  ? 8.837   -14.568 -3.358  1.00 30.96 ? 27  ASN B CA  1 
ATOM   209  C C   . ASN A 1 27  ? 7.641   -15.558 -3.337  1.00 32.85 ? 27  ASN B C   1 
ATOM   210  O O   . ASN A 1 27  ? 7.501   -16.365 -2.384  1.00 32.96 ? 27  ASN B O   1 
ATOM   211  C CB  . ASN A 1 27  ? 10.081  -15.184 -2.702  1.00 31.24 ? 27  ASN B CB  1 
ATOM   212  C CG  . ASN A 1 27  ? 11.273  -14.215 -2.622  1.00 33.81 ? 27  ASN B CG  1 
ATOM   213  O OD1 . ASN A 1 27  ? 12.353  -14.585 -2.125  1.00 31.45 ? 27  ASN B OD1 1 
ATOM   214  N ND2 . ASN A 1 27  ? 11.086  -12.971 -3.104  1.00 33.20 ? 27  ASN B ND2 1 
ATOM   215  N N   . TRP A 1 28  ? 6.780   -15.446 -4.360  1.00 29.92 ? 28  TRP B N   1 
ATOM   216  C CA  . TRP A 1 28  ? 5.595   -16.310 -4.607  1.00 29.48 ? 28  TRP B CA  1 
ATOM   217  C C   . TRP A 1 28  ? 4.577   -16.565 -3.487  1.00 28.59 ? 28  TRP B C   1 
ATOM   218  O O   . TRP A 1 28  ? 4.305   -17.723 -3.171  1.00 29.11 ? 28  TRP B O   1 
ATOM   219  C CB  . TRP A 1 28  ? 5.930   -17.627 -5.348  1.00 30.47 ? 28  TRP B CB  1 
ATOM   220  C CG  . TRP A 1 28  ? 5.467   -17.644 -6.809  1.00 30.81 ? 28  TRP B CG  1 
ATOM   221  C CD1 . TRP A 1 28  ? 5.972   -16.890 -7.827  1.00 29.10 ? 28  TRP B CD1 1 
ATOM   222  C CD2 . TRP A 1 28  ? 4.419   -18.449 -7.395  1.00 28.98 ? 28  TRP B CD2 1 
ATOM   223  N NE1 . TRP A 1 28  ? 5.315   -17.166 -9.002  1.00 28.23 ? 28  TRP B NE1 1 
ATOM   224  C CE2 . TRP A 1 28  ? 4.356   -18.120 -8.766  1.00 29.02 ? 28  TRP B CE2 1 
ATOM   225  C CE3 . TRP A 1 28  ? 3.531   -19.412 -6.898  1.00 29.21 ? 28  TRP B CE3 1 
ATOM   226  C CZ2 . TRP A 1 28  ? 3.447   -18.713 -9.645  1.00 28.55 ? 28  TRP B CZ2 1 
ATOM   227  C CZ3 . TRP A 1 28  ? 2.624   -20.003 -7.777  1.00 27.48 ? 28  TRP B CZ3 1 
ATOM   228  C CH2 . TRP A 1 28  ? 2.593   -19.650 -9.132  1.00 27.52 ? 28  TRP B CH2 1 
ATOM   229  N N   . GLY A 1 29  ? 4.047   -15.523 -2.853  1.00 28.85 ? 29  GLY B N   1 
ATOM   230  C CA  . GLY A 1 29  ? 3.046   -15.759 -1.826  1.00 27.96 ? 29  GLY B CA  1 
ATOM   231  C C   . GLY A 1 29  ? 1.721   -15.008 -1.803  1.00 27.82 ? 29  GLY B C   1 
ATOM   232  O O   . GLY A 1 29  ? 1.677   -13.803 -1.595  1.00 26.46 ? 29  GLY B O   1 
ATOM   233  N N   . PRO A 1 30  ? 0.630   -15.750 -1.856  1.00 27.16 ? 30  PRO B N   1 
ATOM   234  C CA  . PRO A 1 30  ? 0.656   -17.080 -2.395  1.00 26.97 ? 30  PRO B CA  1 
ATOM   235  C C   . PRO A 1 30  ? -0.695  -17.127 -3.090  1.00 27.37 ? 30  PRO B C   1 
ATOM   236  O O   . PRO A 1 30  ? -1.680  -17.054 -2.341  1.00 28.36 ? 30  PRO B O   1 
ATOM   237  C CB  . PRO A 1 30  ? 0.693   -17.939 -1.118  1.00 27.01 ? 30  PRO B CB  1 
ATOM   238  C CG  . PRO A 1 30  ? -0.027  -17.106 -0.083  1.00 24.32 ? 30  PRO B CG  1 
ATOM   239  C CD  . PRO A 1 30  ? -0.248  -15.730 -0.677  1.00 28.18 ? 30  PRO B CD  1 
ATOM   240  N N   . PRO A 1 31  ? -0.791  -17.509 -4.357  1.00 26.35 ? 31  PRO B N   1 
ATOM   241  C CA  . PRO A 1 31  ? 0.331   -17.484 -5.289  1.00 26.90 ? 31  PRO B CA  1 
ATOM   242  C C   . PRO A 1 31  ? 0.520   -16.014 -5.617  1.00 27.16 ? 31  PRO B C   1 
ATOM   243  O O   . PRO A 1 31  ? -0.478  -15.331 -5.836  1.00 27.87 ? 31  PRO B O   1 
ATOM   244  C CB  . PRO A 1 31  ? -0.209  -18.242 -6.497  1.00 26.09 ? 31  PRO B CB  1 
ATOM   245  C CG  . PRO A 1 31  ? -1.198  -19.199 -5.922  1.00 25.98 ? 31  PRO B CG  1 
ATOM   246  C CD  . PRO A 1 31  ? -1.822  -18.490 -4.751  1.00 26.66 ? 31  PRO B CD  1 
ATOM   247  N N   . GLY A 1 32  ? 1.751   -15.527 -5.673  1.00 27.76 ? 32  GLY B N   1 
ATOM   248  C CA  . GLY A 1 32  ? 1.970   -14.095 -5.735  1.00 29.11 ? 32  GLY B CA  1 
ATOM   249  C C   . GLY A 1 32  ? 1.399   -13.290 -6.886  1.00 28.97 ? 32  GLY B C   1 
ATOM   250  O O   . GLY A 1 32  ? 1.474   -13.690 -8.049  1.00 31.11 ? 32  GLY B O   1 
ATOM   251  N N   . GLY A 1 33  ? 0.831   -12.132 -6.547  1.00 26.65 ? 33  GLY B N   1 
ATOM   252  C CA  . GLY A 1 33  ? 0.398   -11.186 -7.555  1.00 25.11 ? 33  GLY B CA  1 
ATOM   253  C C   . GLY A 1 33  ? 0.961   -9.785  -7.401  1.00 23.66 ? 33  GLY B C   1 
ATOM   254  O O   . GLY A 1 33  ? 1.500   -9.413  -6.372  1.00 23.40 ? 33  GLY B O   1 
ATOM   255  N N   . GLY A 1 34  ? 0.842   -9.017  -8.464  1.00 22.98 ? 34  GLY B N   1 
ATOM   256  C CA  . GLY A 1 34  ? 1.202   -7.621  -8.435  1.00 21.87 ? 34  GLY B CA  1 
ATOM   257  C C   . GLY A 1 34  ? 0.026   -6.842  -7.917  1.00 20.16 ? 34  GLY B C   1 
ATOM   258  O O   . GLY A 1 34  ? -1.017  -7.412  -7.636  1.00 19.10 ? 34  GLY B O   1 
ATOM   259  N N   . LEU A 1 35  ? 0.198   -5.528  -7.792  1.00 19.35 ? 35  LEU B N   1 
ATOM   260  C CA  . LEU A 1 35  ? -0.910  -4.666  -7.424  1.00 17.06 ? 35  LEU B CA  1 
ATOM   261  C C   . LEU A 1 35  ? -1.242  -3.538  -8.422  1.00 17.30 ? 35  LEU B C   1 
ATOM   262  O O   . LEU A 1 35  ? -0.360  -2.996  -9.104  1.00 17.28 ? 35  LEU B O   1 
ATOM   263  C CB  . LEU A 1 35  ? -0.685  -3.998  -6.062  1.00 16.14 ? 35  LEU B CB  1 
ATOM   264  C CG  . LEU A 1 35  ? 0.555   -3.284  -5.505  1.00 14.99 ? 35  LEU B CG  1 
ATOM   265  C CD1 . LEU A 1 35  ? 1.027   -2.076  -6.295  1.00 14.29 ? 35  LEU B CD1 1 
ATOM   266  C CD2 . LEU A 1 35  ? 0.256   -2.873  -4.071  1.00 14.17 ? 35  LEU B CD2 1 
ATOM   267  N N   . ARG A 1 36  ? -2.530  -3.206  -8.499  1.00 16.79 ? 36  ARG B N   1 
ATOM   268  C CA  . ARG A 1 36  ? -2.986  -2.109  -9.325  1.00 16.36 ? 36  ARG B CA  1 
ATOM   269  C C   . ARG A 1 36  ? -4.343  -1.595  -8.881  1.00 16.72 ? 36  ARG B C   1 
ATOM   270  O O   . ARG A 1 36  ? -4.860  -2.024  -7.840  1.00 15.59 ? 36  ARG B O   1 
ATOM   271  C CB  . ARG A 1 36  ? -3.064  -2.627  -10.760 1.00 17.19 ? 36  ARG B CB  1 
ATOM   272  C CG  . ARG A 1 36  ? -2.757  -4.111  -10.967 1.00 17.31 ? 36  ARG B CG  1 
ATOM   273  C CD  . ARG A 1 36  ? -3.663  -5.010  -10.153 1.00 17.78 ? 36  ARG B CD  1 
ATOM   274  N NE  . ARG A 1 36  ? -4.855  -5.403  -10.893 1.00 18.26 ? 36  ARG B NE  1 
ATOM   275  C CZ  . ARG A 1 36  ? -5.693  -6.348  -10.482 1.00 19.19 ? 36  ARG B CZ  1 
ATOM   276  N NH1 . ARG A 1 36  ? -6.777  -6.669  -11.194 1.00 19.77 ? 36  ARG B NH1 1 
ATOM   277  N NH2 . ARG A 1 36  ? -5.398  -7.049  -9.399  1.00 20.30 ? 36  ARG B NH2 1 
ATOM   278  N N   . LEU A 1 37  ? -4.903  -0.676  -9.676  1.00 16.99 ? 37  LEU B N   1 
ATOM   279  C CA  . LEU A 1 37  ? -6.310  -0.310  -9.547  1.00 17.89 ? 37  LEU B CA  1 
ATOM   280  C C   . LEU A 1 37  ? -6.965  -1.424  -10.286 1.00 19.02 ? 37  LEU B C   1 
ATOM   281  O O   . LEU A 1 37  ? -6.699  -1.628  -11.474 1.00 20.81 ? 37  LEU B O   1 
ATOM   282  C CB  . LEU A 1 37  ? -6.654  0.986   -10.284 1.00 16.28 ? 37  LEU B CB  1 
ATOM   283  C CG  . LEU A 1 37  ? -6.614  2.321   -9.577  1.00 15.06 ? 37  LEU B CG  1 
ATOM   284  C CD1 . LEU A 1 37  ? -7.463  2.328   -8.319  1.00 13.81 ? 37  LEU B CD1 1 
ATOM   285  C CD2 . LEU A 1 37  ? -5.170  2.650   -9.299  1.00 14.93 ? 37  LEU B CD2 1 
ATOM   286  N N   . GLY A 1 38  ? -7.794  -2.166  -9.593  1.00 19.62 ? 38  GLY B N   1 
ATOM   287  C CA  . GLY A 1 38  ? -8.315  -3.367  -10.185 1.00 22.78 ? 38  GLY B CA  1 
ATOM   288  C C   . GLY A 1 38  ? -9.807  -3.347  -10.230 1.00 24.48 ? 38  GLY B C   1 
ATOM   289  O O   . GLY A 1 38  ? -10.450 -2.460  -9.652  1.00 25.34 ? 38  GLY B O   1 
ATOM   290  N N   . LYS A 1 39  ? -10.372 -4.338  -10.866 1.00 26.15 ? 39  LYS B N   1 
ATOM   291  C CA  . LYS A 1 39  ? -11.783 -4.445  -10.881 1.00 28.69 ? 39  LYS B CA  1 
ATOM   292  C C   . LYS A 1 39  ? -12.245 -5.391  -9.715  1.00 30.83 ? 39  LYS B C   1 
ATOM   293  O O   . LYS A 1 39  ? -11.845 -6.547  -9.555  1.00 28.63 ? 39  LYS B O   1 
ATOM   294  C CB  . LYS A 1 39  ? -12.289 -4.764  -12.316 1.00 27.84 ? 39  LYS B CB  1 
ATOM   295  C CG  . LYS A 1 39  ? -13.707 -4.311  -12.659 1.00 26.50 ? 39  LYS B CG  1 
ATOM   296  C CD  . LYS A 1 39  ? -14.459 -5.279  -13.553 1.00 25.24 ? 39  LYS B CD  1 
ATOM   297  C CE  . LYS A 1 39  ? -14.449 -4.867  -15.009 1.00 24.73 ? 39  LYS B CE  1 
ATOM   298  N NZ  . LYS A 1 39  ? -15.352 -5.590  -15.920 1.00 24.13 ? 39  LYS B NZ  1 
ATOM   299  N N   . THR A 1 40  ? -13.051 -4.794  -8.858  1.00 32.38 ? 40  THR B N   1 
ATOM   300  C CA  . THR A 1 40  ? -13.689 -5.511  -7.761  1.00 36.24 ? 40  THR B CA  1 
ATOM   301  C C   . THR A 1 40  ? -15.010 -4.797  -7.443  1.00 39.61 ? 40  THR B C   1 
ATOM   302  O O   . THR A 1 40  ? -15.063 -3.565  -7.456  1.00 38.70 ? 40  THR B O   1 
ATOM   303  C CB  . THR A 1 40  ? -12.747 -5.615  -6.539  1.00 35.14 ? 40  THR B CB  1 
ATOM   304  O OG1 . THR A 1 40  ? -12.128 -6.910  -6.517  1.00 32.23 ? 40  THR B OG1 1 
ATOM   305  C CG2 . THR A 1 40  ? -13.499 -5.391  -5.229  1.00 34.11 ? 40  THR B CG2 1 
ATOM   306  N N   . ARG A 1 41  ? -16.054 -5.578  -7.160  1.00 41.49 ? 41  ARG B N   1 
ATOM   307  C CA  . ARG A 1 41  ? -17.411 -5.084  -6.870  1.00 41.96 ? 41  ARG B CA  1 
ATOM   308  C C   . ARG A 1 41  ? -18.030 -4.347  -8.060  1.00 42.96 ? 41  ARG B C   1 
ATOM   309  O O   . ARG A 1 41  ? -17.729 -4.653  -9.214  1.00 44.97 ? 41  ARG B O   1 
ATOM   310  C CB  . ARG A 1 41  ? -17.450 -4.231  -5.595  1.00 30.83 ? 41  ARG B CB  1 
ATOM   311  C CG  . ARG A 1 41  ? -18.694 -4.458  -4.749  1.00 28.83 ? 41  ARG B CG  1 
ATOM   312  C CD  . ARG A 1 41  ? -18.409 -4.181  -3.284  1.00 27.46 ? 41  ARG B CD  1 
ATOM   313  N NE  . ARG A 1 41  ? -18.765 -5.318  -2.435  1.00 27.37 ? 41  ARG B NE  1 
ATOM   314  C CZ  . ARG A 1 41  ? -18.710 -6.595  -2.811  1.00 27.77 ? 41  ARG B CZ  1 
ATOM   315  N NH1 . ARG A 1 41  ? -18.300 -6.926  -4.032  1.00 26.04 ? 41  ARG B NH1 1 
ATOM   316  N NH2 . ARG A 1 41  ? -19.062 -7.548  -1.953  1.00 26.11 ? 41  ARG B NH2 1 
ATOM   317  N N   . ASN A 1 42  ? -18.906 -3.388  -7.791  1.00 42.62 ? 42  ASN B N   1 
ATOM   318  C CA  . ASN A 1 42  ? -19.474 -2.617  -8.883  1.00 42.26 ? 42  ASN B CA  1 
ATOM   319  C C   . ASN A 1 42  ? -19.226 -1.095  -8.909  1.00 42.17 ? 42  ASN B C   1 
ATOM   320  O O   . ASN A 1 42  ? -18.147 -0.621  -8.526  1.00 39.65 ? 42  ASN B O   1 
ATOM   321  C CB  . ASN A 1 42  ? -20.883 -3.036  -9.264  1.00 41.78 ? 42  ASN B CB  1 
ATOM   322  C CG  . ASN A 1 42  ? -20.896 -4.102  -10.348 1.00 42.97 ? 42  ASN B CG  1 
ATOM   323  O OD1 . ASN A 1 42  ? -20.522 -3.848  -11.493 1.00 41.86 ? 42  ASN B OD1 1 
ATOM   324  N ND2 . ASN A 1 42  ? -21.336 -5.304  -9.990  1.00 44.81 ? 42  ASN B ND2 1 
ATOM   325  N N   . LEU A 1 43  ? -20.117 -0.356  -9.477  1.00 42.41 ? 43  LEU B N   1 
ATOM   326  C CA  . LEU A 1 43  ? -19.728 0.939   -9.914  1.00 42.99 ? 43  LEU B CA  1 
ATOM   327  C C   . LEU A 1 43  ? -19.265 2.250   -9.249  1.00 45.15 ? 43  LEU B C   1 
ATOM   328  O O   . LEU A 1 43  ? -18.156 2.657   -9.523  1.00 50.52 ? 43  LEU B O   1 
ATOM   329  C CB  . LEU A 1 43  ? -20.696 1.250   -11.104 1.00 40.81 ? 43  LEU B CB  1 
ATOM   330  C CG  . LEU A 1 43  ? -21.175 2.592   -11.646 1.00 37.93 ? 43  LEU B CG  1 
ATOM   331  C CD1 . LEU A 1 43  ? -20.242 2.955   -12.784 1.00 36.83 ? 43  LEU B CD1 1 
ATOM   332  C CD2 . LEU A 1 43  ? -22.555 2.300   -12.219 1.00 39.44 ? 43  LEU B CD2 1 
ATOM   333  N N   . ASN A 1 44  ? -19.887 2.833   -8.247  1.00 44.42 ? 44  ASN B N   1 
ATOM   334  C CA  . ASN A 1 44  ? -19.311 4.145   -7.890  1.00 42.83 ? 44  ASN B CA  1 
ATOM   335  C C   . ASN A 1 44  ? -17.823 3.991   -7.529  1.00 41.40 ? 44  ASN B C   1 
ATOM   336  O O   . ASN A 1 44  ? -17.354 2.869   -7.318  1.00 42.57 ? 44  ASN B O   1 
ATOM   337  C CB  . ASN A 1 44  ? -20.107 4.982   -6.896  1.00 43.69 ? 44  ASN B CB  1 
ATOM   338  C CG  . ASN A 1 44  ? -20.940 6.082   -7.546  1.00 44.88 ? 44  ASN B CG  1 
ATOM   339  O OD1 . ASN A 1 44  ? -20.706 7.275   -7.342  1.00 41.69 ? 44  ASN B OD1 1 
ATOM   340  N ND2 . ASN A 1 44  ? -21.893 5.672   -8.389  1.00 41.51 ? 44  ASN B ND2 1 
ATOM   341  N N   . CYS A 1 45  ? -17.049 5.047   -7.715  1.00 38.73 ? 45  CYS B N   1 
ATOM   342  C CA  . CYS A 1 45  ? -15.658 4.923   -8.102  1.00 38.24 ? 45  CYS B CA  1 
ATOM   343  C C   . CYS A 1 45  ? -14.705 4.054   -7.299  1.00 36.34 ? 45  CYS B C   1 
ATOM   344  O O   . CYS A 1 45  ? -14.469 4.262   -6.115  1.00 38.96 ? 45  CYS B O   1 
ATOM   345  C CB  . CYS A 1 45  ? -15.076 6.283   -8.467  1.00 39.47 ? 45  CYS B CB  1 
ATOM   346  S SG  . CYS A 1 45  ? -15.536 6.619   -10.171 1.00 42.91 ? 45  CYS B SG  1 
ATOM   347  N N   . PRO A 1 46  ? -14.124 3.105   -8.059  1.00 32.86 ? 46  PRO B N   1 
ATOM   348  C CA  . PRO A 1 46  ? -13.216 2.101   -7.553  1.00 30.67 ? 46  PRO B CA  1 
ATOM   349  C C   . PRO A 1 46  ? -12.141 2.676   -6.667  1.00 28.48 ? 46  PRO B C   1 
ATOM   350  O O   . PRO A 1 46  ? -11.258 3.443   -7.075  1.00 27.86 ? 46  PRO B O   1 
ATOM   351  C CB  . PRO A 1 46  ? -12.658 1.486   -8.823  1.00 30.93 ? 46  PRO B CB  1 
ATOM   352  C CG  . PRO A 1 46  ? -13.880 1.448   -9.697  1.00 33.04 ? 46  PRO B CG  1 
ATOM   353  C CD  . PRO A 1 46  ? -14.676 2.688   -9.362  1.00 32.97 ? 46  PRO B CD  1 
ATOM   354  N N   . VAL A 1 47  ? -12.286 2.272   -5.421  1.00 25.20 ? 47  VAL B N   1 
ATOM   355  C CA  . VAL A 1 47  ? -11.435 2.662   -4.331  1.00 23.51 ? 47  VAL B CA  1 
ATOM   356  C C   . VAL A 1 47  ? -10.495 1.511   -4.050  1.00 20.79 ? 47  VAL B C   1 
ATOM   357  O O   . VAL A 1 47  ? -9.376  1.693   -3.590  1.00 20.88 ? 47  VAL B O   1 
ATOM   358  C CB  . VAL A 1 47  ? -12.312 2.926   -3.118  1.00 24.32 ? 47  VAL B CB  1 
ATOM   359  C CG1 . VAL A 1 47  ? -11.475 3.195   -1.916  1.00 21.79 ? 47  VAL B CG1 1 
ATOM   360  C CG2 . VAL A 1 47  ? -13.259 4.098   -3.415  1.00 25.81 ? 47  VAL B CG2 1 
ATOM   361  N N   . THR A 1 48  ? -10.960 0.325   -4.392  1.00 19.08 ? 48  THR B N   1 
ATOM   362  C CA  . THR A 1 48  ? -10.279 -0.916  -4.070  1.00 17.23 ? 48  THR B CA  1 
ATOM   363  C C   . THR A 1 48  ? -8.962  -1.093  -4.818  1.00 16.60 ? 48  THR B C   1 
ATOM   364  O O   . THR A 1 48  ? -8.954  -1.257  -6.050  1.00 16.02 ? 48  THR B O   1 
ATOM   365  C CB  . THR A 1 48  ? -11.235 -2.106  -4.320  1.00 16.71 ? 48  THR B CB  1 
ATOM   366  O OG1 . THR A 1 48  ? -12.517 -1.803  -3.741  1.00 15.15 ? 48  THR B OG1 1 
ATOM   367  C CG2 . THR A 1 48  ? -10.685 -3.408  -3.731  1.00 15.80 ? 48  THR B CG2 1 
ATOM   368  N N   . VAL A 1 49  ? -7.859  -1.021  -4.058  1.00 15.69 ? 49  VAL B N   1 
ATOM   369  C CA  . VAL A 1 49  ? -6.511  -1.291  -4.563  1.00 14.50 ? 49  VAL B CA  1 
ATOM   370  C C   . VAL A 1 49  ? -6.402  -2.816  -4.538  1.00 14.86 ? 49  VAL B C   1 
ATOM   371  O O   . VAL A 1 49  ? -6.572  -3.435  -3.493  1.00 14.74 ? 49  VAL B O   1 
ATOM   372  C CB  . VAL A 1 49  ? -5.413  -0.658  -3.677  1.00 13.60 ? 49  VAL B CB  1 
ATOM   373  C CG1 . VAL A 1 49  ? -4.018  -1.086  -4.103  1.00 12.26 ? 49  VAL B CG1 1 
ATOM   374  C CG2 . VAL A 1 49  ? -5.521  0.849   -3.723  1.00 14.17 ? 49  VAL B CG2 1 
ATOM   375  N N   . LEU A 1 50  ? -6.108  -3.397  -5.701  1.00 15.21 ? 50  LEU B N   1 
ATOM   376  C CA  . LEU A 1 50  ? -6.146  -4.829  -5.888  1.00 15.67 ? 50  LEU B CA  1 
ATOM   377  C C   . LEU A 1 50  ? -4.769  -5.461  -5.961  1.00 16.15 ? 50  LEU B C   1 
ATOM   378  O O   . LEU A 1 50  ? -3.814  -4.870  -6.446  1.00 17.90 ? 50  LEU B O   1 
ATOM   379  C CB  . LEU A 1 50  ? -6.908  -5.173  -7.173  1.00 15.62 ? 50  LEU B CB  1 
ATOM   380  C CG  . LEU A 1 50  ? -8.175  -6.036  -7.068  1.00 15.75 ? 50  LEU B CG  1 
ATOM   381  C CD1 . LEU A 1 50  ? -7.827  -7.496  -6.830  1.00 14.76 ? 50  LEU B CD1 1 
ATOM   382  C CD2 . LEU A 1 50  ? -9.100  -5.533  -5.976  1.00 15.81 ? 50  LEU B CD2 1 
ATOM   383  N N   . GLN A 1 51  ? -4.692  -6.700  -5.488  1.00 15.71 ? 51  GLN B N   1 
ATOM   384  C CA  . GLN A 1 51  ? -3.510  -7.493  -5.686  1.00 15.86 ? 51  GLN B CA  1 
ATOM   385  C C   . GLN A 1 51  ? -3.897  -8.548  -6.666  1.00 15.77 ? 51  GLN B C   1 
ATOM   386  O O   . GLN A 1 51  ? -4.985  -9.123  -6.661  1.00 16.36 ? 51  GLN B O   1 
ATOM   387  C CB  . GLN A 1 51  ? -3.108  -8.229  -4.479  1.00 18.03 ? 51  GLN B CB  1 
ATOM   388  C CG  . GLN A 1 51  ? -2.512  -7.373  -3.411  1.00 18.89 ? 51  GLN B CG  1 
ATOM   389  C CD  . GLN A 1 51  ? -1.355  -8.094  -2.823  1.00 20.46 ? 51  GLN B CD  1 
ATOM   390  O OE1 . GLN A 1 51  ? -0.784  -9.006  -3.463  1.00 19.57 ? 51  GLN B OE1 1 
ATOM   391  N NE2 . GLN A 1 51  ? -0.986  -7.738  -1.584  1.00 22.33 ? 51  GLN B NE2 1 
ATOM   392  N N   . ASP A 1 52  ? -2.997  -8.836  -7.515  1.00 15.41 ? 52  ASP B N   1 
ATOM   393  C CA  . ASP A 1 52  ? -3.221  -9.633  -8.653  1.00 14.55 ? 52  ASP B CA  1 
ATOM   394  C C   . ASP A 1 52  ? -3.114  -11.079 -8.387  1.00 13.45 ? 52  ASP B C   1 
ATOM   395  O O   . ASP A 1 52  ? -2.266  -11.474 -7.713  1.00 12.73 ? 52  ASP B O   1 
ATOM   396  C CB  . ASP A 1 52  ? -2.102  -9.302  -9.542  1.00 15.55 ? 52  ASP B CB  1 
ATOM   397  C CG  . ASP A 1 52  ? -2.481  -9.111  -10.888 1.00 17.22 ? 52  ASP B CG  1 
ATOM   398  O OD1 . ASP A 1 52  ? -3.228  -9.803  -11.456 1.00 18.58 ? 52  ASP B OD1 1 
ATOM   399  O OD2 . ASP A 1 52  ? -2.032  -8.203  -11.419 1.00 18.29 ? 52  ASP B OD2 1 
ATOM   400  N N   . TYR A 1 53  ? -3.939  -11.880 -8.970  1.00 12.13 ? 53  TYR B N   1 
ATOM   401  C CA  . TYR A 1 53  ? -3.848  -13.317 -8.888  1.00 11.19 ? 53  TYR B CA  1 
ATOM   402  C C   . TYR A 1 53  ? -2.931  -13.798 -10.002 1.00 11.57 ? 53  TYR B C   1 
ATOM   403  O O   . TYR A 1 53  ? -2.583  -15.000 -10.088 1.00 12.16 ? 53  TYR B O   1 
ATOM   404  C CB  . TYR A 1 53  ? -5.228  -13.967 -8.978  1.00 9.76  ? 53  TYR B CB  1 
ATOM   405  C CG  . TYR A 1 53  ? -6.024  -13.932 -7.669  1.00 9.10  ? 53  TYR B CG  1 
ATOM   406  C CD1 . TYR A 1 53  ? -5.378  -14.005 -6.418  1.00 6.86  ? 53  TYR B CD1 1 
ATOM   407  C CD2 . TYR A 1 53  ? -7.411  -13.857 -7.687  1.00 7.00  ? 53  TYR B CD2 1 
ATOM   408  C CE1 . TYR A 1 53  ? -6.095  -13.973 -5.239  1.00 3.82  ? 53  TYR B CE1 1 
ATOM   409  C CE2 . TYR A 1 53  ? -8.134  -13.851 -6.508  1.00 5.80  ? 53  TYR B CE2 1 
ATOM   410  C CZ  . TYR A 1 53  ? -7.481  -13.904 -5.284  1.00 3.85  ? 53  TYR B CZ  1 
ATOM   411  O OH  . TYR A 1 53  ? -8.259  -13.895 -4.123  1.00 4.92  ? 53  TYR B OH  1 
ATOM   412  N N   . ASN A 1 54  ? -2.532  -12.847 -10.840 1.00 11.40 ? 54  ASN B N   1 
ATOM   413  C CA  . ASN A 1 54  ? -1.632  -13.080 -11.956 1.00 11.67 ? 54  ASN B CA  1 
ATOM   414  C C   . ASN A 1 54  ? -0.381  -12.193 -11.888 1.00 11.61 ? 54  ASN B C   1 
ATOM   415  O O   . ASN A 1 54  ? -0.456  -11.002 -11.566 1.00 11.31 ? 54  ASN B O   1 
ATOM   416  C CB  . ASN A 1 54  ? -2.376  -12.899 -13.289 1.00 12.84 ? 54  ASN B CB  1 
ATOM   417  C CG  . ASN A 1 54  ? -1.684  -13.585 -14.448 1.00 14.24 ? 54  ASN B CG  1 
ATOM   418  O OD1 . ASN A 1 54  ? -1.680  -14.811 -14.560 1.00 14.72 ? 54  ASN B OD1 1 
ATOM   419  N ND2 . ASN A 1 54  ? -1.116  -12.788 -15.345 1.00 14.92 ? 54  ASN B ND2 1 
ATOM   420  N N   . GLU A 1 55  ? 0.752   -12.788 -12.265 1.00 11.04 ? 55  GLU B N   1 
ATOM   421  C CA  . GLU A 1 55  ? 2.066   -12.133 -12.235 1.00 10.25 ? 55  GLU B CA  1 
ATOM   422  C C   . GLU A 1 55  ? 2.598   -11.387 -13.446 1.00 10.01 ? 55  GLU B C   1 
ATOM   423  O O   . GLU A 1 55  ? 3.722   -10.974 -13.476 1.00 9.98  ? 55  GLU B O   1 
ATOM   424  C CB  . GLU A 1 55  ? 3.134   -13.050 -11.688 1.00 9.75  ? 55  GLU B CB  1 
ATOM   425  C CG  . GLU A 1 55  ? 2.578   -13.973 -10.606 1.00 9.98  ? 55  GLU B CG  1 
ATOM   426  C CD  . GLU A 1 55  ? 1.673   -15.070 -11.141 1.00 10.51 ? 55  GLU B CD  1 
ATOM   427  O OE1 . GLU A 1 55  ? 1.281   -15.058 -12.335 1.00 9.61  ? 55  GLU B OE1 1 
ATOM   428  O OE2 . GLU A 1 55  ? 1.339   -15.973 -10.349 1.00 9.52  ? 55  GLU B OE2 1 
ATOM   429  N N   . ALA A 1 56  ? 1.769   -11.280 -14.484 1.00 9.18  ? 56  ALA B N   1 
ATOM   430  C CA  . ALA A 1 56  ? 2.157   -10.629 -15.702 1.00 9.32  ? 56  ALA B CA  1 
ATOM   431  C C   . ALA A 1 56  ? 2.137   -9.104  -15.605 1.00 9.74  ? 56  ALA B C   1 
ATOM   432  O O   . ALA A 1 56  ? 2.707   -8.354  -16.427 1.00 8.92  ? 56  ALA B O   1 
ATOM   433  C CB  . ALA A 1 56  ? 1.221   -11.057 -16.761 1.00 9.79  ? 56  ALA B CB  1 
ATOM   434  N N   . ILE A 1 57  ? 1.396   -8.636  -14.613 1.00 10.52 ? 57  ILE B N   1 
ATOM   435  C CA  . ILE A 1 57  ? 1.206   -7.227  -14.412 1.00 10.80 ? 57  ILE B CA  1 
ATOM   436  C C   . ILE A 1 57  ? 1.709   -6.874  -13.042 1.00 11.60 ? 57  ILE B C   1 
ATOM   437  O O   . ILE A 1 57  ? 1.261   -7.438  -12.024 1.00 12.16 ? 57  ILE B O   1 
ATOM   438  C CB  . ILE A 1 57  ? -0.244  -6.784  -14.542 1.00 9.78  ? 57  ILE B CB  1 
ATOM   439  C CG1 . ILE A 1 57  ? -0.885  -7.429  -15.765 1.00 8.96  ? 57  ILE B CG1 1 
ATOM   440  C CG2 . ILE A 1 57  ? -0.286  -5.259  -14.598 1.00 10.01 ? 57  ILE B CG2 1 
ATOM   441  C CD1 . ILE A 1 57  ? -1.245  -8.888  -15.575 1.00 8.81  ? 57  ILE B CD1 1 
ATOM   442  N N   . ASN A 1 58  ? 2.643   -5.925  -13.051 1.00 11.67 ? 58  ASN B N   1 
ATOM   443  C CA  . ASN A 1 58  ? 3.225   -5.335  -11.867 1.00 11.69 ? 58  ASN B CA  1 
ATOM   444  C C   . ASN A 1 58  ? 2.361   -4.210  -11.364 1.00 11.65 ? 58  ASN B C   1 
ATOM   445  O O   . ASN A 1 58  ? 2.667   -3.589  -10.382 1.00 12.93 ? 58  ASN B O   1 
ATOM   446  C CB  . ASN A 1 58  ? 4.590   -4.775  -12.205 1.00 12.09 ? 58  ASN B CB  1 
ATOM   447  C CG  . ASN A 1 58  ? 4.698   -4.357  -13.662 1.00 12.57 ? 58  ASN B CG  1 
ATOM   448  O OD1 . ASN A 1 58  ? 3.713   -4.407  -14.412 1.00 12.93 ? 58  ASN B OD1 1 
ATOM   449  N ND2 . ASN A 1 58  ? 5.903   -3.963  -14.080 1.00 12.40 ? 58  ASN B ND2 1 
ATOM   450  N N   . GLY A 1 59  ? 1.250   -3.971  -12.037 1.00 11.52 ? 59  GLY B N   1 
ATOM   451  C CA  . GLY A 1 59  ? 0.316   -2.928  -11.627 1.00 11.63 ? 59  GLY B CA  1 
ATOM   452  C C   . GLY A 1 59  ? 0.663   -1.494  -11.962 1.00 10.99 ? 59  GLY B C   1 
ATOM   453  O O   . GLY A 1 59  ? 0.995   -1.183  -13.105 1.00 11.33 ? 59  GLY B O   1 
ATOM   454  N N   . LEU A 1 60  ? 0.566   -0.623  -10.964 1.00 10.81 ? 60  LEU B N   1 
ATOM   455  C CA  . LEU A 1 60  ? 0.723   0.819   -11.146 1.00 10.90 ? 60  LEU B CA  1 
ATOM   456  C C   . LEU A 1 60  ? 1.787   1.392   -10.185 1.00 11.70 ? 60  LEU B C   1 
ATOM   457  O O   . LEU A 1 60  ? 1.829   1.010   -8.999  1.00 11.07 ? 60  LEU B O   1 
ATOM   458  C CB  . LEU A 1 60  ? -0.627  1.504   -10.857 1.00 10.50 ? 60  LEU B CB  1 
ATOM   459  C CG  . LEU A 1 60  ? -1.688  1.956   -11.863 1.00 10.49 ? 60  LEU B CG  1 
ATOM   460  C CD1 . LEU A 1 60  ? -2.401  0.799   -12.549 1.00 10.79 ? 60  LEU B CD1 1 
ATOM   461  C CD2 . LEU A 1 60  ? -2.705  2.806   -11.123 1.00 10.69 ? 60  LEU B CD2 1 
ATOM   462  N N   . PRO A 1 61  ? 2.621   2.328   -10.680 1.00 12.10 ? 61  PRO B N   1 
ATOM   463  C CA  . PRO A 1 61  ? 3.669   2.943   -9.851  1.00 12.36 ? 61  PRO B CA  1 
ATOM   464  C C   . PRO A 1 61  ? 3.151   3.441   -8.499  1.00 12.89 ? 61  PRO B C   1 
ATOM   465  O O   . PRO A 1 61  ? 1.967   3.782   -8.384  1.00 14.13 ? 61  PRO B O   1 
ATOM   466  C CB  . PRO A 1 61  ? 4.146   4.121   -10.708 1.00 11.63 ? 61  PRO B CB  1 
ATOM   467  C CG  . PRO A 1 61  ? 3.893   3.685   -12.106 1.00 11.71 ? 61  PRO B CG  1 
ATOM   468  C CD  . PRO A 1 61  ? 2.612   2.888   -12.046 1.00 12.06 ? 61  PRO B CD  1 
ATOM   469  N N   . VAL A 1 62  ? 4.031   3.475   -7.499  1.00 12.28 ? 62  VAL B N   1 
ATOM   470  C CA  . VAL A 1 62  ? 3.662   3.783   -6.131  1.00 11.75 ? 62  VAL B CA  1 
ATOM   471  C C   . VAL A 1 62  ? 4.584   4.850   -5.530  1.00 11.67 ? 62  VAL B C   1 
ATOM   472  O O   . VAL A 1 62  ? 5.774   4.588   -5.252  1.00 10.67 ? 62  VAL B O   1 
ATOM   473  C CB  . VAL A 1 62  ? 3.792   2.456   -5.322  1.00 12.44 ? 62  VAL B CB  1 
ATOM   474  C CG1 . VAL A 1 62  ? 3.042   2.549   -3.996  1.00 12.52 ? 62  VAL B CG1 1 
ATOM   475  C CG2 . VAL A 1 62  ? 3.309   1.249   -6.126  1.00 11.62 ? 62  VAL B CG2 1 
ATOM   476  N N   . LYS A 1 63  ? 4.043   6.046   -5.307  1.00 11.46 ? 63  LYS B N   1 
ATOM   477  C CA  . LYS A 1 63  ? 4.854   7.161   -4.806  1.00 11.54 ? 63  LYS B CA  1 
ATOM   478  C C   . LYS A 1 63  ? 4.888   7.380   -3.285  1.00 11.71 ? 63  LYS B C   1 
ATOM   479  O O   . LYS A 1 63  ? 4.015   8.006   -2.702  1.00 11.02 ? 63  LYS B O   1 
ATOM   480  C CB  . LYS A 1 63  ? 4.470   8.457   -5.515  1.00 10.97 ? 63  LYS B CB  1 
ATOM   481  C CG  . LYS A 1 63  ? 5.492   8.957   -6.522  1.00 11.16 ? 63  LYS B CG  1 
ATOM   482  C CD  . LYS A 1 63  ? 4.913   10.160  -7.264  1.00 11.29 ? 63  LYS B CD  1 
ATOM   483  C CE  . LYS A 1 63  ? 5.923   10.908  -8.117  1.00 10.66 ? 63  LYS B CE  1 
ATOM   484  N NZ  . LYS A 1 63  ? 6.376   10.175  -9.334  1.00 11.75 ? 63  LYS B NZ  1 
ATOM   485  N N   . PHE A 1 64  ? 5.955   6.900   -2.657  1.00 12.97 ? 64  PHE B N   1 
ATOM   486  C CA  . PHE A 1 64  ? 6.139   7.089   -1.230  1.00 14.03 ? 64  PHE B CA  1 
ATOM   487  C C   . PHE A 1 64  ? 6.754   8.473   -0.928  1.00 15.84 ? 64  PHE B C   1 
ATOM   488  O O   . PHE A 1 64  ? 7.975   8.603   -0.813  1.00 17.64 ? 64  PHE B O   1 
ATOM   489  C CB  . PHE A 1 64  ? 7.052   5.989   -0.668  1.00 13.72 ? 64  PHE B CB  1 
ATOM   490  C CG  . PHE A 1 64  ? 6.452   4.594   -0.684  1.00 13.52 ? 64  PHE B CG  1 
ATOM   491  C CD1 . PHE A 1 64  ? 6.312   3.879   -1.865  1.00 14.23 ? 64  PHE B CD1 1 
ATOM   492  C CD2 . PHE A 1 64  ? 6.092   3.971   0.511   1.00 13.28 ? 64  PHE B CD2 1 
ATOM   493  C CE1 . PHE A 1 64  ? 5.784   2.591   -1.859  1.00 14.44 ? 64  PHE B CE1 1 
ATOM   494  C CE2 . PHE A 1 64  ? 5.571   2.691   0.525   1.00 12.42 ? 64  PHE B CE2 1 
ATOM   495  C CZ  . PHE A 1 64  ? 5.412   2.001   -0.661  1.00 13.82 ? 64  PHE B CZ  1 
ATOM   496  N N   . ASN A 1 65  ? 5.916   9.506   -0.797  1.00 16.77 ? 65  ASN B N   1 
ATOM   497  C CA  . ASN A 1 65  ? 6.358   10.826  -0.311  1.00 17.91 ? 65  ASN B CA  1 
ATOM   498  C C   . ASN A 1 65  ? 5.886   10.970  1.128   1.00 19.30 ? 65  ASN B C   1 
ATOM   499  O O   . ASN A 1 65  ? 4.808   10.482  1.458   1.00 20.86 ? 65  ASN B O   1 
ATOM   500  C CB  . ASN A 1 65  ? 5.697   11.976  -1.100  1.00 17.46 ? 65  ASN B CB  1 
ATOM   501  C CG  . ASN A 1 65  ? 5.415   11.640  -2.556  1.00 18.36 ? 65  ASN B CG  1 
ATOM   502  O OD1 . ASN A 1 65  ? 6.242   11.049  -3.237  1.00 20.31 ? 65  ASN B OD1 1 
ATOM   503  N ND2 . ASN A 1 65  ? 4.240   12.043  -3.044  1.00 18.04 ? 65  ASN B ND2 1 
ATOM   504  N N   . ILE A 1 66  ? 6.642   11.631  2.012   1.00 20.92 ? 66  ILE B N   1 
ATOM   505  C CA  . ILE A 1 66  ? 5.950   12.164  3.190   1.00 23.58 ? 66  ILE B CA  1 
ATOM   506  C C   . ILE A 1 66  ? 5.356   13.186  2.270   1.00 26.85 ? 66  ILE B C   1 
ATOM   507  O O   . ILE A 1 66  ? 6.105   13.917  1.608   1.00 29.43 ? 66  ILE B O   1 
ATOM   508  C CB  . ILE A 1 66  ? 6.804   12.917  4.219   1.00 21.78 ? 66  ILE B CB  1 
ATOM   509  C CG1 . ILE A 1 66  ? 7.786   11.994  4.943   1.00 20.85 ? 66  ILE B CG1 1 
ATOM   510  C CG2 . ILE A 1 66  ? 5.879   13.538  5.255   1.00 22.90 ? 66  ILE B CG2 1 
ATOM   511  C CD1 . ILE A 1 66  ? 7.524   11.865  6.431   1.00 18.68 ? 66  ILE B CD1 1 
ATOM   512  N N   . ARG A 1 67  ? 4.051   13.139  2.098   1.00 30.22 ? 67  ARG B N   1 
ATOM   513  C CA  . ARG A 1 67  ? 3.473   13.730  0.938   1.00 32.89 ? 67  ARG B CA  1 
ATOM   514  C C   . ARG A 1 67  ? 3.588   15.127  0.415   1.00 34.70 ? 67  ARG B C   1 
ATOM   515  O O   . ARG A 1 67  ? 3.936   15.264  -0.781  1.00 35.86 ? 67  ARG B O   1 
ATOM   516  C CB  . ARG A 1 67  ? 2.045   13.217  0.760   1.00 32.96 ? 67  ARG B CB  1 
ATOM   517  C CG  . ARG A 1 67  ? 1.929   12.232  -0.386  1.00 34.10 ? 67  ARG B CG  1 
ATOM   518  C CD  . ARG A 1 67  ? 0.467   12.077  -0.730  1.00 35.92 ? 67  ARG B CD  1 
ATOM   519  N NE  . ARG A 1 67  ? -0.185  13.383  -0.812  1.00 37.47 ? 67  ARG B NE  1 
ATOM   520  C CZ  . ARG A 1 67  ? -0.862  13.959  0.180   1.00 37.79 ? 67  ARG B CZ  1 
ATOM   521  N NH1 . ARG A 1 67  ? -0.999  13.351  1.352   1.00 35.77 ? 67  ARG B NH1 1 
ATOM   522  N NH2 . ARG A 1 67  ? -1.411  15.152  -0.009  1.00 38.13 ? 67  ARG B NH2 1 
ATOM   523  N N   . GLU A 1 68  ? 3.364   16.141  1.224   1.00 36.93 ? 68  GLU B N   1 
ATOM   524  C CA  . GLU A 1 68  ? 3.515   17.463  0.671   1.00 37.94 ? 68  GLU B CA  1 
ATOM   525  C C   . GLU A 1 68  ? 4.945   17.962  0.838   1.00 37.01 ? 68  GLU B C   1 
ATOM   526  O O   . GLU A 1 68  ? 5.187   19.052  1.382   1.00 34.30 ? 68  GLU B O   1 
ATOM   527  C CB  . GLU A 1 68  ? 2.380   18.375  1.133   1.00 38.53 ? 68  GLU B CB  1 
ATOM   528  C CG  . GLU A 1 68  ? 1.003   17.705  0.987   1.00 38.09 ? 68  GLU B CG  1 
ATOM   529  C CD  . GLU A 1 68  ? 0.318   17.952  -0.357  1.00 40.88 ? 68  GLU B CD  1 
ATOM   530  O OE1 . GLU A 1 68  ? 0.788   18.813  -1.128  1.00 41.83 ? 68  GLU B OE1 1 
ATOM   531  O OE2 . GLU A 1 68  ? -0.712  17.295  -0.639  1.00 39.80 ? 68  GLU B OE2 1 
ATOM   532  N N   . ILE A 1 69  ? 5.884   17.139  0.388   1.00 36.42 ? 69  ILE B N   1 
ATOM   533  C CA  . ILE A 1 69  ? 7.319   17.388  0.475   1.00 36.70 ? 69  ILE B CA  1 
ATOM   534  C C   . ILE A 1 69  ? 8.063   16.711  -0.667  1.00 36.24 ? 69  ILE B C   1 
ATOM   535  O O   . ILE A 1 69  ? 7.455   16.136  -1.573  1.00 33.44 ? 69  ILE B O   1 
ATOM   536  C CB  . ILE A 1 69  ? 7.943   16.673  1.702   1.00 36.65 ? 69  ILE B CB  1 
ATOM   537  C CG1 . ILE A 1 69  ? 7.032   16.594  2.920   1.00 38.22 ? 69  ILE B CG1 1 
ATOM   538  C CG2 . ILE A 1 69  ? 9.280   17.309  2.074   1.00 38.78 ? 69  ILE B CG2 1 
ATOM   539  C CD1 . ILE A 1 69  ? 7.620   15.700  3.998   1.00 36.97 ? 69  ILE B CD1 1 
ATOM   540  N N   . LEU A 1 70  ? 9.392   16.854  -0.598  1.00 35.23 ? 70  LEU B N   1 
ATOM   541  C CA  . LEU A 1 70  ? 10.434  16.173  -1.346  1.00 33.96 ? 70  LEU B CA  1 
ATOM   542  C C   . LEU A 1 70  ? 11.602  15.764  -0.344  1.00 32.65 ? 70  LEU B C   1 
ATOM   543  O O   . LEU A 1 70  ? 12.102  16.659  0.323   1.00 33.30 ? 70  LEU B O   1 
ATOM   544  C CB  . LEU A 1 70  ? 10.948  16.806  -2.583  1.00 36.07 ? 70  LEU B CB  1 
ATOM   545  C CG  . LEU A 1 70  ? 10.117  16.786  -3.860  1.00 38.64 ? 70  LEU B CG  1 
ATOM   546  C CD1 . LEU A 1 70  ? 9.410   15.462  -4.085  1.00 38.65 ? 70  LEU B CD1 1 
ATOM   547  C CD2 . LEU A 1 70  ? 9.140   17.948  -3.941  1.00 37.82 ? 70  LEU B CD2 1 
ATOM   548  N N   . PRO A 1 71  ? 12.044  14.484  -0.256  1.00 31.29 ? 71  PRO B N   1 
ATOM   549  C CA  . PRO A 1 71  ? 13.156  14.062  0.633   1.00 31.76 ? 71  PRO B CA  1 
ATOM   550  C C   . PRO A 1 71  ? 14.073  13.007  -0.004  1.00 31.53 ? 71  PRO B C   1 
ATOM   551  O O   . PRO A 1 71  ? 13.713  12.463  -1.050  1.00 34.44 ? 71  PRO B O   1 
ATOM   552  N N   . ARG A 1 72  ? 15.254  12.720  0.572   1.00 29.47 ? 72  ARG B N   1 
ATOM   553  C CA  . ARG A 1 72  ? 16.195  11.737  -0.067  1.00 29.58 ? 72  ARG B CA  1 
ATOM   554  C C   . ARG A 1 72  ? 16.140  10.227  0.268   1.00 29.47 ? 72  ARG B C   1 
ATOM   555  O O   . ARG A 1 72  ? 16.373  9.395   -0.626  1.00 28.99 ? 72  ARG B O   1 
ATOM   556  C CB  . ARG A 1 72  ? 17.661  12.167  0.092   1.00 28.26 ? 72  ARG B CB  1 
ATOM   557  C CG  . ARG A 1 72  ? 18.522  11.914  -1.147  1.00 28.21 ? 72  ARG B CG  1 
ATOM   558  C CD  . ARG A 1 72  ? 19.039  10.482  -1.333  1.00 28.66 ? 72  ARG B CD  1 
ATOM   559  N NE  . ARG A 1 72  ? 20.312  10.503  -2.060  1.00 28.21 ? 72  ARG B NE  1 
ATOM   560  C CZ  . ARG A 1 72  ? 20.863  9.471   -2.696  1.00 27.74 ? 72  ARG B CZ  1 
ATOM   561  N NH1 . ARG A 1 72  ? 20.258  8.289   -2.721  1.00 26.67 ? 72  ARG B NH1 1 
ATOM   562  N NH2 . ARG A 1 72  ? 22.031  9.628   -3.310  1.00 25.87 ? 72  ARG B NH2 1 
ATOM   563  N N   . THR A 1 73  ? 15.934  9.864   1.535   1.00 26.19 ? 73  THR B N   1 
ATOM   564  C CA  . THR A 1 73  ? 15.863  8.451   1.868   1.00 24.18 ? 73  THR B CA  1 
ATOM   565  C C   . THR A 1 73  ? 14.683  8.176   2.784   1.00 23.60 ? 73  THR B C   1 
ATOM   566  O O   . THR A 1 73  ? 14.229  9.050   3.517   1.00 23.77 ? 73  THR B O   1 
ATOM   567  C CB  . THR A 1 73  ? 17.202  7.895   2.428   1.00 23.86 ? 73  THR B CB  1 
ATOM   568  O OG1 . THR A 1 73  ? 18.088  7.602   1.342   1.00 22.03 ? 73  THR B OG1 1 
ATOM   569  C CG2 . THR A 1 73  ? 16.981  6.609   3.209   1.00 23.39 ? 73  THR B CG2 1 
ATOM   570  N N   . ILE A 1 74  ? 14.185  6.948   2.707   1.00 22.81 ? 74  ILE B N   1 
ATOM   571  C CA  . ILE A 1 74  ? 13.040  6.511   3.468   1.00 21.93 ? 74  ILE B CA  1 
ATOM   572  C C   . ILE A 1 74  ? 13.523  5.489   4.479   1.00 20.55 ? 74  ILE B C   1 
ATOM   573  O O   . ILE A 1 74  ? 13.760  4.343   4.153   1.00 19.66 ? 74  ILE B O   1 
ATOM   574  C CB  . ILE A 1 74  ? 11.961  5.896   2.543   1.00 22.22 ? 74  ILE B CB  1 
ATOM   575  C CG1 . ILE A 1 74  ? 11.645  6.836   1.399   1.00 22.12 ? 74  ILE B CG1 1 
ATOM   576  C CG2 . ILE A 1 74  ? 10.668  5.580   3.294   1.00 22.21 ? 74  ILE B CG2 1 
ATOM   577  C CD1 . ILE A 1 74  ? 10.383  6.448   0.647   1.00 25.39 ? 74  ILE B CD1 1 
ATOM   578  N N   . PHE A 1 75  ? 13.674  5.936   5.715   1.00 21.33 ? 75  PHE B N   1 
ATOM   579  C CA  . PHE A 1 75  ? 14.153  5.100   6.823   1.00 19.60 ? 75  PHE B CA  1 
ATOM   580  C C   . PHE A 1 75  ? 12.927  4.458   7.440   1.00 19.85 ? 75  PHE B C   1 
ATOM   581  O O   . PHE A 1 75  ? 11.829  5.038   7.445   1.00 20.68 ? 75  PHE B O   1 
ATOM   582  C CB  . PHE A 1 75  ? 14.888  5.966   7.837   1.00 18.30 ? 75  PHE B CB  1 
ATOM   583  C CG  . PHE A 1 75  ? 15.760  7.007   7.198   1.00 16.63 ? 75  PHE B CG  1 
ATOM   584  C CD1 . PHE A 1 75  ? 17.069  6.708   6.887   1.00 15.65 ? 75  PHE B CD1 1 
ATOM   585  C CD2 . PHE A 1 75  ? 15.257  8.269   6.857   1.00 14.89 ? 75  PHE B CD2 1 
ATOM   586  C CE1 . PHE A 1 75  ? 17.882  7.642   6.260   1.00 15.30 ? 75  PHE B CE1 1 
ATOM   587  C CE2 . PHE A 1 75  ? 16.071  9.204   6.244   1.00 14.85 ? 75  PHE B CE2 1 
ATOM   588  C CZ  . PHE A 1 75  ? 17.387  8.888   5.932   1.00 14.31 ? 75  PHE B CZ  1 
ATOM   589  N N   . THR A 1 76  ? 13.143  3.314   8.069   1.00 19.02 ? 76  THR B N   1 
ATOM   590  C CA  . THR A 1 76  ? 12.099  2.375   8.408   1.00 17.85 ? 76  THR B CA  1 
ATOM   591  C C   . THR A 1 76  ? 10.997  3.035   9.217   1.00 18.22 ? 76  THR B C   1 
ATOM   592  O O   . THR A 1 76  ? 9.824   2.782   8.967   1.00 18.99 ? 76  THR B O   1 
ATOM   593  C CB  . THR A 1 76  ? 12.700  1.204   9.212   1.00 17.96 ? 76  THR B CB  1 
ATOM   594  O OG1 . THR A 1 76  ? 13.787  0.626   8.477   1.00 18.24 ? 76  THR B OG1 1 
ATOM   595  C CG2 . THR A 1 76  ? 11.660  0.140   9.504   1.00 18.14 ? 76  THR B CG2 1 
ATOM   596  N N   . ASP A 1 77  ? 11.306  3.897   10.171  1.00 18.17 ? 77  ASP B N   1 
ATOM   597  C CA  . ASP A 1 77  ? 10.169  4.559   10.781  1.00 17.59 ? 77  ASP B CA  1 
ATOM   598  C C   . ASP A 1 77  ? 10.285  6.062   10.569  1.00 16.51 ? 77  ASP B C   1 
ATOM   599  O O   . ASP A 1 77  ? 10.958  6.806   11.304  1.00 15.50 ? 77  ASP B O   1 
ATOM   600  C CB  . ASP A 1 77  ? 10.160  4.261   12.286  1.00 19.65 ? 77  ASP B CB  1 
ATOM   601  C CG  . ASP A 1 77  ? 8.799   3.835   12.775  1.00 22.14 ? 77  ASP B CG  1 
ATOM   602  O OD1 . ASP A 1 77  ? 8.259   2.859   12.212  1.00 21.22 ? 77  ASP B OD1 1 
ATOM   603  O OD2 . ASP A 1 77  ? 8.263   4.472   13.706  1.00 24.01 ? 77  ASP B OD2 1 
ATOM   604  N N   . THR A 1 78  ? 9.560   6.467   9.535   1.00 16.86 ? 78  THR B N   1 
ATOM   605  C CA  . THR A 1 78  ? 9.345   7.831   9.120   1.00 15.66 ? 78  THR B CA  1 
ATOM   606  C C   . THR A 1 78  ? 7.978   7.745   8.408   1.00 15.33 ? 78  THR B C   1 
ATOM   607  O O   . THR A 1 78  ? 7.760   6.830   7.613   1.00 15.17 ? 78  THR B O   1 
ATOM   608  C CB  . THR A 1 78  ? 10.512  8.304   8.210   1.00 15.99 ? 78  THR B CB  1 
ATOM   609  O OG1 . THR A 1 78  ? 10.349  9.680   7.846   1.00 16.60 ? 78  THR B OG1 1 
ATOM   610  C CG2 . THR A 1 78  ? 10.646  7.438   6.952   1.00 15.29 ? 78  THR B CG2 1 
ATOM   611  N N   . GLU A 1 79  ? 7.062   8.671   8.685   1.00 14.91 ? 79  GLU B N   1 
ATOM   612  C CA  . GLU A 1 79  ? 5.729   8.657   8.059   1.00 14.36 ? 79  GLU B CA  1 
ATOM   613  C C   . GLU A 1 79  ? 5.782   8.834   6.536   1.00 13.19 ? 79  GLU B C   1 
ATOM   614  O O   . GLU A 1 79  ? 6.842   9.061   5.950   1.00 12.55 ? 79  GLU B O   1 
ATOM   615  C CB  . GLU A 1 79  ? 4.855   9.776   8.647   1.00 15.48 ? 79  GLU B CB  1 
ATOM   616  C CG  . GLU A 1 79  ? 3.339   9.671   8.398   1.00 16.04 ? 79  GLU B CG  1 
ATOM   617  C CD  . GLU A 1 79  ? 2.527   10.716  9.204   1.00 16.49 ? 79  GLU B CD  1 
ATOM   618  O OE1 . GLU A 1 79  ? 2.811   11.912  9.042   1.00 16.09 ? 79  GLU B OE1 1 
ATOM   619  O OE2 . GLU A 1 79  ? 1.627   10.371  10.011  1.00 14.75 ? 79  GLU B OE2 1 
ATOM   620  N N   . LEU A 1 80  ? 4.640   8.639   5.905   1.00 12.48 ? 80  LEU B N   1 
ATOM   621  C CA  . LEU A 1 80  ? 4.437   9.050   4.512   1.00 11.67 ? 80  LEU B CA  1 
ATOM   622  C C   . LEU A 1 80  ? 3.072   8.801   3.964   1.00 11.55 ? 80  LEU B C   1 
ATOM   623  O O   . LEU A 1 80  ? 2.318   7.974   4.481   1.00 10.81 ? 80  LEU B O   1 
ATOM   624  C CB  . LEU A 1 80  ? 5.474   8.512   3.542   1.00 11.56 ? 80  LEU B CB  1 
ATOM   625  C CG  . LEU A 1 80  ? 6.035   7.107   3.645   1.00 10.70 ? 80  LEU B CG  1 
ATOM   626  C CD1 . LEU A 1 80  ? 5.139   6.091   2.957   1.00 9.63  ? 80  LEU B CD1 1 
ATOM   627  C CD2 . LEU A 1 80  ? 7.386   7.235   2.967   1.00 10.21 ? 80  LEU B CD2 1 
ATOM   628  N N   . ASN A 1 81  ? 2.769   9.499   2.881   1.00 11.87 ? 81  ASN B N   1 
ATOM   629  C CA  . ASN A 1 81  ? 1.506   9.278   2.211   1.00 12.03 ? 81  ASN B CA  1 
ATOM   630  C C   . ASN A 1 81  ? 1.727   8.724   0.828   1.00 12.49 ? 81  ASN B C   1 
ATOM   631  O O   . ASN A 1 81  ? 2.429   9.297   -0.031  1.00 12.54 ? 81  ASN B O   1 
ATOM   632  C CB  . ASN A 1 81  ? 0.601   10.508  2.253   1.00 10.62 ? 81  ASN B CB  1 
ATOM   633  C CG  . ASN A 1 81  ? -0.232  10.533  3.513   1.00 11.27 ? 81  ASN B CG  1 
ATOM   634  O OD1 . ASN A 1 81  ? -1.329  9.954   3.557   1.00 10.94 ? 81  ASN B OD1 1 
ATOM   635  N ND2 . ASN A 1 81  ? 0.301   11.154  4.573   1.00 11.84 ? 81  ASN B ND2 1 
ATOM   636  N N   . ILE A 1 82  ? 1.114   7.578   0.628   1.00 12.31 ? 82  ILE B N   1 
ATOM   637  C CA  . ILE A 1 82  ? 1.321   6.871   -0.588  1.00 12.69 ? 82  ILE B CA  1 
ATOM   638  C C   . ILE A 1 82  ? 0.104   6.994   -1.533  1.00 12.73 ? 82  ILE B C   1 
ATOM   639  O O   . ILE A 1 82  ? -1.047  7.203   -1.103  1.00 11.26 ? 82  ILE B O   1 
ATOM   640  C CB  . ILE A 1 82  ? 1.775   5.428   -0.239  1.00 13.38 ? 82  ILE B CB  1 
ATOM   641  C CG1 . ILE A 1 82  ? 1.817   4.565   -1.484  1.00 13.75 ? 82  ILE B CG1 1 
ATOM   642  C CG2 . ILE A 1 82  ? 0.954   4.849   0.909   1.00 14.14 ? 82  ILE B CG2 1 
ATOM   643  C CD1 . ILE A 1 82  ? 3.016   4.930   -2.338  1.00 15.05 ? 82  ILE B CD1 1 
ATOM   644  N N   . GLU A 1 83  ? 0.399   6.917   -2.829  1.00 13.32 ? 83  GLU B N   1 
ATOM   645  C CA  . GLU A 1 83  ? -0.585  7.025   -3.892  1.00 13.38 ? 83  GLU B CA  1 
ATOM   646  C C   . GLU A 1 83  ? 0.000   6.426   -5.180  1.00 13.75 ? 83  GLU B C   1 
ATOM   647  O O   . GLU A 1 83  ? 1.225   6.364   -5.364  1.00 12.93 ? 83  GLU B O   1 
ATOM   648  C CB  . GLU A 1 83  ? -0.861  8.496   -4.158  1.00 14.74 ? 83  GLU B CB  1 
ATOM   649  C CG  . GLU A 1 83  ? -0.532  9.433   -3.007  1.00 14.97 ? 83  GLU B CG  1 
ATOM   650  C CD  . GLU A 1 83  ? -0.834  10.869  -3.354  1.00 15.45 ? 83  GLU B CD  1 
ATOM   651  O OE1 . GLU A 1 83  ? -0.202  11.361  -4.314  1.00 15.51 ? 83  GLU B OE1 1 
ATOM   652  O OE2 . GLU A 1 83  ? -1.687  11.494  -2.674  1.00 14.37 ? 83  GLU B OE2 1 
ATOM   653  N N   . PHE A 1 84  ? -0.886  5.992   -6.077  1.00 13.84 ? 84  PHE B N   1 
ATOM   654  C CA  . PHE A 1 84  ? -0.489  5.486   -7.402  1.00 12.88 ? 84  PHE B CA  1 
ATOM   655  C C   . PHE A 1 84  ? -0.130  6.694   -8.248  1.00 13.69 ? 84  PHE B C   1 
ATOM   656  O O   . PHE A 1 84  ? -0.350  7.839   -7.843  1.00 12.42 ? 84  PHE B O   1 
ATOM   657  C CB  . PHE A 1 84  ? -1.638  4.746   -8.098  1.00 11.03 ? 84  PHE B CB  1 
ATOM   658  C CG  . PHE A 1 84  ? -1.826  3.334   -7.649  1.00 9.33  ? 84  PHE B CG  1 
ATOM   659  C CD1 . PHE A 1 84  ? -0.875  2.370   -7.931  1.00 8.94  ? 84  PHE B CD1 1 
ATOM   660  C CD2 . PHE A 1 84  ? -2.965  2.951   -6.974  1.00 7.67  ? 84  PHE B CD2 1 
ATOM   661  C CE1 . PHE A 1 84  ? -1.067  1.042   -7.547  1.00 7.40  ? 84  PHE B CE1 1 
ATOM   662  C CE2 . PHE A 1 84  ? -3.153  1.642   -6.584  1.00 5.39  ? 84  PHE B CE2 1 
ATOM   663  C CZ  . PHE A 1 84  ? -2.207  0.683   -6.867  1.00 7.17  ? 84  PHE B CZ  1 
ATOM   664  N N   . THR A 1 85  ? 0.387   6.422   -9.440  1.00 15.74 ? 85  THR B N   1 
ATOM   665  C CA  . THR A 1 85  ? 0.834   7.468   -10.350 1.00 17.10 ? 85  THR B CA  1 
ATOM   666  C C   . THR A 1 85  ? -0.226  8.005   -11.309 1.00 19.21 ? 85  THR B C   1 
ATOM   667  O O   . THR A 1 85  ? 0.026   9.013   -11.970 1.00 20.36 ? 85  THR B O   1 
ATOM   668  C CB  . THR A 1 85  ? 2.023   6.964   -11.146 1.00 16.60 ? 85  THR B CB  1 
ATOM   669  O OG1 . THR A 1 85  ? 3.072   6.653   -10.226 1.00 16.17 ? 85  THR B OG1 1 
ATOM   670  C CG2 . THR A 1 85  ? 2.495   8.004   -12.129 1.00 17.17 ? 85  THR B CG2 1 
ATOM   671  N N   . GLU A 1 86  ? -1.350  7.308   -11.462 1.00 21.42 ? 86  GLU B N   1 
ATOM   672  C CA  . GLU A 1 86  ? -2.527  7.800   -12.185 1.00 23.76 ? 86  GLU B CA  1 
ATOM   673  C C   . GLU A 1 86  ? -3.870  7.288   -11.630 1.00 25.11 ? 86  GLU B C   1 
ATOM   674  O O   . GLU A 1 86  ? -4.135  6.134   -11.667 1.00 24.78 ? 86  GLU B O   1 
ATOM   675  C CB  . GLU A 1 86  ? -2.411  7.483   -13.676 1.00 23.59 ? 86  GLU B CB  1 
ATOM   676  C CG  . GLU A 1 86  ? -3.089  8.487   -14.568 1.00 24.47 ? 86  GLU B CG  1 
ATOM   677  C CD  . GLU A 1 86  ? -3.319  7.966   -15.942 1.00 26.11 ? 86  GLU B CD  1 
ATOM   678  O OE1 . GLU A 1 86  ? -2.629  7.011   -16.270 1.00 26.58 ? 86  GLU B OE1 1 
ATOM   679  O OE2 . GLU A 1 86  ? -4.163  8.519   -16.664 1.00 25.70 ? 86  GLU B OE2 1 
ATOM   680  N N   . LYS A 1 87  ? -4.743  8.155   -11.173 1.00 25.96 ? 87  LYS B N   1 
ATOM   681  C CA  . LYS A 1 87  ? -6.066  7.789   -10.631 1.00 28.09 ? 87  LYS B CA  1 
ATOM   682  C C   . LYS A 1 87  ? -7.071  7.396   -11.715 1.00 28.74 ? 87  LYS B C   1 
ATOM   683  O O   . LYS A 1 87  ? -6.982  7.901   -12.834 1.00 31.03 ? 87  LYS B O   1 
ATOM   684  C CB  . LYS A 1 87  ? -6.611  8.936   -9.768  1.00 27.17 ? 87  LYS B CB  1 
ATOM   685  C CG  . LYS A 1 87  ? -6.637  10.290  -10.462 1.00 27.40 ? 87  LYS B CG  1 
ATOM   686  C CD  . LYS A 1 87  ? -7.538  11.274  -9.732  1.00 26.63 ? 87  LYS B CD  1 
ATOM   687  C CE  . LYS A 1 87  ? -7.798  12.536  -10.543 1.00 25.64 ? 87  LYS B CE  1 
ATOM   688  N NZ  . LYS A 1 87  ? -8.786  13.401  -9.825  1.00 24.36 ? 87  LYS B NZ  1 
ATOM   689  N N   . PRO A 1 88  ? -8.022  6.482   -11.445 1.00 29.31 ? 88  PRO B N   1 
ATOM   690  C CA  . PRO A 1 88  ? -9.125  6.240   -12.418 1.00 31.19 ? 88  PRO B CA  1 
ATOM   691  C C   . PRO A 1 88  ? -9.757  7.594   -12.347 1.00 31.30 ? 88  PRO B C   1 
ATOM   692  O O   . PRO A 1 88  ? -9.881  8.149   -11.236 1.00 33.45 ? 88  PRO B O   1 
ATOM   693  C CB  . PRO A 1 88  ? -9.995  5.197   -11.724 1.00 31.49 ? 88  PRO B CB  1 
ATOM   694  C CG  . PRO A 1 88  ? -9.063  4.485   -10.793 1.00 31.19 ? 88  PRO B CG  1 
ATOM   695  C CD  . PRO A 1 88  ? -8.021  5.482   -10.352 1.00 30.18 ? 88  PRO B CD  1 
ATOM   696  N N   . ASN A 1 89  ? -10.177 8.144   -13.477 1.00 28.94 ? 89  ASN B N   1 
ATOM   697  C CA  . ASN A 1 89  ? -10.414 9.580   -13.552 1.00 28.09 ? 89  ASN B CA  1 
ATOM   698  C C   . ASN A 1 89  ? -11.401 10.108  -12.507 1.00 28.85 ? 89  ASN B C   1 
ATOM   699  O O   . ASN A 1 89  ? -11.392 11.305  -12.176 1.00 29.27 ? 89  ASN B O   1 
ATOM   700  C CB  . ASN A 1 89  ? -10.784 10.006  -14.980 1.00 24.62 ? 89  ASN B CB  1 
ATOM   701  C CG  . ASN A 1 89  ? -9.601  9.904   -15.928 1.00 22.60 ? 89  ASN B CG  1 
ATOM   702  O OD1 . ASN A 1 89  ? -8.728  9.044   -15.753 1.00 21.28 ? 89  ASN B OD1 1 
ATOM   703  N ND2 . ASN A 1 89  ? -9.552  10.784  -16.929 1.00 18.87 ? 89  ASN B ND2 1 
ATOM   704  N N   . CYS A 1 90  ? -12.206 9.208   -11.959 1.00 30.75 ? 90  CYS B N   1 
ATOM   705  C CA  . CYS A 1 90  ? -13.378 9.621   -11.186 1.00 32.78 ? 90  CYS B CA  1 
ATOM   706  C C   . CYS A 1 90  ? -13.437 9.524   -9.694  1.00 29.70 ? 90  CYS B C   1 
ATOM   707  O O   . CYS A 1 90  ? -14.342 10.070  -9.068  1.00 27.98 ? 90  CYS B O   1 
ATOM   708  C CB  . CYS A 1 90  ? -14.625 8.981   -11.791 1.00 37.02 ? 90  CYS B CB  1 
ATOM   709  S SG  . CYS A 1 90  ? -15.835 8.601   -10.528 1.00 45.77 ? 90  CYS B SG  1 
ATOM   710  N N   . ALA A 1 91  ? -12.470 8.843   -9.129  1.00 28.31 ? 91  ALA B N   1 
ATOM   711  C CA  . ALA A 1 91  ? -12.267 8.970   -7.721  1.00 27.13 ? 91  ALA B CA  1 
ATOM   712  C C   . ALA A 1 91  ? -11.509 10.292  -7.600  1.00 24.70 ? 91  ALA B C   1 
ATOM   713  O O   . ALA A 1 91  ? -10.862 10.742  -8.548  1.00 23.64 ? 91  ALA B O   1 
ATOM   714  C CB  . ALA A 1 91  ? -11.467 7.789   -7.208  1.00 28.85 ? 91  ALA B CB  1 
ATOM   715  N N   . GLU A 1 92  ? -11.641 10.935  -6.453  1.00 24.28 ? 92  GLU B N   1 
ATOM   716  C CA  . GLU A 1 92  ? -11.008 12.223  -6.223  1.00 24.82 ? 92  GLU B CA  1 
ATOM   717  C C   . GLU A 1 92  ? -9.453  12.190  -6.266  1.00 24.78 ? 92  GLU B C   1 
ATOM   718  O O   . GLU A 1 92  ? -8.848  12.819  -7.129  1.00 26.87 ? 92  GLU B O   1 
ATOM   719  C CB  . GLU A 1 92  ? -11.543 12.820  -4.922  1.00 23.85 ? 92  GLU B CB  1 
ATOM   720  C CG  . GLU A 1 92  ? -13.059 12.726  -4.809  1.00 23.47 ? 92  GLU B CG  1 
ATOM   721  C CD  . GLU A 1 92  ? -13.719 14.082  -4.586  1.00 23.13 ? 92  GLU B CD  1 
ATOM   722  O OE1 . GLU A 1 92  ? -13.189 14.893  -3.790  1.00 22.81 ? 92  GLU B OE1 1 
ATOM   723  O OE2 . GLU A 1 92  ? -14.766 14.343  -5.223  1.00 21.45 ? 92  GLU B OE2 1 
ATOM   724  N N   . ASN A 1 93  ? -8.804  11.432  -5.387  1.00 23.21 ? 93  ASN B N   1 
ATOM   725  C CA  . ASN A 1 93  ? -7.355  11.306  -5.477  1.00 21.35 ? 93  ASN B CA  1 
ATOM   726  C C   . ASN A 1 93  ? -6.914  9.869   -5.576  1.00 21.71 ? 93  ASN B C   1 
ATOM   727  O O   . ASN A 1 93  ? -7.732  8.955   -5.601  1.00 23.71 ? 93  ASN B O   1 
ATOM   728  C CB  . ASN A 1 93  ? -6.645  12.017  -4.317  1.00 20.35 ? 93  ASN B CB  1 
ATOM   729  C CG  . ASN A 1 93  ? -7.046  11.499  -2.966  1.00 19.41 ? 93  ASN B CG  1 
ATOM   730  O OD1 . ASN A 1 93  ? -7.873  10.603  -2.838  1.00 20.35 ? 93  ASN B OD1 1 
ATOM   731  N ND2 . ASN A 1 93  ? -6.465  12.081  -1.935  1.00 19.09 ? 93  ASN B ND2 1 
ATOM   732  N N   . ARG A 1 94  ? -5.613  9.658   -5.629  1.00 20.83 ? 94  ARG B N   1 
ATOM   733  C CA  . ARG A 1 94  ? -5.091  8.307   -5.702  1.00 19.98 ? 94  ARG B CA  1 
ATOM   734  C C   . ARG A 1 94  ? -4.546  7.871   -4.345  1.00 20.33 ? 94  ARG B C   1 
ATOM   735  O O   . ARG A 1 94  ? -4.135  6.696   -4.175  1.00 23.54 ? 94  ARG B O   1 
ATOM   736  C CB  . ARG A 1 94  ? -3.990  8.265   -6.757  1.00 18.98 ? 94  ARG B CB  1 
ATOM   737  C CG  . ARG A 1 94  ? -4.308  9.170   -7.927  1.00 17.16 ? 94  ARG B CG  1 
ATOM   738  C CD  . ARG A 1 94  ? -3.073  9.841   -8.501  1.00 15.67 ? 94  ARG B CD  1 
ATOM   739  N NE  . ARG A 1 94  ? -2.576  10.910  -7.647  1.00 13.11 ? 94  ARG B NE  1 
ATOM   740  C CZ  . ARG A 1 94  ? -1.548  11.686  -7.956  1.00 12.12 ? 94  ARG B CZ  1 
ATOM   741  N NH1 . ARG A 1 94  ? -0.912  11.516  -9.111  1.00 12.05 ? 94  ARG B NH1 1 
ATOM   742  N NH2 . ARG A 1 94  ? -1.161  12.638  -7.118  1.00 10.87 ? 94  ARG B NH2 1 
ATOM   743  N N   . ALA A 1 95  ? -4.521  8.808   -3.396  1.00 17.38 ? 95  ALA B N   1 
ATOM   744  C CA  . ALA A 1 95  ? -4.026  8.538   -2.055  1.00 16.14 ? 95  ALA B CA  1 
ATOM   745  C C   . ALA A 1 95  ? -4.725  7.380   -1.396  1.00 15.20 ? 95  ALA B C   1 
ATOM   746  O O   . ALA A 1 95  ? -5.883  7.147   -1.638  1.00 15.23 ? 95  ALA B O   1 
ATOM   747  C CB  . ALA A 1 95  ? -4.147  9.768   -1.187  1.00 17.94 ? 95  ALA B CB  1 
ATOM   748  N N   . TRP A 1 96  ? -4.008  6.647   -0.551  1.00 15.22 ? 96  TRP B N   1 
ATOM   749  C CA  . TRP A 1 96  ? -4.582  5.452   0.055   1.00 14.71 ? 96  TRP B CA  1 
ATOM   750  C C   . TRP A 1 96  ? -5.073  5.842   1.398   1.00 13.68 ? 96  TRP B C   1 
ATOM   751  O O   . TRP A 1 96  ? -4.313  6.314   2.256   1.00 11.76 ? 96  TRP B O   1 
ATOM   752  C CB  . TRP A 1 96  ? -3.434  4.362   0.160   1.00 15.66 ? 96  TRP B CB  1 
ATOM   753  C CG  . TRP A 1 96  ? -2.950  3.646   -1.127  1.00 16.04 ? 96  TRP B CG  1 
ATOM   754  C CD1 . TRP A 1 96  ? -3.269  3.962   -2.453  1.00 17.64 ? 96  TRP B CD1 1 
ATOM   755  C CD2 . TRP A 1 96  ? -2.008  2.484   -1.261  1.00 16.07 ? 96  TRP B CD2 1 
ATOM   756  N NE1 . TRP A 1 96  ? -2.651  3.114   -3.338  1.00 16.69 ? 96  TRP B NE1 1 
ATOM   757  C CE2 . TRP A 1 96  ? -1.890  2.219   -2.704  1.00 15.97 ? 96  TRP B CE2 1 
ATOM   758  C CE3 . TRP A 1 96  ? -1.310  1.687   -0.371  1.00 16.32 ? 96  TRP B CE3 1 
ATOM   759  C CZ2 . TRP A 1 96  ? -1.101  1.196   -3.197  1.00 16.00 ? 96  TRP B CZ2 1 
ATOM   760  C CZ3 . TRP A 1 96  ? -0.516  0.658   -0.899  1.00 15.22 ? 96  TRP B CZ3 1 
ATOM   761  C CH2 . TRP A 1 96  ? -0.421  0.426   -2.282  1.00 15.22 ? 96  TRP B CH2 1 
ATOM   762  N N   . SER A 1 97  ? -6.379  5.666   1.566   1.00 13.24 ? 97  SER B N   1 
ATOM   763  C CA  . SER A 1 97  ? -7.155  5.984   2.765   1.00 12.69 ? 97  SER B CA  1 
ATOM   764  C C   . SER A 1 97  ? -7.750  4.674   3.270   1.00 12.94 ? 97  SER B C   1 
ATOM   765  O O   . SER A 1 97  ? -7.941  3.759   2.499   1.00 13.97 ? 97  SER B O   1 
ATOM   766  C CB  . SER A 1 97  ? -8.280  6.981   2.427   1.00 10.96 ? 97  SER B CB  1 
ATOM   767  O OG  . SER A 1 97  ? -7.815  8.052   1.631   1.00 9.24  ? 97  SER B OG  1 
ATOM   768  N N   . LEU A 1 98  ? -8.065  4.577   4.553   1.00 13.99 ? 98  LEU B N   1 
ATOM   769  C CA  . LEU A 1 98  ? -8.629  3.328   5.090   1.00 13.91 ? 98  LEU B CA  1 
ATOM   770  C C   . LEU A 1 98  ? -10.058 3.444   5.574   1.00 14.04 ? 98  LEU B C   1 
ATOM   771  O O   . LEU A 1 98  ? -10.323 3.975   6.636   1.00 13.02 ? 98  LEU B O   1 
ATOM   772  C CB  . LEU A 1 98  ? -7.728  2.759   6.190   1.00 12.91 ? 98  LEU B CB  1 
ATOM   773  C CG  . LEU A 1 98  ? -6.615  2.001   5.491   1.00 11.86 ? 98  LEU B CG  1 
ATOM   774  C CD1 . LEU A 1 98  ? -5.277  2.268   6.137   1.00 12.45 ? 98  LEU B CD1 1 
ATOM   775  C CD2 . LEU A 1 98  ? -6.966  0.519   5.478   1.00 11.96 ? 98  LEU B CD2 1 
ATOM   776  N N   . PHE A 1 99  ? -10.962 2.918   4.752   1.00 15.79 ? 99  PHE B N   1 
ATOM   777  C CA  . PHE A 1 99  ? -12.413 2.891   4.992   1.00 17.17 ? 99  PHE B CA  1 
ATOM   778  C C   . PHE A 1 99  ? -12.757 1.866   6.076   1.00 20.17 ? 99  PHE B C   1 
ATOM   779  O O   . PHE A 1 99  ? -12.193 0.757   6.090   1.00 22.67 ? 99  PHE B O   1 
ATOM   780  C CB  . PHE A 1 99  ? -13.134 2.656   3.654   1.00 15.89 ? 99  PHE B CB  1 
ATOM   781  C CG  . PHE A 1 99  ? -12.750 3.657   2.586   1.00 14.81 ? 99  PHE B CG  1 
ATOM   782  C CD1 . PHE A 1 99  ? -11.441 3.718   2.103   1.00 14.75 ? 99  PHE B CD1 1 
ATOM   783  C CD2 . PHE A 1 99  ? -13.675 4.548   2.080   1.00 14.73 ? 99  PHE B CD2 1 
ATOM   784  C CE1 . PHE A 1 99  ? -11.077 4.634   1.136   1.00 14.25 ? 99  PHE B CE1 1 
ATOM   785  C CE2 . PHE A 1 99  ? -13.312 5.475   1.107   1.00 14.89 ? 99  PHE B CE2 1 
ATOM   786  C CZ  . PHE A 1 99  ? -12.014 5.517   0.635   1.00 14.46 ? 99  PHE B CZ  1 
ATOM   787  N N   . LYS A 1 100 ? -13.662 2.241   6.993   1.00 22.63 ? 100 LYS B N   1 
ATOM   788  C CA  . LYS A 1 100 ? -13.736 1.579   8.322   1.00 23.36 ? 100 LYS B CA  1 
ATOM   789  C C   . LYS A 1 100 ? -14.930 0.989   9.007   1.00 24.30 ? 100 LYS B C   1 
ATOM   790  O O   . LYS A 1 100 ? -15.968 1.646   9.133   1.00 25.23 ? 100 LYS B O   1 
ATOM   791  C CB  . LYS A 1 100 ? -13.237 2.559   9.429   1.00 22.79 ? 100 LYS B CB  1 
ATOM   792  C CG  . LYS A 1 100 ? -13.509 2.045   10.860  1.00 22.02 ? 100 LYS B CG  1 
ATOM   793  C CD  . LYS A 1 100 ? -14.666 2.730   11.616  1.00 22.40 ? 100 LYS B CD  1 
ATOM   794  C CE  . LYS A 1 100 ? -14.863 2.145   13.025  1.00 22.07 ? 100 LYS B CE  1 
ATOM   795  N NZ  . LYS A 1 100 ? -16.108 1.350   13.257  1.00 23.40 ? 100 LYS B NZ  1 
ATOM   796  N N   . GLY A 1 101 ? -14.692 -0.216  9.545   1.00 24.97 ? 101 GLY B N   1 
ATOM   797  C CA  . GLY A 1 101 ? -15.301 -0.799  10.730  1.00 25.75 ? 101 GLY B CA  1 
ATOM   798  C C   . GLY A 1 101 ? -16.610 -1.530  10.717  1.00 28.25 ? 101 GLY B C   1 
ATOM   799  O O   . GLY A 1 101 ? -17.048 -2.037  11.758  1.00 30.81 ? 101 GLY B O   1 
ATOM   800  N N   . ASP A 1 102 ? -17.230 -1.611  9.552   1.00 27.29 ? 102 ASP B N   1 
ATOM   801  C CA  . ASP A 1 102 ? -18.545 -2.196  9.440   1.00 27.96 ? 102 ASP B CA  1 
ATOM   802  C C   . ASP A 1 102 ? -18.836 -2.468  7.978   1.00 29.34 ? 102 ASP B C   1 
ATOM   803  O O   . ASP A 1 102 ? -17.929 -2.583  7.151   1.00 31.02 ? 102 ASP B O   1 
ATOM   804  C CB  . ASP A 1 102 ? -19.603 -1.231  9.993   1.00 27.89 ? 102 ASP B CB  1 
ATOM   805  C CG  . ASP A 1 102 ? -20.175 -1.665  11.357  1.00 29.49 ? 102 ASP B CG  1 
ATOM   806  O OD1 . ASP A 1 102 ? -19.662 -2.644  11.969  1.00 28.81 ? 102 ASP B OD1 1 
ATOM   807  O OD2 . ASP A 1 102 ? -21.157 -1.013  11.812  1.00 27.73 ? 102 ASP B OD2 1 
ATOM   808  N N   . ASP A 1 103 ? -20.120 -2.596  7.689   1.00 29.62 ? 103 ASP B N   1 
ATOM   809  C CA  . ASP A 1 103 ? -20.651 -2.581  6.325   1.00 31.39 ? 103 ASP B CA  1 
ATOM   810  C C   . ASP A 1 103 ? -20.072 -3.505  5.277   1.00 31.24 ? 103 ASP B C   1 
ATOM   811  O O   . ASP A 1 103 ? -20.038 -3.141  4.102   1.00 32.01 ? 103 ASP B O   1 
ATOM   812  C CB  . ASP A 1 103 ? -20.646 -1.168  5.763   1.00 32.14 ? 103 ASP B CB  1 
ATOM   813  C CG  . ASP A 1 103 ? -22.012 -0.613  5.630   1.00 31.69 ? 103 ASP B CG  1 
ATOM   814  O OD1 . ASP A 1 103 ? -22.880 -1.350  5.119   1.00 31.10 ? 103 ASP B OD1 1 
ATOM   815  O OD2 . ASP A 1 103 ? -22.219 0.551   6.042   1.00 34.19 ? 103 ASP B OD2 1 
ATOM   816  N N   . ARG A 1 104 ? -19.644 -4.695  5.656   1.00 30.70 ? 104 ARG B N   1 
ATOM   817  C CA  . ARG A 1 104 ? -19.297 -5.651  4.617   1.00 32.92 ? 104 ARG B CA  1 
ATOM   818  C C   . ARG A 1 104 ? -18.067 -5.192  3.772   1.00 34.28 ? 104 ARG B C   1 
ATOM   819  O O   . ARG A 1 104 ? -17.837 -5.660  2.647   1.00 32.36 ? 104 ARG B O   1 
ATOM   820  C CB  . ARG A 1 104 ? -20.541 -5.905  3.743   1.00 32.24 ? 104 ARG B CB  1 
ATOM   821  C CG  . ARG A 1 104 ? -21.825 -6.059  4.560   1.00 31.99 ? 104 ARG B CG  1 
ATOM   822  C CD  . ARG A 1 104 ? -23.021 -6.578  3.756   1.00 32.18 ? 104 ARG B CD  1 
ATOM   823  N NE  . ARG A 1 104 ? -24.253 -6.553  4.549   1.00 28.05 ? 104 ARG B NE  1 
ATOM   824  C CZ  . ARG A 1 104 ? -24.715 -7.590  5.234   1.00 25.88 ? 104 ARG B CZ  1 
ATOM   825  N NH1 . ARG A 1 104 ? -24.071 -8.742  5.200   1.00 25.67 ? 104 ARG B NH1 1 
ATOM   826  N NH2 . ARG A 1 104 ? -25.825 -7.478  5.946   1.00 25.65 ? 104 ARG B NH2 1 
ATOM   827  N N   . GLY A 1 105 ? -17.299 -4.254  4.330   1.00 35.80 ? 105 GLY B N   1 
ATOM   828  C CA  . GLY A 1 105 ? -15.952 -3.935  3.860   1.00 36.11 ? 105 GLY B CA  1 
ATOM   829  C C   . GLY A 1 105 ? -15.040 -4.720  4.787   1.00 38.08 ? 105 GLY B C   1 
ATOM   830  O O   . GLY A 1 105 ? -13.989 -5.243  4.384   1.00 36.72 ? 105 GLY B O   1 
ATOM   831  N N   . HIS A 1 106 ? -15.454 -4.750  6.056   1.00 38.65 ? 106 HIS B N   1 
ATOM   832  C CA  . HIS A 1 106 ? -15.111 -5.797  7.013   1.00 40.49 ? 106 HIS B CA  1 
ATOM   833  C C   . HIS A 1 106 ? -13.675 -5.947  7.544   1.00 42.56 ? 106 HIS B C   1 
ATOM   834  O O   . HIS A 1 106 ? -13.352 -6.930  8.239   1.00 44.52 ? 106 HIS B O   1 
ATOM   835  C CB  . HIS A 1 106 ? -15.500 -7.168  6.407   1.00 40.15 ? 106 HIS B CB  1 
ATOM   836  C CG  . HIS A 1 106 ? -16.662 -7.850  7.075   1.00 41.09 ? 106 HIS B CG  1 
ATOM   837  N ND1 . HIS A 1 106 ? -17.804 -8.222  6.386   1.00 42.23 ? 106 HIS B ND1 1 
ATOM   838  C CD2 . HIS A 1 106 ? -16.844 -8.270  8.347   1.00 40.73 ? 106 HIS B CD2 1 
ATOM   839  C CE1 . HIS A 1 106 ? -18.640 -8.825  7.212   1.00 41.70 ? 106 HIS B CE1 1 
ATOM   840  N NE2 . HIS A 1 106 ? -18.080 -8.867  8.412   1.00 42.32 ? 106 HIS B NE2 1 
ATOM   841  N N   . LYS A 1 107 ? -12.825 -5.000  7.181   1.00 40.88 ? 107 LYS B N   1 
ATOM   842  C CA  . LYS A 1 107 ? -11.505 -4.787  7.761   1.00 41.02 ? 107 LYS B CA  1 
ATOM   843  C C   . LYS A 1 107 ? -11.438 -3.308  7.399   1.00 41.64 ? 107 LYS B C   1 
ATOM   844  O O   . LYS A 1 107 ? -12.445 -2.765  6.925   1.00 43.67 ? 107 LYS B O   1 
ATOM   845  C CB  . LYS A 1 107 ? -10.403 -5.625  7.069   1.00 39.20 ? 107 LYS B CB  1 
ATOM   846  C CG  . LYS A 1 107 ? -10.095 -7.023  7.658   1.00 37.45 ? 107 LYS B CG  1 
ATOM   847  C CD  . LYS A 1 107 ? -9.008  -7.056  8.759   1.00 34.85 ? 107 LYS B CD  1 
ATOM   848  C CE  . LYS A 1 107 ? -8.523  -8.472  9.116   1.00 29.98 ? 107 LYS B CE  1 
ATOM   849  N NZ  . LYS A 1 107 ? -9.591  -9.422  9.538   1.00 26.31 ? 107 LYS B NZ  1 
ATOM   850  N N   . ALA A 1 108 ? -10.322 -2.623  7.631   1.00 41.06 ? 108 ALA B N   1 
ATOM   851  C CA  . ALA A 1 108 ? -10.187 -1.280  7.039   1.00 40.12 ? 108 ALA B CA  1 
ATOM   852  C C   . ALA A 1 108 ? -9.592  -1.450  5.629   1.00 40.03 ? 108 ALA B C   1 
ATOM   853  O O   . ALA A 1 108 ? -8.392  -1.756  5.464   1.00 36.81 ? 108 ALA B O   1 
ATOM   854  C CB  . ALA A 1 108 ? -9.353  -0.351  7.911   1.00 38.28 ? 108 ALA B CB  1 
ATOM   855  N N   . ARG A 1 109 ? -10.453 -1.296  4.617   1.00 37.94 ? 109 ARG B N   1 
ATOM   856  C CA  . ARG A 1 109 ? -10.058 -1.603  3.235   1.00 34.76 ? 109 ARG B CA  1 
ATOM   857  C C   . ARG A 1 109 ? -9.148  -0.518  2.653   1.00 32.37 ? 109 ARG B C   1 
ATOM   858  O O   . ARG A 1 109 ? -9.263  0.663   3.004   1.00 31.83 ? 109 ARG B O   1 
ATOM   859  C CB  . ARG A 1 109 ? -11.283 -1.815  2.355   1.00 30.85 ? 109 ARG B CB  1 
ATOM   860  C CG  . ARG A 1 109 ? -12.530 -2.094  3.153   1.00 28.76 ? 109 ARG B CG  1 
ATOM   861  C CD  . ARG A 1 109 ? -13.709 -1.344  2.553   1.00 29.29 ? 109 ARG B CD  1 
ATOM   862  N NE  . ARG A 1 109 ? -14.922 -1.351  3.387   1.00 27.70 ? 109 ARG B NE  1 
ATOM   863  C CZ  . ARG A 1 109 ? -15.035 -0.801  4.598   1.00 27.02 ? 109 ARG B CZ  1 
ATOM   864  N NH1 . ARG A 1 109 ? -16.194 -0.870  5.239   1.00 26.23 ? 109 ARG B NH1 1 
ATOM   865  N NH2 . ARG A 1 109 ? -13.982 -0.272  5.221   1.00 25.66 ? 109 ARG B NH2 1 
ATOM   866  N N   . VAL A 1 110 ? -8.233  -0.945  1.785   1.00 29.43 ? 110 VAL B N   1 
ATOM   867  C CA  . VAL A 1 110 ? -7.353  -0.044  1.033   1.00 28.27 ? 110 VAL B CA  1 
ATOM   868  C C   . VAL A 1 110 ? -8.189  0.858   0.112   1.00 26.79 ? 110 VAL B C   1 
ATOM   869  O O   . VAL A 1 110 ? -8.863  0.383   -0.814  1.00 26.61 ? 110 VAL B O   1 
ATOM   870  C CB  . VAL A 1 110 ? -6.351  -0.854  0.171   1.00 28.78 ? 110 VAL B CB  1 
ATOM   871  C CG1 . VAL A 1 110 ? -7.064  -1.514  -1.020  1.00 28.70 ? 110 VAL B CG1 1 
ATOM   872  C CG2 . VAL A 1 110 ? -5.194  0.018   -0.280  1.00 26.55 ? 110 VAL B CG2 1 
ATOM   873  N N   . GLY A 1 111 ? -8.162  2.155   0.351   1.00 24.76 ? 111 GLY B N   1 
ATOM   874  C CA  . GLY A 1 111 ? -9.021  3.011   -0.424  1.00 24.87 ? 111 GLY B CA  1 
ATOM   875  C C   . GLY A 1 111 ? -8.405  4.198   -1.111  1.00 24.15 ? 111 GLY B C   1 
ATOM   876  O O   . GLY A 1 111 ? -7.745  4.987   -0.461  1.00 24.53 ? 111 GLY B O   1 
ATOM   877  N N   . ILE A 1 112 ? -8.645  4.319   -2.420  1.00 23.39 ? 112 ILE B N   1 
ATOM   878  C CA  . ILE A 1 112 ? -8.292  5.507   -3.192  1.00 24.13 ? 112 ILE B CA  1 
ATOM   879  C C   . ILE A 1 112 ? -9.601  6.290   -3.319  1.00 27.01 ? 112 ILE B C   1 
ATOM   880  O O   . ILE A 1 112 ? -10.677 5.700   -3.221  1.00 28.18 ? 112 ILE B O   1 
ATOM   881  C CB  . ILE A 1 112 ? -7.661  5.160   -4.588  1.00 22.72 ? 112 ILE B CB  1 
ATOM   882  C CG1 . ILE A 1 112 ? -8.714  5.039   -5.714  1.00 22.28 ? 112 ILE B CG1 1 
ATOM   883  C CG2 . ILE A 1 112 ? -6.812  3.900   -4.525  1.00 20.88 ? 112 ILE B CG2 1 
ATOM   884  C CD1 . ILE A 1 112 ? -8.845  6.261   -6.617  1.00 20.76 ? 112 ILE B CD1 1 
ATOM   885  N N   . GLY A 1 113 ? -9.522  7.605   -3.528  1.00 28.64 ? 113 GLY B N   1 
ATOM   886  C CA  . GLY A 1 113 ? -10.714 8.451   -3.611  1.00 29.13 ? 113 GLY B CA  1 
ATOM   887  C C   . GLY A 1 113 ? -11.018 9.093   -2.269  1.00 31.49 ? 113 GLY B C   1 
ATOM   888  O O   . GLY A 1 113 ? -10.709 8.518   -1.205  1.00 30.32 ? 113 GLY B O   1 
ATOM   889  N N   . GLY A 1 114 ? -11.652 10.269  -2.367  1.00 32.75 ? 114 GLY B N   1 
ATOM   890  C CA  . GLY A 1 114 ? -12.004 11.134  -1.237  1.00 33.70 ? 114 GLY B CA  1 
ATOM   891  C C   . GLY A 1 114 ? -13.317 11.052  -0.503  1.00 32.84 ? 114 GLY B C   1 
ATOM   892  O O   . GLY A 1 114 ? -13.519 11.693  0.522   1.00 32.24 ? 114 GLY B O   1 
ATOM   893  N N   . SER A 1 115 ? -14.347 10.401  -1.049  1.00 32.21 ? 115 SER B N   1 
ATOM   894  C CA  . SER A 1 115 ? -15.712 10.237  -0.433  1.00 31.02 ? 115 SER B CA  1 
ATOM   895  C C   . SER A 1 115 ? -15.693 8.719   -0.774  1.00 33.35 ? 115 SER B C   1 
ATOM   896  O O   . SER A 1 115 ? -14.689 8.144   -1.220  1.00 34.33 ? 115 SER B O   1 
ATOM   897  C CB  . SER A 1 115 ? -16.789 10.892  -1.298  1.00 28.15 ? 115 SER B CB  1 
ATOM   898  O OG  . SER A 1 115 ? -16.377 12.115  -1.890  1.00 25.41 ? 115 SER B OG  1 
ATOM   899  N N   . ASN A 1 116 ? -16.788 8.073   -0.471  1.00 34.43 ? 116 ASN B N   1 
ATOM   900  C CA  . ASN A 1 116 ? -17.260 6.831   -0.967  1.00 35.30 ? 116 ASN B CA  1 
ATOM   901  C C   . ASN A 1 116 ? -18.545 6.807   -1.746  1.00 38.27 ? 116 ASN B C   1 
ATOM   902  O O   . ASN A 1 116 ? -19.400 7.687   -1.645  1.00 38.41 ? 116 ASN B O   1 
ATOM   903  C CB  . ASN A 1 116 ? -17.260 5.851   0.209   1.00 26.71 ? 116 ASN B CB  1 
ATOM   904  C CG  . ASN A 1 116 ? -16.711 4.487   -0.185  1.00 24.78 ? 116 ASN B CG  1 
ATOM   905  O OD1 . ASN A 1 116 ? -16.060 4.349   -1.223  1.00 23.79 ? 116 ASN B OD1 1 
ATOM   906  N ND2 . ASN A 1 116 ? -16.965 3.476   0.638   1.00 23.54 ? 116 ASN B ND2 1 
ATOM   907  N N   . GLY A 1 117 ? -18.645 5.768   -2.534  1.00 41.28 ? 117 GLY B N   1 
ATOM   908  C CA  . GLY A 1 117 ? -19.847 5.417   -3.220  1.00 43.09 ? 117 GLY B CA  1 
ATOM   909  C C   . GLY A 1 117 ? -19.785 4.011   -2.706  1.00 42.88 ? 117 GLY B C   1 
ATOM   910  O O   . GLY A 1 117 ? -18.703 3.474   -2.455  1.00 43.47 ? 117 GLY B O   1 
ATOM   911  N N   . HIS A 1 118 ? -20.945 3.362   -2.567  1.00 41.60 ? 118 HIS B N   1 
ATOM   912  C CA  . HIS A 1 118 ? -21.095 1.945   -2.116  1.00 43.10 ? 118 HIS B CA  1 
ATOM   913  C C   . HIS A 1 118 ? -20.649 1.463   -0.701  1.00 41.51 ? 118 HIS B C   1 
ATOM   914  O O   . HIS A 1 118 ? -21.049 2.047   0.305   1.00 44.38 ? 118 HIS B O   1 
ATOM   915  C CB  . HIS A 1 118 ? -20.608 0.965   -3.197  1.00 44.23 ? 118 HIS B CB  1 
ATOM   916  C CG  . HIS A 1 118 ? -21.204 -0.408  -3.083  1.00 44.93 ? 118 HIS B CG  1 
ATOM   917  N ND1 . HIS A 1 118 ? -20.602 -1.529  -3.612  1.00 44.30 ? 118 HIS B ND1 1 
ATOM   918  C CD2 . HIS A 1 118 ? -22.343 -0.838  -2.489  1.00 45.15 ? 118 HIS B CD2 1 
ATOM   919  C CE1 . HIS A 1 118 ? -21.350 -2.590  -3.357  1.00 45.14 ? 118 HIS B CE1 1 
ATOM   920  N NE2 . HIS A 1 118 ? -22.409 -2.198  -2.675  1.00 44.65 ? 118 HIS B NE2 1 
ATOM   921  N N   . PRO A 1 119 ? -19.861 0.381   -0.641  1.00 39.12 ? 119 PRO B N   1 
ATOM   922  C CA  . PRO A 1 119 ? -19.536 -0.345  0.605   1.00 38.26 ? 119 PRO B CA  1 
ATOM   923  C C   . PRO A 1 119 ? -18.705 0.394   1.663   1.00 36.73 ? 119 PRO B C   1 
ATOM   924  O O   . PRO A 1 119 ? -17.923 1.278   1.311   1.00 35.65 ? 119 PRO B O   1 
ATOM   925  C CB  . PRO A 1 119 ? -18.750 -1.554  0.094   1.00 38.01 ? 119 PRO B CB  1 
ATOM   926  C CG  . PRO A 1 119 ? -18.067 -1.050  -1.133  1.00 39.05 ? 119 PRO B CG  1 
ATOM   927  C CD  . PRO A 1 119 ? -18.942 0.024   -1.736  1.00 40.02 ? 119 PRO B CD  1 
ATOM   928  N N   . GLY A 1 120 ? -18.881 0.042   2.942   1.00 34.19 ? 120 GLY B N   1 
ATOM   929  C CA  . GLY A 1 120 ? -18.182 0.767   4.001   1.00 31.71 ? 120 GLY B CA  1 
ATOM   930  C C   . GLY A 1 120 ? -18.557 2.235   3.962   1.00 29.52 ? 120 GLY B C   1 
ATOM   931  O O   . GLY A 1 120 ? -19.743 2.554   3.898   1.00 27.66 ? 120 GLY B O   1 
ATOM   932  N N   . GLY A 1 121 ? -17.572 3.135   4.016   1.00 27.76 ? 121 GLY B N   1 
ATOM   933  C CA  . GLY A 1 121 ? -17.923 4.535   3.894   1.00 27.30 ? 121 GLY B CA  1 
ATOM   934  C C   . GLY A 1 121 ? -16.976 5.597   4.366   1.00 27.85 ? 121 GLY B C   1 
ATOM   935  O O   . GLY A 1 121 ? -16.463 6.358   3.547   1.00 27.30 ? 121 GLY B O   1 
ATOM   936  N N   . GLU A 1 122 ? -16.775 5.678   5.685   1.00 27.92 ? 122 GLU B N   1 
ATOM   937  C CA  . GLU A 1 122 ? -15.915 6.704   6.263   1.00 25.42 ? 122 GLU B CA  1 
ATOM   938  C C   . GLU A 1 122 ? -14.498 6.177   6.333   1.00 24.04 ? 122 GLU B C   1 
ATOM   939  O O   . GLU A 1 122 ? -14.212 5.233   7.048   1.00 24.21 ? 122 GLU B O   1 
ATOM   940  C CB  . GLU A 1 122 ? -16.429 7.143   7.644   1.00 26.35 ? 122 GLU B CB  1 
ATOM   941  C CG  . GLU A 1 122 ? -16.202 8.635   7.931   1.00 28.59 ? 122 GLU B CG  1 
ATOM   942  C CD  . GLU A 1 122 ? -17.257 9.265   8.847   1.00 29.00 ? 122 GLU B CD  1 
ATOM   943  O OE1 . GLU A 1 122 ? -18.441 8.840   8.786   1.00 28.49 ? 122 GLU B OE1 1 
ATOM   944  O OE2 . GLU A 1 122 ? -16.902 10.197  9.618   1.00 28.65 ? 122 GLU B OE2 1 
ATOM   945  N N   . MET A 1 123 ? -13.630 6.791   5.547   1.00 23.99 ? 123 MET B N   1 
ATOM   946  C CA  . MET A 1 123 ? -12.195 6.490   5.497   1.00 24.73 ? 123 MET B CA  1 
ATOM   947  C C   . MET A 1 123 ? -11.433 7.076   6.702   1.00 24.03 ? 123 MET B C   1 
ATOM   948  O O   . MET A 1 123 ? -11.454 8.289   6.915   1.00 24.66 ? 123 MET B O   1 
ATOM   949  C CB  . MET A 1 123 ? -11.607 7.072   4.192   1.00 25.89 ? 123 MET B CB  1 
ATOM   950  C CG  . MET A 1 123 ? -11.593 8.615   4.157   1.00 26.29 ? 123 MET B CG  1 
ATOM   951  S SD  . MET A 1 123 ? -10.985 9.279   2.588   1.00 30.25 ? 123 MET B SD  1 
ATOM   952  C CE  . MET A 1 123 ? -10.314 10.869  3.113   1.00 27.89 ? 123 MET B CE  1 
ATOM   953  N N   . LEU A 1 124 ? -10.734 6.239   7.465   1.00 22.92 ? 124 LEU B N   1 
ATOM   954  C CA  . LEU A 1 124 ? -9.984  6.724   8.634   1.00 22.51 ? 124 LEU B CA  1 
ATOM   955  C C   . LEU A 1 124 ? -8.863  7.683   8.260   1.00 23.28 ? 124 LEU B C   1 
ATOM   956  O O   . LEU A 1 124 ? -8.358  7.686   7.126   1.00 23.91 ? 124 LEU B O   1 
ATOM   957  C CB  . LEU A 1 124 ? -9.402  5.570   9.473   1.00 21.45 ? 124 LEU B CB  1 
ATOM   958  C CG  . LEU A 1 124 ? -10.194 5.018   10.668  1.00 20.92 ? 124 LEU B CG  1 
ATOM   959  C CD1 . LEU A 1 124 ? -9.842  3.549   10.894  1.00 19.90 ? 124 LEU B CD1 1 
ATOM   960  C CD2 . LEU A 1 124 ? -9.971  5.846   11.937  1.00 20.02 ? 124 LEU B CD2 1 
ATOM   961  N N   . ARG A 1 125 ? -8.475  8.491   9.234   1.00 22.56 ? 125 ARG B N   1 
ATOM   962  C CA  . ARG A 1 125 ? -7.405  9.440   9.051   1.00 22.78 ? 125 ARG B CA  1 
ATOM   963  C C   . ARG A 1 125 ? -6.108  8.713   9.439   1.00 23.34 ? 125 ARG B C   1 
ATOM   964  O O   . ARG A 1 125 ? -6.139  7.790   10.274  1.00 23.32 ? 125 ARG B O   1 
ATOM   965  C CB  . ARG A 1 125 ? -7.668  10.685  9.931   1.00 21.22 ? 125 ARG B CB  1 
ATOM   966  C CG  . ARG A 1 125 ? -8.546  11.773  9.291   1.00 20.48 ? 125 ARG B CG  1 
ATOM   967  C CD  . ARG A 1 125 ? -9.794  12.187  10.097  1.00 16.97 ? 125 ARG B CD  1 
ATOM   968  N NE  . ARG A 1 125 ? -10.846 11.176  9.953   1.00 15.73 ? 125 ARG B NE  1 
ATOM   969  C CZ  . ARG A 1 125 ? -12.138 11.326  10.269  1.00 14.06 ? 125 ARG B CZ  1 
ATOM   970  N NH1 . ARG A 1 125 ? -12.620 12.470  10.765  1.00 12.73 ? 125 ARG B NH1 1 
ATOM   971  N NH2 . ARG A 1 125 ? -12.958 10.304  10.084  1.00 12.48 ? 125 ARG B NH2 1 
ATOM   972  N N   . GLY A 1 126 ? -4.987  9.104   8.833   1.00 22.41 ? 126 GLY B N   1 
ATOM   973  C CA  . GLY A 1 126 ? -3.693  8.593   9.214   1.00 20.87 ? 126 GLY B CA  1 
ATOM   974  C C   . GLY A 1 126 ? -2.573  8.607   8.179   1.00 20.03 ? 126 GLY B C   1 
ATOM   975  O O   . GLY A 1 126 ? -2.813  8.744   6.983   1.00 18.32 ? 126 GLY B O   1 
ATOM   976  N N   . GLY A 1 127 ? -1.349  8.443   8.696   1.00 17.63 ? 127 GLY B N   1 
ATOM   977  C CA  . GLY A 1 127 ? -0.147  8.407   7.892   1.00 14.97 ? 127 GLY B CA  1 
ATOM   978  C C   . GLY A 1 127 ? 0.451   7.023   7.953   1.00 13.64 ? 127 GLY B C   1 
ATOM   979  O O   . GLY A 1 127 ? 0.385   6.334   8.980   1.00 12.23 ? 127 GLY B O   1 
ATOM   980  N N   . PHE A 1 128 ? 1.031   6.605   6.842   1.00 13.38 ? 128 PHE B N   1 
ATOM   981  C CA  . PHE A 1 128 ? 1.525   5.252   6.730   1.00 13.36 ? 128 PHE B CA  1 
ATOM   982  C C   . PHE A 1 128 ? 2.909   5.069   7.352   1.00 13.80 ? 128 PHE B C   1 
ATOM   983  O O   . PHE A 1 128 ? 3.403   5.954   8.011   1.00 13.82 ? 128 PHE B O   1 
ATOM   984  C CB  . PHE A 1 128 ? 1.529   4.831   5.273   1.00 12.37 ? 128 PHE B CB  1 
ATOM   985  C CG  . PHE A 1 128 ? 0.388   3.964   4.879   1.00 11.34 ? 128 PHE B CG  1 
ATOM   986  C CD1 . PHE A 1 128 ? 0.018   2.869   5.660   1.00 11.75 ? 128 PHE B CD1 1 
ATOM   987  C CD2 . PHE A 1 128 ? -0.256  4.170   3.660   1.00 12.27 ? 128 PHE B CD2 1 
ATOM   988  C CE1 . PHE A 1 128 ? -1.011  2.002   5.272   1.00 11.17 ? 128 PHE B CE1 1 
ATOM   989  C CE2 . PHE A 1 128 ? -1.283  3.313   3.244   1.00 12.73 ? 128 PHE B CE2 1 
ATOM   990  C CZ  . PHE A 1 128 ? -1.670  2.230   4.065   1.00 12.93 ? 128 PHE B CZ  1 
ATOM   991  N N   . TYR A 1 129 ? 3.506   3.899   7.135   1.00 15.37 ? 129 TYR B N   1 
ATOM   992  C CA  . TYR A 1 129 ? 4.834   3.552   7.632   1.00 16.97 ? 129 TYR B CA  1 
ATOM   993  C C   . TYR A 1 129 ? 5.412   2.364   6.852   1.00 18.23 ? 129 TYR B C   1 
ATOM   994  O O   . TYR A 1 129 ? 4.873   2.012   5.806   1.00 20.73 ? 129 TYR B O   1 
ATOM   995  C CB  . TYR A 1 129 ? 4.760   3.244   9.136   1.00 16.06 ? 129 TYR B CB  1 
ATOM   996  C CG  . TYR A 1 129 ? 5.062   4.439   9.997   1.00 14.67 ? 129 TYR B CG  1 
ATOM   997  C CD1 . TYR A 1 129 ? 6.288   5.053   9.933   1.00 13.84 ? 129 TYR B CD1 1 
ATOM   998  C CD2 . TYR A 1 129 ? 4.095   4.979   10.850  1.00 14.57 ? 129 TYR B CD2 1 
ATOM   999  C CE1 . TYR A 1 129 ? 6.557   6.154   10.709  1.00 14.62 ? 129 TYR B CE1 1 
ATOM   1000 C CE2 . TYR A 1 129 ? 4.361   6.085   11.633  1.00 13.28 ? 129 TYR B CE2 1 
ATOM   1001 C CZ  . TYR A 1 129 ? 5.593   6.656   11.556  1.00 14.10 ? 129 TYR B CZ  1 
ATOM   1002 O OH  . TYR A 1 129 ? 5.891   7.753   12.303  1.00 16.18 ? 129 TYR B OH  1 
ATOM   1003 N N   . GLY A 1 130 ? 6.500   1.749   7.330   1.00 18.58 ? 130 GLY B N   1 
ATOM   1004 C CA  . GLY A 1 130 ? 6.931   0.490   6.714   1.00 19.49 ? 130 GLY B CA  1 
ATOM   1005 C C   . GLY A 1 130 ? 8.262   -0.147  7.053   1.00 19.64 ? 130 GLY B C   1 
ATOM   1006 O O   . GLY A 1 130 ? 9.026   0.387   7.820   1.00 20.41 ? 130 GLY B O   1 
ATOM   1007 N N   . GLU A 1 131 ? 8.501   -1.314  6.456   1.00 20.75 ? 131 GLU B N   1 
ATOM   1008 C CA  . GLU A 1 131 ? 9.773   -2.066  6.466   1.00 21.31 ? 131 GLU B CA  1 
ATOM   1009 C C   . GLU A 1 131 ? 9.979   -3.274  7.405   1.00 21.54 ? 131 GLU B C   1 
ATOM   1010 O O   . GLU A 1 131 ? 9.472   -3.374  8.530   1.00 21.40 ? 131 GLU B O   1 
ATOM   1011 N N   . GLN A 1 132 ? 10.852  -4.130  6.908   1.00 21.30 ? 132 GLN B N   1 
ATOM   1012 C CA  . GLN A 1 132 ? 11.155  -5.447  7.421   1.00 20.18 ? 132 GLN B CA  1 
ATOM   1013 C C   . GLN A 1 132 ? 11.624  -5.606  8.862   1.00 21.73 ? 132 GLN B C   1 
ATOM   1014 O O   . GLN A 1 132 ? 12.409  -4.834  9.430   1.00 21.53 ? 132 GLN B O   1 
ATOM   1015 C CB  . GLN A 1 132 ? 12.369  -5.933  6.543   1.00 16.97 ? 132 GLN B CB  1 
ATOM   1016 C CG  . GLN A 1 132 ? 13.553  -6.609  7.258   1.00 14.32 ? 132 GLN B CG  1 
ATOM   1017 C CD  . GLN A 1 132 ? 14.647  -5.655  7.731   1.00 11.98 ? 132 GLN B CD  1 
ATOM   1018 O OE1 . GLN A 1 132 ? 15.264  -4.931  6.944   1.00 11.30 ? 132 GLN B OE1 1 
ATOM   1019 N NE2 . GLN A 1 132 ? 14.919  -5.686  9.029   1.00 9.67  ? 132 GLN B NE2 1 
ATOM   1020 N N   . HIS A 1 133 ? 11.102  -6.701  9.393   1.00 23.20 ? 133 HIS B N   1 
ATOM   1021 C CA  . HIS A 1 133 ? 11.444  -7.327  10.640  1.00 24.10 ? 133 HIS B CA  1 
ATOM   1022 C C   . HIS A 1 133 ? 11.791  -8.612  9.906   1.00 25.40 ? 133 HIS B C   1 
ATOM   1023 O O   . HIS A 1 133 ? 11.073  -9.610  9.973   1.00 25.25 ? 133 HIS B O   1 
ATOM   1024 C CB  . HIS A 1 133 ? 10.184  -7.560  11.482  1.00 24.55 ? 133 HIS B CB  1 
ATOM   1025 C CG  . HIS A 1 133 ? 10.032  -6.645  12.660  1.00 24.97 ? 133 HIS B CG  1 
ATOM   1026 N ND1 . HIS A 1 133 ? 10.096  -5.269  12.553  1.00 24.91 ? 133 HIS B ND1 1 
ATOM   1027 C CD2 . HIS A 1 133 ? 9.780   -6.907  13.963  1.00 25.30 ? 133 HIS B CD2 1 
ATOM   1028 C CE1 . HIS A 1 133 ? 9.911   -4.730  13.752  1.00 24.66 ? 133 HIS B CE1 1 
ATOM   1029 N NE2 . HIS A 1 133 ? 9.717   -5.703  14.619  1.00 25.67 ? 133 HIS B NE2 1 
ATOM   1030 N N   . GLY A 1 134 ? 12.916  -8.543  9.187   1.00 26.13 ? 134 GLY B N   1 
ATOM   1031 C CA  . GLY A 1 134 ? 13.357  -9.519  8.202   1.00 26.69 ? 134 GLY B CA  1 
ATOM   1032 C C   . GLY A 1 134 ? 14.646  -10.226 8.448   1.00 27.38 ? 134 GLY B C   1 
ATOM   1033 O O   . GLY A 1 134 ? 15.416  -9.791  9.289   1.00 26.82 ? 134 GLY B O   1 
ATOM   1034 N N   . LEU A 1 135 ? 14.877  -11.348 7.773   1.00 26.99 ? 135 LEU B N   1 
ATOM   1035 C CA  . LEU A 1 135 ? 16.047  -12.126 8.131   1.00 27.13 ? 135 LEU B CA  1 
ATOM   1036 C C   . LEU A 1 135 ? 17.244  -12.417 7.243   1.00 28.41 ? 135 LEU B C   1 
ATOM   1037 O O   . LEU A 1 135 ? 18.374  -12.234 7.670   1.00 28.89 ? 135 LEU B O   1 
ATOM   1038 C CB  . LEU A 1 135 ? 15.537  -13.429 8.779   1.00 28.40 ? 135 LEU B CB  1 
ATOM   1039 C CG  . LEU A 1 135 ? 14.092  -13.180 9.223   1.00 27.81 ? 135 LEU B CG  1 
ATOM   1040 C CD1 . LEU A 1 135 ? 13.150  -14.116 8.489   1.00 27.78 ? 135 LEU B CD1 1 
ATOM   1041 C CD2 . LEU A 1 135 ? 13.911  -13.247 10.731  1.00 28.76 ? 135 LEU B CD2 1 
ATOM   1042 N N   . ARG A 1 136 ? 17.049  -12.903 6.032   1.00 28.27 ? 136 ARG B N   1 
ATOM   1043 C CA  . ARG A 1 136 ? 18.237  -13.233 5.268   1.00 27.84 ? 136 ARG B CA  1 
ATOM   1044 C C   . ARG A 1 136 ? 18.554  -12.465 4.025   1.00 28.94 ? 136 ARG B C   1 
ATOM   1045 O O   . ARG A 1 136 ? 19.715  -12.256 3.695   1.00 29.62 ? 136 ARG B O   1 
ATOM   1046 C CB  . ARG A 1 136 ? 18.060  -14.691 4.708   1.00 26.84 ? 136 ARG B CB  1 
ATOM   1047 C CG  . ARG A 1 136 ? 17.332  -15.743 5.567   1.00 23.76 ? 136 ARG B CG  1 
ATOM   1048 C CD  . ARG A 1 136 ? 16.585  -16.853 4.800   1.00 19.60 ? 136 ARG B CD  1 
ATOM   1049 N NE  . ARG A 1 136 ? 15.472  -17.384 5.600   1.00 18.23 ? 136 ARG B NE  1 
ATOM   1050 C CZ  . ARG A 1 136 ? 15.618  -18.126 6.697   1.00 16.86 ? 136 ARG B CZ  1 
ATOM   1051 N NH1 . ARG A 1 136 ? 16.831  -18.443 7.125   1.00 16.23 ? 136 ARG B NH1 1 
ATOM   1052 N NH2 . ARG A 1 136 ? 14.555  -18.547 7.374   1.00 16.05 ? 136 ARG B NH2 1 
ATOM   1053 N N   . ASN A 1 137 ? 17.513  -12.167 3.270   1.00 27.53 ? 137 ASN B N   1 
ATOM   1054 C CA  . ASN A 1 137 ? 17.630  -11.348 2.077   1.00 27.01 ? 137 ASN B CA  1 
ATOM   1055 C C   . ASN A 1 137 ? 16.326  -10.633 1.855   1.00 27.31 ? 137 ASN B C   1 
ATOM   1056 O O   . ASN A 1 137 ? 15.270  -11.078 2.309   1.00 27.75 ? 137 ASN B O   1 
ATOM   1057 C CB  . ASN A 1 137 ? 18.043  -12.134 0.821   1.00 27.44 ? 137 ASN B CB  1 
ATOM   1058 C CG  . ASN A 1 137 ? 19.381  -11.671 0.260   1.00 28.41 ? 137 ASN B CG  1 
ATOM   1059 O OD1 . ASN A 1 137 ? 20.348  -11.514 1.003   1.00 29.12 ? 137 ASN B OD1 1 
ATOM   1060 N ND2 . ASN A 1 137 ? 19.440  -11.436 -1.051  1.00 27.58 ? 137 ASN B ND2 1 
ATOM   1061 N N   . GLY A 1 138 ? 16.407  -9.523  1.143   1.00 25.96 ? 138 GLY B N   1 
ATOM   1062 C CA  . GLY A 1 138 ? 15.225  -8.772  0.799   1.00 25.10 ? 138 GLY B CA  1 
ATOM   1063 C C   . GLY A 1 138 ? 14.640  -7.798  1.800   1.00 26.33 ? 138 GLY B C   1 
ATOM   1064 O O   . GLY A 1 138 ? 15.268  -7.367  2.768   1.00 27.59 ? 138 GLY B O   1 
ATOM   1065 N N   . THR A 1 139 ? 13.387  -7.445  1.504   1.00 25.10 ? 139 THR B N   1 
ATOM   1066 C CA  . THR A 1 139 ? 12.598  -6.398  2.162   1.00 23.60 ? 139 THR B CA  1 
ATOM   1067 C C   . THR A 1 139 ? 11.279  -6.916  2.779   1.00 22.03 ? 139 THR B C   1 
ATOM   1068 O O   . THR A 1 139 ? 11.020  -8.120  2.740   1.00 21.67 ? 139 THR B O   1 
ATOM   1069 C CB  . THR A 1 139 ? 12.291  -5.269  1.162   1.00 24.68 ? 139 THR B CB  1 
ATOM   1070 O OG1 . THR A 1 139 ? 11.908  -5.838  -0.097  1.00 24.65 ? 139 THR B OG1 1 
ATOM   1071 C CG2 . THR A 1 139 ? 13.521  -4.418  0.938   1.00 26.57 ? 139 THR B CG2 1 
ATOM   1072 N N   . TYR A 1 140 ? 10.473  -6.021  3.374   1.00 20.07 ? 140 TYR B N   1 
ATOM   1073 C CA  . TYR A 1 140 ? 9.215   -6.430  4.088   1.00 19.57 ? 140 TYR B CA  1 
ATOM   1074 C C   . TYR A 1 140 ? 8.158   -5.328  4.391   1.00 18.30 ? 140 TYR B C   1 
ATOM   1075 O O   . TYR A 1 140 ? 8.165   -4.256  3.817   1.00 18.65 ? 140 TYR B O   1 
ATOM   1076 C CB  . TYR A 1 140 ? 9.533   -7.195  5.392   1.00 19.11 ? 140 TYR B CB  1 
ATOM   1077 C CG  . TYR A 1 140 ? 8.907   -8.583  5.553   1.00 18.86 ? 140 TYR B CG  1 
ATOM   1078 C CD1 . TYR A 1 140 ? 7.822   -8.789  6.417   1.00 18.87 ? 140 TYR B CD1 1 
ATOM   1079 C CD2 . TYR A 1 140 ? 9.440   -9.709  4.895   1.00 18.62 ? 140 TYR B CD2 1 
ATOM   1080 C CE1 . TYR A 1 140 ? 7.279   -10.064 6.618   1.00 17.50 ? 140 TYR B CE1 1 
ATOM   1081 C CE2 . TYR A 1 140 ? 8.889   -10.988 5.087   1.00 17.94 ? 140 TYR B CE2 1 
ATOM   1082 C CZ  . TYR A 1 140 ? 7.811   -11.157 5.952   1.00 16.78 ? 140 TYR B CZ  1 
ATOM   1083 O OH  . TYR A 1 140 ? 7.239   -12.405 6.148   1.00 14.84 ? 140 TYR B OH  1 
ATOM   1084 N N   . LYS A 1 141 ? 7.263   -5.637  5.323   1.00 17.53 ? 141 LYS B N   1 
ATOM   1085 C CA  . LYS A 1 141 ? 5.979   -4.929  5.601   1.00 16.93 ? 141 LYS B CA  1 
ATOM   1086 C C   . LYS A 1 141 ? 5.773   -3.384  5.714   1.00 16.68 ? 141 LYS B C   1 
ATOM   1087 O O   . LYS A 1 141 ? 6.639   -2.635  6.164   1.00 17.21 ? 141 LYS B O   1 
ATOM   1088 C CB  . LYS A 1 141 ? 5.336   -5.576  6.827   1.00 15.72 ? 141 LYS B CB  1 
ATOM   1089 C CG  . LYS A 1 141 ? 6.250   -5.618  8.042   1.00 15.29 ? 141 LYS B CG  1 
ATOM   1090 C CD  . LYS A 1 141 ? 5.444   -5.818  9.307   1.00 14.36 ? 141 LYS B CD  1 
ATOM   1091 C CE  . LYS A 1 141 ? 6.308   -6.465  10.370  1.00 14.05 ? 141 LYS B CE  1 
ATOM   1092 N NZ  . LYS A 1 141 ? 6.178   -7.949  10.420  1.00 13.56 ? 141 LYS B NZ  1 
ATOM   1093 N N   . LEU A 1 142 ? 4.561   -2.955  5.359   1.00 16.02 ? 142 LEU B N   1 
ATOM   1094 C CA  . LEU A 1 142 ? 4.150   -1.552  5.414   1.00 17.21 ? 142 LEU B CA  1 
ATOM   1095 C C   . LEU A 1 142 ? 3.018   -1.339  6.432   1.00 18.43 ? 142 LEU B C   1 
ATOM   1096 O O   . LEU A 1 142 ? 2.179   -2.213  6.617   1.00 18.50 ? 142 LEU B O   1 
ATOM   1097 C CB  . LEU A 1 142 ? 3.732   -1.058  4.017   1.00 17.22 ? 142 LEU B CB  1 
ATOM   1098 C CG  . LEU A 1 142 ? 2.676   -1.818  3.188   1.00 16.62 ? 142 LEU B CG  1 
ATOM   1099 C CD1 . LEU A 1 142 ? 1.271   -1.289  3.475   1.00 17.11 ? 142 LEU B CD1 1 
ATOM   1100 C CD2 . LEU A 1 142 ? 2.991   -1.697  1.705   1.00 15.49 ? 142 LEU B CD2 1 
ATOM   1101 N N   . VAL A 1 143 ? 2.934   -0.186  7.085   1.00 19.27 ? 143 VAL B N   1 
ATOM   1102 C CA  . VAL A 1 143 ? 2.074   -0.045  8.263   1.00 20.02 ? 143 VAL B CA  1 
ATOM   1103 C C   . VAL A 1 143 ? 1.409   1.303   8.222   1.00 20.42 ? 143 VAL B C   1 
ATOM   1104 O O   . VAL A 1 143 ? 1.890   2.122   7.514   1.00 19.68 ? 143 VAL B O   1 
ATOM   1105 C CB  . VAL A 1 143 ? 2.872   -0.232  9.583   1.00 20.28 ? 143 VAL B CB  1 
ATOM   1106 C CG1 . VAL A 1 143 ? 2.223   0.376   10.767  1.00 20.07 ? 143 VAL B CG1 1 
ATOM   1107 C CG2 . VAL A 1 143 ? 3.145   -1.677  9.859   1.00 21.06 ? 143 VAL B CG2 1 
ATOM   1108 N N   . PHE A 1 144 ? 0.301   1.453   8.974   1.00 19.54 ? 144 PHE B N   1 
ATOM   1109 C CA  . PHE A 1 144 ? -0.581  2.609   9.057   1.00 19.11 ? 144 PHE B CA  1 
ATOM   1110 C C   . PHE A 1 144 ? -0.675  3.010   10.521  1.00 20.66 ? 144 PHE B C   1 
ATOM   1111 O O   . PHE A 1 144 ? -0.765  2.152   11.393  1.00 20.02 ? 144 PHE B O   1 
ATOM   1112 C CB  . PHE A 1 144 ? -1.969  2.160   8.572   1.00 19.32 ? 144 PHE B CB  1 
ATOM   1113 C CG  . PHE A 1 144 ? -3.006  3.264   8.470   1.00 18.70 ? 144 PHE B CG  1 
ATOM   1114 C CD1 . PHE A 1 144 ? -2.861  4.316   7.553   1.00 18.73 ? 144 PHE B CD1 1 
ATOM   1115 C CD2 . PHE A 1 144 ? -4.164  3.211   9.240   1.00 18.21 ? 144 PHE B CD2 1 
ATOM   1116 C CE1 . PHE A 1 144 ? -3.826  5.310   7.444   1.00 19.04 ? 144 PHE B CE1 1 
ATOM   1117 C CE2 . PHE A 1 144 ? -5.137  4.207   9.141   1.00 18.91 ? 144 PHE B CE2 1 
ATOM   1118 C CZ  . PHE A 1 144 ? -4.969  5.255   8.240   1.00 19.22 ? 144 PHE B CZ  1 
ATOM   1119 N N   . CYS A 1 145 ? -0.662  4.308   10.801  1.00 23.83 ? 145 CYS B N   1 
ATOM   1120 C CA  . CYS A 1 145 ? -0.915  4.796   12.169  1.00 26.87 ? 145 CYS B CA  1 
ATOM   1121 C C   . CYS A 1 145 ? -2.081  5.792   12.171  1.00 27.80 ? 145 CYS B C   1 
ATOM   1122 O O   . CYS A 1 145 ? -1.992  6.854   11.554  1.00 32.35 ? 145 CYS B O   1 
ATOM   1123 C CB  . CYS A 1 145 ? 0.357   5.418   12.778  1.00 28.03 ? 145 CYS B CB  1 
ATOM   1124 S SG  . CYS A 1 145 ? 1.819   4.318   12.807  1.00 31.43 ? 145 CYS B SG  1 
ATOM   1125 N N   . ARG A 1 146 ? -3.178  5.455   12.842  1.00 26.35 ? 146 ARG B N   1 
ATOM   1126 C CA  . ARG A 1 146 ? -4.393  6.279   12.770  1.00 26.03 ? 146 ARG B CA  1 
ATOM   1127 C C   . ARG A 1 146 ? -4.309  7.603   13.497  1.00 25.57 ? 146 ARG B C   1 
ATOM   1128 O O   . ARG A 1 146 ? -3.423  7.815   14.315  1.00 24.96 ? 146 ARG B O   1 
ATOM   1129 C CB  . ARG A 1 146 ? -5.614  5.526   13.294  1.00 25.10 ? 146 ARG B CB  1 
ATOM   1130 C CG  . ARG A 1 146 ? -6.297  4.665   12.270  1.00 25.25 ? 146 ARG B CG  1 
ATOM   1131 C CD  . ARG A 1 146 ? -7.196  3.683   12.984  1.00 28.18 ? 146 ARG B CD  1 
ATOM   1132 N NE  . ARG A 1 146 ? -7.910  4.319   14.094  1.00 31.23 ? 146 ARG B NE  1 
ATOM   1133 C CZ  . ARG A 1 146 ? -8.838  3.716   14.841  1.00 31.98 ? 146 ARG B CZ  1 
ATOM   1134 N NH1 . ARG A 1 146 ? -9.169  2.440   14.599  1.00 32.01 ? 146 ARG B NH1 1 
ATOM   1135 N NH2 . ARG A 1 146 ? -9.437  4.390   15.825  1.00 29.31 ? 146 ARG B NH2 1 
ATOM   1136 N N   . ASP A 1 147 ? -5.277  8.468   13.188  1.00 26.40 ? 147 ASP B N   1 
ATOM   1137 C CA  . ASP A 1 147 ? -5.495  9.742   13.874  1.00 27.11 ? 147 ASP B CA  1 
ATOM   1138 C C   . ASP A 1 147 ? -6.188  9.609   15.226  1.00 29.54 ? 147 ASP B C   1 
ATOM   1139 O O   . ASP A 1 147 ? -5.876  10.376  16.136  1.00 35.98 ? 147 ASP B O   1 
ATOM   1140 C CB  . ASP A 1 147 ? -6.268  10.729  12.981  1.00 25.16 ? 147 ASP B CB  1 
ATOM   1141 C CG  . ASP A 1 147 ? -5.421  11.281  11.821  1.00 23.59 ? 147 ASP B CG  1 
ATOM   1142 O OD1 . ASP A 1 147 ? -4.696  10.502  11.163  1.00 22.60 ? 147 ASP B OD1 1 
ATOM   1143 O OD2 . ASP A 1 147 ? -5.488  12.501  11.556  1.00 23.74 ? 147 ASP B OD2 1 
ATOM   1144 N N   . GLY A 1 148 ? -7.108  8.651   15.364  1.00 30.77 ? 148 GLY B N   1 
ATOM   1145 C CA  . GLY A 1 148 ? -7.976  8.547   16.554  1.00 29.35 ? 148 GLY B CA  1 
ATOM   1146 C C   . GLY A 1 148 ? -7.592  7.556   17.641  1.00 30.72 ? 148 GLY B C   1 
ATOM   1147 O O   . GLY A 1 148 ? -7.586  7.914   18.820  1.00 32.39 ? 148 GLY B O   1 
ATOM   1148 N N   . SER A 1 149 ? -7.430  6.286   17.266  1.00 31.05 ? 149 SER B N   1 
ATOM   1149 C CA  . SER A 1 149 ? -7.093  5.232   18.228  1.00 30.19 ? 149 SER B CA  1 
ATOM   1150 C C   . SER A 1 149 ? -6.080  4.167   17.772  1.00 30.13 ? 149 SER B C   1 
ATOM   1151 O O   . SER A 1 149 ? -5.921  3.147   18.442  1.00 29.10 ? 149 SER B O   1 
ATOM   1152 C CB  . SER A 1 149 ? -8.371  4.544   18.722  1.00 31.15 ? 149 SER B CB  1 
ATOM   1153 O OG  . SER A 1 149 ? -8.071  3.518   19.654  1.00 31.74 ? 149 SER B OG  1 
ATOM   1154 N N   . SER A 1 150 ? -5.409  4.386   16.645  1.00 31.46 ? 150 SER B N   1 
ATOM   1155 C CA  . SER A 1 150 ? -4.505  3.393   16.105  1.00 32.21 ? 150 SER B CA  1 
ATOM   1156 C C   . SER A 1 150 ? -3.050  3.685   16.401  1.00 31.92 ? 150 SER B C   1 
ATOM   1157 O O   . SER A 1 150 ? -2.405  4.500   15.768  1.00 31.07 ? 150 SER B O   1 
ATOM   1158 C CB  . SER A 1 150 ? -4.700  3.196   14.592  1.00 32.55 ? 150 SER B CB  1 
ATOM   1159 O OG  . SER A 1 150 ? -4.096  1.966   14.221  1.00 32.01 ? 150 SER B OG  1 
ATOM   1160 N N   . THR A 1 151 ? -2.544  2.937   17.370  1.00 31.57 ? 151 THR B N   1 
ATOM   1161 C CA  . THR A 1 151 ? -1.144  2.810   17.766  1.00 31.48 ? 151 THR B CA  1 
ATOM   1162 C C   . THR A 1 151 ? -1.242  1.711   16.689  1.00 32.44 ? 151 THR B C   1 
ATOM   1163 O O   . THR A 1 151 ? -2.020  0.743   16.790  1.00 35.25 ? 151 THR B O   1 
ATOM   1164 C CB  . THR A 1 151 ? -1.268  2.184   19.159  1.00 31.71 ? 151 THR B CB  1 
ATOM   1165 O OG1 . THR A 1 151 ? 0.000   2.072   19.802  1.00 30.48 ? 151 THR B OG1 1 
ATOM   1166 C CG2 . THR A 1 151 ? -2.021  0.818   19.092  1.00 26.00 ? 151 THR B CG2 1 
ATOM   1167 N N   . CYS A 1 152 ? -0.476  1.898   15.633  1.00 32.08 ? 152 CYS B N   1 
ATOM   1168 C CA  . CYS A 1 152 ? -0.687  1.308   14.324  1.00 31.87 ? 152 CYS B CA  1 
ATOM   1169 C C   . CYS A 1 152 ? -0.601  -0.198  14.099  1.00 33.51 ? 152 CYS B C   1 
ATOM   1170 O O   . CYS A 1 152 ? 0.211   -0.923  14.684  1.00 35.83 ? 152 CYS B O   1 
ATOM   1171 C CB  . CYS A 1 152 ? 0.188   2.072   13.339  1.00 30.73 ? 152 CYS B CB  1 
ATOM   1172 S SG  . CYS A 1 152 ? 1.523   2.911   14.224  1.00 28.86 ? 152 CYS B SG  1 
ATOM   1173 N N   . LEU A 1 153 ? -1.494  -0.624  13.224  1.00 31.53 ? 153 LEU B N   1 
ATOM   1174 C CA  . LEU A 1 153 ? -1.600  -2.011  12.793  1.00 29.37 ? 153 LEU B CA  1 
ATOM   1175 C C   . LEU A 1 153 ? -0.981  -2.318  11.436  1.00 27.49 ? 153 LEU B C   1 
ATOM   1176 O O   . LEU A 1 153 ? -0.805  -1.446  10.597  1.00 26.28 ? 153 LEU B O   1 
ATOM   1177 C CB  . LEU A 1 153 ? -3.072  -2.426  12.752  1.00 24.98 ? 153 LEU B CB  1 
ATOM   1178 C CG  . LEU A 1 153 ? -3.809  -2.394  14.078  1.00 24.49 ? 153 LEU B CG  1 
ATOM   1179 C CD1 . LEU A 1 153 ? -4.053  -0.947  14.492  1.00 25.39 ? 153 LEU B CD1 1 
ATOM   1180 C CD2 . LEU A 1 153 ? -5.118  -3.153  13.948  1.00 23.56 ? 153 LEU B CD2 1 
ATOM   1181 N N   . ASP A 1 154 ? -0.693  -3.602  11.249  1.00 27.19 ? 154 ASP B N   1 
ATOM   1182 C CA  . ASP A 1 154 ? -0.177  -4.172  9.998   1.00 27.09 ? 154 ASP B CA  1 
ATOM   1183 C C   . ASP A 1 154 ? -1.173  -4.036  8.849   1.00 27.32 ? 154 ASP B C   1 
ATOM   1184 O O   . ASP A 1 154 ? -2.257  -3.478  9.016   1.00 28.09 ? 154 ASP B O   1 
ATOM   1185 C CB  . ASP A 1 154 ? 0.147   -5.673  10.153  1.00 25.68 ? 154 ASP B CB  1 
ATOM   1186 C CG  . ASP A 1 154 ? 1.339   -5.927  11.031  1.00 24.40 ? 154 ASP B CG  1 
ATOM   1187 O OD1 . ASP A 1 154 ? 1.140   -6.005  12.257  1.00 23.84 ? 154 ASP B OD1 1 
ATOM   1188 O OD2 . ASP A 1 154 ? 2.459   -6.075  10.489  1.00 23.89 ? 154 ASP B OD2 1 
ATOM   1189 N N   . VAL A 1 155 ? -0.753  -4.518  7.682   1.00 26.90 ? 155 VAL B N   1 
ATOM   1190 C CA  . VAL A 1 155 ? -1.606  -4.613  6.511   1.00 25.29 ? 155 VAL B CA  1 
ATOM   1191 C C   . VAL A 1 155 ? -1.456  -6.010  5.928   1.00 25.48 ? 155 VAL B C   1 
ATOM   1192 O O   . VAL A 1 155 ? -0.434  -6.337  5.315   1.00 26.51 ? 155 VAL B O   1 
ATOM   1193 C CB  . VAL A 1 155 ? -1.191  -3.601  5.440   1.00 23.15 ? 155 VAL B CB  1 
ATOM   1194 C CG1 . VAL A 1 155 ? -1.938  -3.863  4.148   1.00 23.33 ? 155 VAL B CG1 1 
ATOM   1195 C CG2 . VAL A 1 155 ? -1.446  -2.186  5.933   1.00 24.16 ? 155 VAL B CG2 1 
ATOM   1196 N N   . GLY A 1 156 ? -2.465  -6.838  6.145   1.00 23.97 ? 156 GLY B N   1 
ATOM   1197 C CA  . GLY A 1 156 ? -2.442  -8.179  5.614   1.00 21.94 ? 156 GLY B CA  1 
ATOM   1198 C C   . GLY A 1 156 ? -3.163  -8.251  4.292   1.00 20.30 ? 156 GLY B C   1 
ATOM   1199 O O   . GLY A 1 156 ? -2.941  -7.427  3.383   1.00 17.39 ? 156 GLY B O   1 
ATOM   1200 N N   . ARG A 1 157 ? -4.013  -9.271  4.195   1.00 20.33 ? 157 ARG B N   1 
ATOM   1201 C CA  . ARG A 1 157 ? -4.824  -9.471  3.007   1.00 20.49 ? 157 ARG B CA  1 
ATOM   1202 C C   . ARG A 1 157 ? -6.209  -10.070 3.249   1.00 20.15 ? 157 ARG B C   1 
ATOM   1203 O O   . ARG A 1 157 ? -6.408  -10.908 4.123   1.00 19.42 ? 157 ARG B O   1 
ATOM   1204 C CB  . ARG A 1 157 ? -4.066  -10.266 1.934   1.00 20.21 ? 157 ARG B CB  1 
ATOM   1205 C CG  . ARG A 1 157 ? -3.050  -9.438  1.160   1.00 17.61 ? 157 ARG B CG  1 
ATOM   1206 C CD  . ARG A 1 157 ? -2.285  -10.304 0.186   1.00 16.04 ? 157 ARG B CD  1 
ATOM   1207 N NE  . ARG A 1 157 ? -1.503  -11.348 0.845   1.00 13.26 ? 157 ARG B NE  1 
ATOM   1208 C CZ  . ARG A 1 157 ? -0.701  -12.186 0.193   1.00 12.02 ? 157 ARG B CZ  1 
ATOM   1209 N NH1 . ARG A 1 157 ? -0.583  -12.105 -1.127  1.00 9.79  ? 157 ARG B NH1 1 
ATOM   1210 N NH2 . ARG A 1 157 ? -0.006  -13.096 0.856   1.00 12.05 ? 157 ARG B NH2 1 
ATOM   1211 N N   . TYR A 1 158 ? -7.149  -9.622  2.428   1.00 21.20 ? 158 TYR B N   1 
ATOM   1212 C CA  . TYR A 1 158 ? -8.532  -10.077 2.440   1.00 22.97 ? 158 TYR B CA  1 
ATOM   1213 C C   . TYR A 1 158 ? -8.807  -10.314 0.957   1.00 23.14 ? 158 TYR B C   1 
ATOM   1214 O O   . TYR A 1 158 ? -8.174  -9.679  0.115   1.00 23.37 ? 158 TYR B O   1 
ATOM   1215 C CB  . TYR A 1 158 ? -9.432  -8.997  3.044   1.00 22.13 ? 158 TYR B CB  1 
ATOM   1216 C CG  . TYR A 1 158 ? -10.559 -9.514  3.891   1.00 20.91 ? 158 TYR B CG  1 
ATOM   1217 C CD1 . TYR A 1 158 ? -11.124 -10.766 3.660   1.00 20.74 ? 158 TYR B CD1 1 
ATOM   1218 C CD2 . TYR A 1 158 ? -11.092 -8.728  4.899   1.00 22.43 ? 158 TYR B CD2 1 
ATOM   1219 C CE1 . TYR A 1 158 ? -12.169 -11.230 4.436   1.00 21.85 ? 158 TYR B CE1 1 
ATOM   1220 C CE2 . TYR A 1 158 ? -12.142 -9.174  5.688   1.00 22.06 ? 158 TYR B CE2 1 
ATOM   1221 C CZ  . TYR A 1 158 ? -12.678 -10.424 5.455   1.00 22.66 ? 158 TYR B CZ  1 
ATOM   1222 O OH  . TYR A 1 158 ? -13.728 -10.867 6.236   1.00 22.73 ? 158 TYR B OH  1 
ATOM   1223 N N   . GLY A 1 159 ? -9.713  -11.214 0.620   1.00 23.16 ? 159 GLY B N   1 
ATOM   1224 C CA  . GLY A 1 159 ? -9.902  -11.475 -0.784  1.00 25.16 ? 159 GLY B CA  1 
ATOM   1225 C C   . GLY A 1 159 ? -11.242 -11.082 -1.358  1.00 26.78 ? 159 GLY B C   1 
ATOM   1226 O O   . GLY A 1 159 ? -11.335 -10.112 -2.104  1.00 27.94 ? 159 GLY B O   1 
ATOM   1227 N N   . ASN A 1 160 ? -12.275 -11.834 -1.005  1.00 28.41 ? 160 ASN B N   1 
ATOM   1228 C CA  . ASN A 1 160 ? -13.623 -11.562 -1.486  1.00 30.51 ? 160 ASN B CA  1 
ATOM   1229 C C   . ASN A 1 160 ? -13.916 -12.131 -2.895  1.00 30.58 ? 160 ASN B C   1 
ATOM   1230 O O   . ASN A 1 160 ? -14.976 -11.859 -3.462  1.00 30.15 ? 160 ASN B O   1 
ATOM   1231 C CB  . ASN A 1 160 ? -13.974 -10.056 -1.364  1.00 31.46 ? 160 ASN B CB  1 
ATOM   1232 C CG  . ASN A 1 160 ? -15.484 -9.779  -1.436  1.00 32.43 ? 160 ASN B CG  1 
ATOM   1233 O OD1 . ASN A 1 160 ? -16.201 -10.334 -2.280  1.00 30.41 ? 160 ASN B OD1 1 
ATOM   1234 N ND2 . ASN A 1 160 ? -15.965 -8.892  -0.555  1.00 31.92 ? 160 ASN B ND2 1 
ATOM   1235 N N   . ARG A 1 161 ? -13.001 -12.936 -3.449  1.00 29.50 ? 161 ARG B N   1 
ATOM   1236 C CA  . ARG A 1 161 ? -13.293 -13.704 -4.689  1.00 28.61 ? 161 ARG B CA  1 
ATOM   1237 C C   . ARG A 1 161 ? -13.240 -12.873 -5.987  1.00 27.59 ? 161 ARG B C   1 
ATOM   1238 O O   . ARG A 1 161 ? -13.793 -13.250 -7.018  1.00 26.68 ? 161 ARG B O   1 
ATOM   1239 C CB  . ARG A 1 161 ? -14.660 -14.426 -4.581  1.00 28.33 ? 161 ARG B CB  1 
ATOM   1240 C CG  . ARG A 1 161 ? -14.961 -15.089 -3.239  1.00 26.49 ? 161 ARG B CG  1 
ATOM   1241 C CD  . ARG A 1 161 ? -16.291 -15.840 -3.251  1.00 27.32 ? 161 ARG B CD  1 
ATOM   1242 N NE  . ARG A 1 161 ? -17.460 -14.965 -3.407  1.00 26.69 ? 161 ARG B NE  1 
ATOM   1243 C CZ  . ARG A 1 161 ? -18.340 -15.049 -4.403  1.00 26.54 ? 161 ARG B CZ  1 
ATOM   1244 N NH1 . ARG A 1 161 ? -18.205 -15.970 -5.351  1.00 26.65 ? 161 ARG B NH1 1 
ATOM   1245 N NH2 . ARG A 1 161 ? -19.363 -14.213 -4.450  1.00 27.07 ? 161 ARG B NH2 1 
ATOM   1246 N N   . GLU A 1 162 ? -12.561 -11.738 -5.927  1.00 28.59 ? 162 GLU B N   1 
ATOM   1247 C CA  . GLU A 1 162 ? -12.463 -10.842 -7.075  1.00 29.07 ? 162 GLU B CA  1 
ATOM   1248 C C   . GLU A 1 162 ? -11.018 -10.610 -7.447  1.00 28.58 ? 162 GLU B C   1 
ATOM   1249 O O   . GLU A 1 162 ? -10.675 -10.271 -8.582  1.00 26.99 ? 162 GLU B O   1 
ATOM   1250 C CB  . GLU A 1 162 ? -13.138 -9.560  -6.660  1.00 30.70 ? 162 GLU B CB  1 
ATOM   1251 C CG  . GLU A 1 162 ? -14.140 -9.860  -5.550  1.00 30.85 ? 162 GLU B CG  1 
ATOM   1252 C CD  . GLU A 1 162 ? -15.353 -8.972  -5.572  1.00 30.02 ? 162 GLU B CD  1 
ATOM   1253 O OE1 . GLU A 1 162 ? -15.159 -7.746  -5.548  1.00 31.21 ? 162 GLU B OE1 1 
ATOM   1254 O OE2 . GLU A 1 162 ? -16.483 -9.501  -5.597  1.00 30.14 ? 162 GLU B OE2 1 
ATOM   1255 N N   . GLY A 1 163 ? -10.189 -10.834 -6.445  1.00 27.86 ? 163 GLY B N   1 
ATOM   1256 C CA  . GLY A 1 163 ? -8.777  -10.556 -6.478  1.00 25.21 ? 163 GLY B CA  1 
ATOM   1257 C C   . GLY A 1 163 ? -8.483  -10.556 -5.002  1.00 22.79 ? 163 GLY B C   1 
ATOM   1258 O O   . GLY A 1 163 ? -9.055  -11.339 -4.243  1.00 22.85 ? 163 GLY B O   1 
ATOM   1259 N N   . ARG A 1 164 ? -7.612  -9.653  -4.591  1.00 19.88 ? 164 ARG B N   1 
ATOM   1260 C CA  . ARG A 1 164 ? -7.189  -9.604  -3.231  1.00 18.31 ? 164 ARG B CA  1 
ATOM   1261 C C   . ARG A 1 164 ? -7.147  -8.175  -2.689  1.00 19.18 ? 164 ARG B C   1 
ATOM   1262 O O   . ARG A 1 164 ? -6.192  -7.430  -2.931  1.00 18.04 ? 164 ARG B O   1 
ATOM   1263 C CB  . ARG A 1 164 ? -5.807  -10.186 -3.179  1.00 17.73 ? 164 ARG B CB  1 
ATOM   1264 C CG  . ARG A 1 164 ? -5.591  -11.161 -2.060  1.00 15.37 ? 164 ARG B CG  1 
ATOM   1265 C CD  . ARG A 1 164 ? -4.199  -11.671 -2.268  1.00 13.98 ? 164 ARG B CD  1 
ATOM   1266 N NE  . ARG A 1 164 ? -4.064  -13.008 -1.741  1.00 12.96 ? 164 ARG B NE  1 
ATOM   1267 C CZ  . ARG A 1 164 ? -3.723  -14.045 -2.482  1.00 12.16 ? 164 ARG B CZ  1 
ATOM   1268 N NH1 . ARG A 1 164 ? -3.485  -13.860 -3.783  1.00 11.47 ? 164 ARG B NH1 1 
ATOM   1269 N NH2 . ARG A 1 164 ? -3.590  -15.242 -1.902  1.00 11.41 ? 164 ARG B NH2 1 
ATOM   1270 N N   . ARG A 1 165 ? -8.183  -7.799  -1.945  1.00 20.20 ? 165 ARG B N   1 
ATOM   1271 C CA  . ARG A 1 165 ? -8.265  -6.466  -1.364  1.00 20.82 ? 165 ARG B CA  1 
ATOM   1272 C C   . ARG A 1 165 ? -7.304  -6.423  -0.188  1.00 21.13 ? 165 ARG B C   1 
ATOM   1273 O O   . ARG A 1 165 ? -7.385  -7.253  0.725   1.00 20.98 ? 165 ARG B O   1 
ATOM   1274 C CB  . ARG A 1 165 ? -9.707  -6.178  -0.846  1.00 21.52 ? 165 ARG B CB  1 
ATOM   1275 C CG  . ARG A 1 165 ? -10.747 -6.348  -1.965  1.00 23.39 ? 165 ARG B CG  1 
ATOM   1276 C CD  . ARG A 1 165 ? -12.176 -6.632  -1.543  1.00 24.25 ? 165 ARG B CD  1 
ATOM   1277 N NE  . ARG A 1 165 ? -12.866 -5.403  -1.161  1.00 27.47 ? 165 ARG B NE  1 
ATOM   1278 C CZ  . ARG A 1 165 ? -14.196 -5.255  -1.074  1.00 29.10 ? 165 ARG B CZ  1 
ATOM   1279 N NH1 . ARG A 1 165 ? -15.024 -6.266  -1.346  1.00 30.00 ? 165 ARG B NH1 1 
ATOM   1280 N NH2 . ARG A 1 165 ? -14.709 -4.081  -0.716  1.00 28.20 ? 165 ARG B NH2 1 
ATOM   1281 N N   . LEU A 1 166 ? -6.363  -5.490  -0.214  1.00 19.99 ? 166 LEU B N   1 
ATOM   1282 C CA  . LEU A 1 166 ? -5.524  -5.309  0.946   1.00 19.42 ? 166 LEU B CA  1 
ATOM   1283 C C   . LEU A 1 166 ? -6.328  -4.922  2.179   1.00 20.10 ? 166 LEU B C   1 
ATOM   1284 O O   . LEU A 1 166 ? -7.474  -4.500  2.064   1.00 20.26 ? 166 LEU B O   1 
ATOM   1285 C CB  . LEU A 1 166 ? -4.488  -4.233  0.679   1.00 19.53 ? 166 LEU B CB  1 
ATOM   1286 C CG  . LEU A 1 166 ? -3.246  -4.590  -0.123  1.00 19.32 ? 166 LEU B CG  1 
ATOM   1287 C CD1 . LEU A 1 166 ? -2.366  -3.346  -0.209  1.00 18.24 ? 166 LEU B CD1 1 
ATOM   1288 C CD2 . LEU A 1 166 ? -2.525  -5.744  0.550   1.00 17.70 ? 166 LEU B CD2 1 
ATOM   1289 N N   . GLY A 1 167 ? -5.722  -5.039  3.362   1.00 19.73 ? 167 GLY B N   1 
ATOM   1290 C CA  . GLY A 1 167 ? -6.424  -4.715  4.581   1.00 19.68 ? 167 GLY B CA  1 
ATOM   1291 C C   . GLY A 1 167 ? -5.453  -4.693  5.724   1.00 19.59 ? 167 GLY B C   1 
ATOM   1292 O O   . GLY A 1 167 ? -4.295  -5.041  5.532   1.00 20.55 ? 167 GLY B O   1 
ATOM   1293 N N   . LEU A 1 168 ? -5.925  -4.279  6.906   1.00 18.75 ? 168 LEU B N   1 
ATOM   1294 C CA  . LEU A 1 168 ? -5.117  -4.266  8.121   1.00 18.12 ? 168 LEU B CA  1 
ATOM   1295 C C   . LEU A 1 168 ? -5.302  -5.549  8.948   1.00 19.67 ? 168 LEU B C   1 
ATOM   1296 O O   . LEU A 1 168 ? -6.293  -5.709  9.654   1.00 20.55 ? 168 LEU B O   1 
ATOM   1297 C CB  . LEU A 1 168 ? -5.476  -3.062  8.975   1.00 16.29 ? 168 LEU B CB  1 
ATOM   1298 C CG  . LEU A 1 168 ? -5.418  -1.635  8.430   1.00 14.67 ? 168 LEU B CG  1 
ATOM   1299 C CD1 . LEU A 1 168 ? -5.242  -0.714  9.626   1.00 13.55 ? 168 LEU B CD1 1 
ATOM   1300 C CD2 . LEU A 1 168 ? -4.314  -1.402  7.411   1.00 13.40 ? 168 LEU B CD2 1 
ATOM   1301 N N   . SER A 1 169 ? -4.348  -6.467  8.849   1.00 21.80 ? 169 SER B N   1 
ATOM   1302 C CA  . SER A 1 169 ? -4.400  -7.726  9.599   1.00 22.28 ? 169 SER B CA  1 
ATOM   1303 C C   . SER A 1 169 ? -4.163  -7.565  11.107  1.00 23.10 ? 169 SER B C   1 
ATOM   1304 O O   . SER A 1 169 ? -3.724  -6.503  11.580  1.00 23.49 ? 169 SER B O   1 
ATOM   1305 C CB  . SER A 1 169 ? -3.420  -8.724  8.999   1.00 21.61 ? 169 SER B CB  1 
ATOM   1306 O OG  . SER A 1 169 ? -3.773  -8.972  7.652   1.00 21.58 ? 169 SER B OG  1 
ATOM   1307 N N   . GLU A 1 170 ? -4.480  -8.618  11.856  1.00 23.04 ? 170 GLU B N   1 
ATOM   1308 C CA  . GLU A 1 170 ? -4.270  -8.609  13.290  1.00 24.15 ? 170 GLU B CA  1 
ATOM   1309 C C   . GLU A 1 170 ? -2.840  -9.027  13.630  1.00 23.83 ? 170 GLU B C   1 
ATOM   1310 O O   . GLU A 1 170 ? -2.315  -8.701  14.705  1.00 21.31 ? 170 GLU B O   1 
ATOM   1311 C CB  . GLU A 1 170 ? -5.366  -9.421  13.987  1.00 25.88 ? 170 GLU B CB  1 
ATOM   1312 C CG  . GLU A 1 170 ? -5.984  -8.708  15.193  1.00 25.65 ? 170 GLU B CG  1 
ATOM   1313 C CD  . GLU A 1 170 ? -6.928  -9.603  15.948  1.00 27.11 ? 170 GLU B CD  1 
ATOM   1314 O OE1 . GLU A 1 170 ? -7.957  -10.027 15.365  1.00 29.17 ? 170 GLU B OE1 1 
ATOM   1315 O OE2 . GLU A 1 170 ? -6.632  -9.908  17.119  1.00 27.18 ? 170 GLU B OE2 1 
ATOM   1316 N N   . ALA A 1 171 ? -2.207  -9.745  12.710  1.00 24.52 ? 171 ALA B N   1 
ATOM   1317 C CA  . ALA A 1 171 ? -0.897  -10.295 12.994  1.00 25.59 ? 171 ALA B CA  1 
ATOM   1318 C C   . ALA A 1 171 ? 0.280   -9.747  12.199  1.00 27.13 ? 171 ALA B C   1 
ATOM   1319 O O   . ALA A 1 171 ? 1.392   -9.556  12.750  1.00 26.04 ? 171 ALA B O   1 
ATOM   1320 C CB  . ALA A 1 171 ? -1.040  -11.793 12.790  1.00 25.55 ? 171 ALA B CB  1 
ATOM   1321 N N   . GLY A 1 172 ? 0.021   -9.485  10.909  1.00 28.05 ? 172 GLY B N   1 
ATOM   1322 C CA  . GLY A 1 172 ? 1.057   -9.066  9.955   1.00 25.19 ? 172 GLY B CA  1 
ATOM   1323 C C   . GLY A 1 172 ? 0.957   -9.989  8.769   1.00 24.61 ? 172 GLY B C   1 
ATOM   1324 O O   . GLY A 1 172 ? 0.519   -11.143 8.879   1.00 26.49 ? 172 GLY B O   1 
ATOM   1325 N N   . GLU A 1 173 ? 1.282   -9.459  7.602   1.00 23.14 ? 173 GLU B N   1 
ATOM   1326 C CA  . GLU A 1 173 ? 1.229   -10.249 6.372   1.00 21.23 ? 173 GLU B CA  1 
ATOM   1327 C C   . GLU A 1 173 ? 1.947   -9.471  5.293   1.00 18.94 ? 173 GLU B C   1 
ATOM   1328 O O   . GLU A 1 173 ? 2.258   -8.285  5.465   1.00 18.52 ? 173 GLU B O   1 
ATOM   1329 C CB  . GLU A 1 173 ? -0.216  -10.652 5.995   1.00 22.09 ? 173 GLU B CB  1 
ATOM   1330 C CG  . GLU A 1 173 ? -0.406  -11.349 4.643   1.00 22.68 ? 173 GLU B CG  1 
ATOM   1331 C CD  . GLU A 1 173 ? 0.356   -12.661 4.500   1.00 23.54 ? 173 GLU B CD  1 
ATOM   1332 O OE1 . GLU A 1 173 ? 0.598   -13.364 5.509   1.00 25.75 ? 173 GLU B OE1 1 
ATOM   1333 O OE2 . GLU A 1 173 ? 0.718   -12.998 3.356   1.00 23.84 ? 173 GLU B OE2 1 
ATOM   1334 N N   . LEU A 1 174 ? 2.245   -10.159 4.194   1.00 15.98 ? 174 LEU B N   1 
ATOM   1335 C CA  . LEU A 1 174 ? 2.837   -9.513  3.044   1.00 13.26 ? 174 LEU B CA  1 
ATOM   1336 C C   . LEU A 1 174 ? 4.316   -9.329  3.240   1.00 11.90 ? 174 LEU B C   1 
ATOM   1337 O O   . LEU A 1 174 ? 4.758   -8.384  3.877   1.00 11.01 ? 174 LEU B O   1 
ATOM   1338 C CB  . LEU A 1 174 ? 2.200   -8.137  2.819   1.00 11.77 ? 174 LEU B CB  1 
ATOM   1339 C CG  . LEU A 1 174 ? 1.332   -7.975  1.574   1.00 10.44 ? 174 LEU B CG  1 
ATOM   1340 C CD1 . LEU A 1 174 ? 0.018   -8.695  1.774   1.00 7.11  ? 174 LEU B CD1 1 
ATOM   1341 C CD2 . LEU A 1 174 ? 1.128   -6.495  1.271   1.00 8.19  ? 174 LEU B CD2 1 
ATOM   1342 N N   . GLY A 1 175 ? 5.094   -10.239 2.680   1.00 11.13 ? 175 GLY B N   1 
ATOM   1343 C CA  . GLY A 1 175 ? 6.495   -9.929  2.530   1.00 10.32 ? 175 GLY B CA  1 
ATOM   1344 C C   . GLY A 1 175 ? 6.504   -9.098  1.230   1.00 10.50 ? 175 GLY B C   1 
ATOM   1345 O O   . GLY A 1 175 ? 5.983   -9.568  0.211   1.00 9.82  ? 175 GLY B O   1 
ATOM   1346 N N   . VAL A 1 176 ? 7.018   -7.870  1.266   1.00 9.84  ? 176 VAL B N   1 
ATOM   1347 C CA  . VAL A 1 176 ? 6.906   -6.982  0.095   1.00 10.62 ? 176 VAL B CA  1 
ATOM   1348 C C   . VAL A 1 176 ? 8.255   -6.616  -0.492  1.00 10.79 ? 176 VAL B C   1 
ATOM   1349 O O   . VAL A 1 176 ? 9.221   -6.394  0.241   1.00 10.87 ? 176 VAL B O   1 
ATOM   1350 C CB  . VAL A 1 176 ? 6.119   -5.666  0.370   1.00 11.51 ? 176 VAL B CB  1 
ATOM   1351 C CG1 . VAL A 1 176 ? 4.715   -5.939  0.883   1.00 10.05 ? 176 VAL B CG1 1 
ATOM   1352 C CG2 . VAL A 1 176 ? 6.896   -4.748  1.305   1.00 11.99 ? 176 VAL B CG2 1 
ATOM   1353 N N   . GLY A 1 177 ? 8.313   -6.557  -1.821  1.00 10.62 ? 177 GLY B N   1 
ATOM   1354 C CA  . GLY A 1 177 ? 9.542   -6.215  -2.524  1.00 10.83 ? 177 GLY B CA  1 
ATOM   1355 C C   . GLY A 1 177 ? 9.292   -5.010  -3.413  1.00 10.80 ? 177 GLY B C   1 
ATOM   1356 O O   . GLY A 1 177 ? 8.193   -4.867  -3.948  1.00 11.07 ? 177 GLY B O   1 
ATOM   1357 N N   . PHE A 1 178 ? 10.297  -4.144  -3.560  1.00 9.19  ? 178 PHE B N   1 
ATOM   1358 C CA  . PHE A 1 178 ? 10.119  -2.876  -4.256  1.00 8.27  ? 178 PHE B CA  1 
ATOM   1359 C C   . PHE A 1 178 ? 10.957  -2.746  -5.523  1.00 9.15  ? 178 PHE B C   1 
ATOM   1360 O O   . PHE A 1 178 ? 12.179  -3.004  -5.529  1.00 9.12  ? 178 PHE B O   1 
ATOM   1361 C CB  . PHE A 1 178 ? 10.472  -1.730  -3.336  1.00 7.55  ? 178 PHE B CB  1 
ATOM   1362 C CG  . PHE A 1 178 ? 9.648   -1.675  -2.098  1.00 6.69  ? 178 PHE B CG  1 
ATOM   1363 C CD1 . PHE A 1 178 ? 8.400   -1.091  -2.117  1.00 5.04  ? 178 PHE B CD1 1 
ATOM   1364 C CD2 . PHE A 1 178 ? 10.139  -2.181  -0.900  1.00 5.07  ? 178 PHE B CD2 1 
ATOM   1365 C CE1 . PHE A 1 178 ? 7.653   -1.011  -0.969  1.00 6.44  ? 178 PHE B CE1 1 
ATOM   1366 C CE2 . PHE A 1 178 ? 9.390   -2.108  0.254   1.00 4.98  ? 178 PHE B CE2 1 
ATOM   1367 C CZ  . PHE A 1 178 ? 8.142   -1.526  0.221   1.00 5.99  ? 178 PHE B CZ  1 
ATOM   1368 N N   . GLU A 1 179 ? 10.295  -2.317  -6.588  1.00 8.12  ? 179 GLU B N   1 
ATOM   1369 C CA  . GLU A 1 179 ? 10.924  -2.192  -7.889  1.00 8.46  ? 179 GLU B CA  1 
ATOM   1370 C C   . GLU A 1 179 ? 10.714  -0.760  -8.296  1.00 7.46  ? 179 GLU B C   1 
ATOM   1371 O O   . GLU A 1 179 ? 9.599   -0.386  -8.657  1.00 5.27  ? 179 GLU B O   1 
ATOM   1372 C CB  . GLU A 1 179 ? 10.206  -3.136  -8.858  1.00 17.20 ? 179 GLU B CB  1 
ATOM   1373 C CG  . GLU A 1 179 ? 10.943  -3.587  -10.117 1.00 18.59 ? 179 GLU B CG  1 
ATOM   1374 C CD  . GLU A 1 179 ? 9.921   -4.023  -11.170 1.00 20.05 ? 179 GLU B CD  1 
ATOM   1375 O OE1 . GLU A 1 179 ? 8.727   -3.774  -10.917 1.00 20.99 ? 179 GLU B OE1 1 
ATOM   1376 O OE2 . GLU A 1 179 ? 10.252  -4.616  -12.220 1.00 20.26 ? 179 GLU B OE2 1 
ATOM   1377 N N   . LYS A 1 180 ? 11.770  0.050   -8.214  1.00 7.45  ? 180 LYS B N   1 
ATOM   1378 C CA  . LYS A 1 180 ? 11.704  1.415   -8.704  1.00 8.46  ? 180 LYS B CA  1 
ATOM   1379 C C   . LYS A 1 180 ? 11.125  1.299   -10.145 1.00 8.98  ? 180 LYS B C   1 
ATOM   1380 O O   . LYS A 1 180 ? 11.273  0.270   -10.794 1.00 8.69  ? 180 LYS B O   1 
ATOM   1381 C CB  . LYS A 1 180 ? 13.110  2.039   -8.737  1.00 7.26  ? 180 LYS B CB  1 
ATOM   1382 C CG  . LYS A 1 180 ? 13.213  3.341   -9.525  1.00 8.19  ? 180 LYS B CG  1 
ATOM   1383 C CD  . LYS A 1 180 ? 12.205  4.389   -9.042  1.00 8.79  ? 180 LYS B CD  1 
ATOM   1384 C CE  . LYS A 1 180 ? 12.309  5.684   -9.846  1.00 8.00  ? 180 LYS B CE  1 
ATOM   1385 N NZ  . LYS A 1 180 ? 11.132  6.592   -9.736  1.00 5.53  ? 180 LYS B NZ  1 
ATOM   1386 N N   . ALA A 1 181 ? 10.462  2.347   -10.618 1.00 9.82  ? 181 ALA B N   1 
ATOM   1387 C CA  . ALA A 1 181 ? 9.841   2.314   -11.934 1.00 10.50 ? 181 ALA B CA  1 
ATOM   1388 C C   . ALA A 1 181 ? 10.750  2.835   -13.035 1.00 11.03 ? 181 ALA B C   1 
ATOM   1389 O O   . ALA A 1 181 ? 10.311  2.992   -14.170 1.00 11.12 ? 181 ALA B O   1 
ATOM   1390 C CB  . ALA A 1 181 ? 8.541   3.094   -11.917 1.00 11.02 ? 181 ALA B CB  1 
ATOM   1391 N N   . GLY A 1 182 ? 12.013  3.087   -12.691 1.00 12.56 ? 182 GLY B N   1 
ATOM   1392 C CA  . GLY A 1 182 ? 12.997  3.603   -13.628 1.00 14.87 ? 182 GLY B CA  1 
ATOM   1393 C C   . GLY A 1 182 ? 13.232  5.086   -13.407 1.00 17.48 ? 182 GLY B C   1 
ATOM   1394 O O   . GLY A 1 182 ? 12.735  5.652   -12.433 1.00 16.61 ? 182 GLY B O   1 
ATOM   1395 N N   . GLY A 1 183 ? 13.948  5.724   -14.332 1.00 19.07 ? 183 GLY B N   1 
ATOM   1396 C CA  . GLY A 1 183 ? 14.196  7.155   -14.265 1.00 21.13 ? 183 GLY B CA  1 
ATOM   1397 C C   . GLY A 1 183 ? 15.643  7.604   -14.150 1.00 22.93 ? 183 GLY B C   1 
ATOM   1398 O O   . GLY A 1 183 ? 16.569  6.801   -14.057 1.00 22.35 ? 183 GLY B O   1 
ATOM   1399 N N   . GLY A 1 184 ? 15.774  8.921   -14.247 1.00 24.85 ? 184 GLY B N   1 
ATOM   1400 C CA  . GLY A 1 184 ? 16.939  9.692   -13.885 1.00 25.69 ? 184 GLY B CA  1 
ATOM   1401 C C   . GLY A 1 184 ? 16.323  10.796  -13.044 1.00 27.14 ? 184 GLY B C   1 
ATOM   1402 O O   . GLY A 1 184 ? 15.395  11.465  -13.496 1.00 27.89 ? 184 GLY B O   1 
ATOM   1403 N N   . ASN A 1 185 ? 16.838  10.984  -11.832 1.00 25.57 ? 185 ASN B N   1 
ATOM   1404 C CA  . ASN A 1 185 ? 16.328  12.015  -10.935 1.00 23.53 ? 185 ASN B CA  1 
ATOM   1405 C C   . ASN A 1 185 ? 14.898  11.732  -10.487 1.00 23.21 ? 185 ASN B C   1 
ATOM   1406 O O   . ASN A 1 185 ? 14.566  10.610  -10.109 1.00 21.99 ? 185 ASN B O   1 
ATOM   1407 C CB  . ASN A 1 185 ? 16.410  13.390  -11.601 1.00 22.07 ? 185 ASN B CB  1 
ATOM   1408 C CG  . ASN A 1 185 ? 17.828  13.776  -11.970 1.00 21.55 ? 185 ASN B CG  1 
ATOM   1409 O OD1 . ASN A 1 185 ? 18.772  13.027  -11.719 1.00 20.77 ? 185 ASN B OD1 1 
ATOM   1410 N ND2 . ASN A 1 185 ? 17.985  14.950  -12.569 1.00 21.67 ? 185 ASN B ND2 1 
ATOM   1411 O OXT . ASN A 1 185 ? 14.079  12.993  -10.542 1.00 21.93 ? 185 ASN B OXT 1 
HETATM 1412 O O   . HOH B 2 .   ? 12.576  6.865   12.451  1.00 5.35  ? 201 HOH B O   1 
HETATM 1413 O O   . HOH B 2 .   ? 11.164  8.513   -10.454 1.00 3.87  ? 202 HOH B O   1 
HETATM 1414 O O   . HOH B 2 .   ? 9.016   -11.897 -6.600  1.00 34.04 ? 203 HOH B O   1 
HETATM 1415 O O   . HOH B 2 .   ? -13.541 0.570   -4.746  1.00 14.64 ? 204 HOH B O   1 
HETATM 1416 O O   . HOH B 2 .   ? 3.298   -19.558 -2.424  1.00 22.77 ? 205 HOH B O   1 
HETATM 1417 O O   . HOH B 2 .   ? -4.241  9.963   -12.371 1.00 5.90  ? 206 HOH B O   1 
HETATM 1418 O O   . HOH B 2 .   ? 4.501   11.743  -5.237  1.00 5.04  ? 207 HOH B O   1 
HETATM 1419 O O   . HOH B 2 .   ? -0.834  6.069   15.532  1.00 6.20  ? 208 HOH B O   1 
HETATM 1420 O O   . HOH B 2 .   ? -13.341 8.105   10.305  1.00 11.99 ? 209 HOH B O   1 
HETATM 1421 O O   . HOH B 2 .   ? 0.814   -10.515 -2.701  1.00 14.26 ? 210 HOH B O   1 
HETATM 1422 O O   . HOH B 2 .   ? 17.862  4.839   -14.028 1.00 10.88 ? 211 HOH B O   1 
HETATM 1423 O O   . HOH B 2 .   ? -7.561  7.007   -15.875 1.00 3.86  ? 212 HOH B O   1 
HETATM 1424 O O   . HOH B 2 .   ? 19.630  6.017   -2.505  1.00 12.73 ? 213 HOH B O   1 
HETATM 1425 O O   . HOH B 2 .   ? 23.908  10.983  -3.867  1.00 16.78 ? 214 HOH B O   1 
HETATM 1426 O O   . HOH B 2 .   ? 2.233   -4.565  7.084   1.00 19.70 ? 215 HOH B O   1 
HETATM 1427 O O   . HOH B 2 .   ? -8.662  -11.247 -9.533  1.00 7.82  ? 216 HOH B O   1 
HETATM 1428 O O   . HOH B 2 .   ? 3.533   7.460   -7.980  1.00 37.59 ? 217 HOH B O   1 
HETATM 1429 O O   . HOH B 2 .   ? -8.432  -13.548 -1.716  1.00 3.22  ? 218 HOH B O   1 
HETATM 1430 O O   . HOH B 2 .   ? 5.562   15.859  -3.084  1.00 5.98  ? 219 HOH B O   1 
HETATM 1431 O O   . HOH B 2 .   ? -17.502 -14.356 -7.101  1.00 6.27  ? 220 HOH B O   1 
HETATM 1432 O O   . HOH B 2 .   ? 10.247  -11.176 8.183   1.00 50.87 ? 221 HOH B O   1 
HETATM 1433 O O   . HOH B 2 .   ? -7.864  -3.115  -13.174 1.00 6.45  ? 222 HOH B O   1 
HETATM 1434 O O   . HOH B 2 .   ? -2.257  7.243   3.443   1.00 25.54 ? 223 HOH B O   1 
HETATM 1435 O O   . HOH B 2 .   ? -16.835 10.366  -8.538  1.00 6.62  ? 224 HOH B O   1 
HETATM 1436 O O   . HOH B 2 .   ? 16.752  -8.922  7.262   1.00 5.68  ? 225 HOH B O   1 
HETATM 1437 O O   . HOH B 2 .   ? -5.195  4.169   -13.011 1.00 19.32 ? 226 HOH B O   1 
HETATM 1438 O O   . HOH B 2 .   ? -0.187  4.992   -11.796 1.00 4.98  ? 227 HOH B O   1 
HETATM 1439 O O   . HOH B 2 .   ? -17.142 13.961  -6.267  1.00 2.49  ? 228 HOH B O   1 
HETATM 1440 O O   . HOH B 2 .   ? -5.753  11.493  0.523   1.00 4.94  ? 229 HOH B O   1 
HETATM 1441 O O   . HOH B 2 .   ? 18.308  5.529   -4.713  1.00 15.62 ? 230 HOH B O   1 
HETATM 1442 O O   . HOH B 2 .   ? 12.826  -11.793 6.166   1.00 6.77  ? 231 HOH B O   1 
HETATM 1443 O O   . HOH B 2 .   ? -3.253  12.196  -0.638  1.00 5.02  ? 232 HOH B O   1 
HETATM 1444 O O   . HOH B 2 .   ? -12.382 -1.215  -8.242  1.00 6.07  ? 233 HOH B O   1 
HETATM 1445 O O   . HOH B 2 .   ? -13.873 -11.816 8.774   1.00 17.90 ? 234 HOH B O   1 
HETATM 1446 O O   . HOH B 2 .   ? -17.246 4.457   -11.364 1.00 12.13 ? 235 HOH B O   1 
HETATM 1447 O O   . HOH B 2 .   ? 19.634  2.613   21.174  1.00 3.74  ? 236 HOH B O   1 
HETATM 1448 O O   . HOH B 2 .   ? 6.452   21.492  1.179   1.00 54.47 ? 237 HOH B O   1 
HETATM 1449 O O   . HOH B 2 .   ? -21.568 6.500   -0.421  1.00 7.16  ? 238 HOH B O   1 
HETATM 1450 O O   . HOH B 2 .   ? 13.335  -18.801 4.441   1.00 31.78 ? 239 HOH B O   1 
HETATM 1451 O O   . HOH B 2 .   ? -4.042  9.124   2.010   1.00 15.89 ? 240 HOH B O   1 
HETATM 1452 O O   . HOH B 2 .   ? -16.532 2.437   -4.598  1.00 12.21 ? 241 HOH B O   1 
HETATM 1453 O O   . HOH B 2 .   ? 15.294  -1.564  7.378   1.00 3.02  ? 242 HOH B O   1 
HETATM 1454 O O   . HOH B 2 .   ? -10.513 -15.686 -4.364  1.00 6.32  ? 243 HOH B O   1 
HETATM 1455 O O   . HOH B 2 .   ? 3.635   -5.870  -17.642 1.00 15.26 ? 244 HOH B O   1 
HETATM 1456 O O   . HOH B 2 .   ? -14.800 -14.523 -9.442  1.00 34.75 ? 245 HOH B O   1 
HETATM 1457 O O   . HOH B 2 .   ? 23.047  -2.645  -0.480  1.00 12.24 ? 246 HOH B O   1 
HETATM 1458 O O   . HOH B 2 .   ? -19.710 -4.142  0.069   1.00 31.56 ? 247 HOH B O   1 
HETATM 1459 O O   . HOH B 2 .   ? -11.461 14.576  -9.962  1.00 21.73 ? 248 HOH B O   1 
HETATM 1460 O O   . HOH B 2 .   ? -19.846 1.915   7.110   1.00 8.49  ? 249 HOH B O   1 
HETATM 1461 O O   . HOH B 2 .   ? -18.346 7.075   11.144  1.00 14.24 ? 250 HOH B O   1 
HETATM 1462 O O   . HOH B 2 .   ? -18.218 -0.677  -5.120  1.00 4.65  ? 251 HOH B O   1 
HETATM 1463 O O   . HOH B 2 .   ? 7.784   -4.425  10.918  1.00 2.92  ? 252 HOH B O   1 
HETATM 1464 O O   . HOH B 2 .   ? -1.041  -6.031  14.779  1.00 33.15 ? 253 HOH B O   1 
HETATM 1465 O O   . HOH B 2 .   ? -5.994  6.862   5.478   1.00 32.76 ? 254 HOH B O   1 
HETATM 1466 O O   . HOH B 2 .   ? -21.546 -3.534  -6.371  1.00 16.98 ? 255 HOH B O   1 
HETATM 1467 O O   . HOH B 2 .   ? -13.863 1.805   15.235  1.00 6.34  ? 256 HOH B O   1 
HETATM 1468 O O   . HOH B 2 .   ? -18.972 7.703   -4.856  1.00 24.60 ? 257 HOH B O   1 
HETATM 1469 O O   . HOH B 2 .   ? 8.133   9.855   12.250  1.00 41.78 ? 258 HOH B O   1 
HETATM 1470 O O   . HOH B 2 .   ? -15.317 -2.997  -4.176  1.00 28.63 ? 259 HOH B O   1 
HETATM 1471 O O   . HOH B 2 .   ? 8.184   13.166  -1.223  1.00 2.00  ? 260 HOH B O   1 
HETATM 1472 O O   . HOH B 2 .   ? -7.932  -0.414  14.558  1.00 2.42  ? 261 HOH B O   1 
HETATM 1473 O O   . HOH B 2 .   ? 14.232  14.196  -3.593  1.00 20.57 ? 262 HOH B O   1 
HETATM 1474 O O   . HOH B 2 .   ? -9.245  -7.990  12.306  1.00 9.86  ? 263 HOH B O   1 
HETATM 1475 O O   . HOH B 2 .   ? -1.595  15.657  -6.272  1.00 11.15 ? 264 HOH B O   1 
HETATM 1476 O O   . HOH B 2 .   ? 8.493   8.294   14.048  1.00 37.48 ? 265 HOH B O   1 
HETATM 1477 O O   . HOH B 2 .   ? 2.719   21.291  -0.627  1.00 2.00  ? 266 HOH B O   1 
HETATM 1478 O O   . HOH B 2 .   ? 12.926  15.661  -9.167  1.00 2.52  ? 267 HOH B O   1 
HETATM 1479 O O   . HOH B 2 .   ? -22.780 -8.047  8.090   1.00 3.79  ? 268 HOH B O   1 
HETATM 1480 O O   . HOH B 2 .   ? -16.966 4.418   12.578  1.00 10.87 ? 269 HOH B O   1 
HETATM 1481 O O   . HOH B 2 .   ? -19.922 -15.543 -1.272  0.50 15.52 ? 270 HOH B O   1 
HETATM 1482 O O   . HOH B 2 .   ? -11.323 3.569   20.423  1.00 2.00  ? 271 HOH B O   1 
HETATM 1483 O O   . HOH B 2 .   ? 3.135   10.898  -8.940  1.00 20.71 ? 272 HOH B O   1 
HETATM 1484 O O   . HOH B 2 .   ? 14.473  -8.624  -6.707  1.00 22.56 ? 273 HOH B O   1 
HETATM 1485 O O   . HOH B 2 .   ? 12.115  1.680   -16.669 1.00 14.94 ? 274 HOH B O   1 
HETATM 1486 O O   . HOH B 2 .   ? 1.435   -15.280 -15.816 1.00 11.29 ? 275 HOH B O   1 
HETATM 1487 O O   . HOH B 2 .   ? 22.066  -8.639  0.240   1.00 2.58  ? 276 HOH B O   1 
HETATM 1488 O O   . HOH B 2 .   ? 15.130  4.754   -17.420 1.00 19.87 ? 277 HOH B O   1 
HETATM 1489 O O   . HOH B 2 .   ? 23.793  2.903   9.605   1.00 3.15  ? 278 HOH B O   1 
HETATM 1490 O O   . HOH B 2 .   ? 16.080  1.070   22.214  1.00 4.87  ? 279 HOH B O   1 
HETATM 1491 O O   . HOH B 2 .   ? 4.507   -12.043 8.300   1.00 25.02 ? 280 HOH B O   1 
HETATM 1492 O O   . HOH B 2 .   ? 19.230  7.425   -11.788 1.00 20.58 ? 281 HOH B O   1 
HETATM 1493 O O   . HOH B 2 .   ? 13.413  -2.435  5.122   1.00 17.47 ? 282 HOH B O   1 
HETATM 1494 O O   . HOH B 2 .   ? 4.853   -13.491 -0.011  1.00 37.82 ? 283 HOH B O   1 
HETATM 1495 O O   . HOH B 2 .   ? 2.338   1.621   3.307   1.00 29.00 ? 284 HOH B O   1 
HETATM 1496 O O   . HOH B 2 .   ? 18.835  -8.023  -1.965  1.00 23.27 ? 285 HOH B O   1 
HETATM 1497 O O   . HOH B 2 .   ? -4.403  15.301  1.965   1.00 31.25 ? 286 HOH B O   1 
HETATM 1498 O O   . HOH B 2 .   ? 18.726  -7.084  17.911  1.00 36.44 ? 287 HOH B O   1 
HETATM 1499 O O   . HOH B 2 .   ? 11.967  -9.398  -1.180  1.00 6.04  ? 288 HOH B O   1 
HETATM 1500 O O   . HOH B 2 .   ? -24.659 -4.554  -11.232 1.00 6.34  ? 289 HOH B O   1 
HETATM 1501 O O   . HOH B 2 .   ? -13.753 16.654  -7.829  1.00 3.90  ? 290 HOH B O   1 
HETATM 1502 O O   . HOH B 2 .   ? 11.251  -7.052  17.674  1.00 7.37  ? 291 HOH B O   1 
HETATM 1503 O O   . HOH B 2 .   ? -8.202  -12.245 7.055   1.00 23.62 ? 292 HOH B O   1 
HETATM 1504 O O   . HOH B 2 .   ? 15.522  -1.651  14.281  1.00 11.08 ? 293 HOH B O   1 
HETATM 1505 O O   . HOH B 2 .   ? -2.006  13.155  -12.300 1.00 14.15 ? 294 HOH B O   1 
HETATM 1506 O O   . HOH B 2 .   ? 9.327   15.756  -11.766 1.00 59.54 ? 295 HOH B O   1 
HETATM 1507 O O   . HOH B 2 .   ? 2.875   14.347  -5.696  1.00 4.53  ? 296 HOH B O   1 
HETATM 1508 O O   . HOH B 2 .   ? 13.914  0.987   14.899  1.00 3.14  ? 297 HOH B O   1 
HETATM 1509 O O   . HOH B 2 .   ? -14.536 -11.100 -10.051 1.00 3.47  ? 298 HOH B O   1 
HETATM 1510 O O   . HOH B 2 .   ? -12.893 5.955   15.809  1.00 2.00  ? 299 HOH B O   1 
HETATM 1511 O O   . HOH B 2 .   ? 23.466  -12.133 -1.094  1.00 5.54  ? 300 HOH B O   1 
HETATM 1512 O O   . HOH B 2 .   ? -14.698 -0.069  -0.302  1.00 6.00  ? 301 HOH B O   1 
HETATM 1513 O O   . HOH B 2 .   ? -2.696  -3.007  17.417  1.00 4.77  ? 302 HOH B O   1 
HETATM 1514 O O   . HOH B 2 .   ? 3.007   6.738   14.703  1.00 8.68  ? 303 HOH B O   1 
HETATM 1515 O O   . HOH B 2 .   ? -5.018  -12.449 8.917   1.00 39.89 ? 304 HOH B O   1 
HETATM 1516 O O   . HOH B 2 .   ? -15.463 -5.707  11.389  1.00 2.00  ? 305 HOH B O   1 
HETATM 1517 O O   . HOH B 2 .   ? -7.115  -13.368 13.321  1.00 2.87  ? 306 HOH B O   1 
HETATM 1518 O O   . HOH B 2 .   ? 19.677  -8.205  3.239   1.00 22.76 ? 307 HOH B O   1 
HETATM 1519 O O   . HOH B 2 .   ? 22.459  3.639   11.695  1.00 2.58  ? 308 HOH B O   1 
HETATM 1520 O O   . HOH B 2 .   ? 19.069  11.635  -5.788  1.00 19.83 ? 309 HOH B O   1 
HETATM 1521 O O   . HOH B 2 .   ? -23.304 -3.812  1.011   1.00 15.73 ? 310 HOH B O   1 
HETATM 1522 O O   . HOH B 2 .   ? 3.765   -2.334  13.115  1.00 28.42 ? 311 HOH B O   1 
HETATM 1523 O O   . HOH B 2 .   ? 25.986  9.609   -4.683  1.00 2.00  ? 312 HOH B O   1 
HETATM 1524 O O   . HOH B 2 .   ? -22.067 -6.924  0.936   1.00 5.83  ? 313 HOH B O   1 
HETATM 1525 O O   . HOH B 2 .   ? -12.711 -16.041 -0.409  0.50 42.54 ? 314 HOH B O   1 
HETATM 1526 O O   . HOH B 2 .   ? -21.273 -18.717 -4.094  1.00 26.05 ? 315 HOH B O   1 
HETATM 1527 O O   . HOH B 2 .   ? -19.687 2.550   15.544  1.00 47.70 ? 316 HOH B O   1 
HETATM 1528 O O   . HOH B 2 .   ? -15.640 -12.380 2.539   1.00 35.96 ? 317 HOH B O   1 
HETATM 1529 O O   . HOH B 2 .   ? 14.661  -10.088 -3.392  1.00 30.11 ? 318 HOH B O   1 
HETATM 1530 O O   . HOH B 2 .   ? 6.732   -12.245 11.482  1.00 33.98 ? 319 HOH B O   1 
HETATM 1531 O O   . HOH B 2 .   ? 10.678  -0.839  18.708  1.00 5.64  ? 320 HOH B O   1 
HETATM 1532 O O   . HOH B 2 .   ? 7.732   -0.502  20.027  1.00 12.61 ? 321 HOH B O   1 
HETATM 1533 O O   . HOH B 2 .   ? -13.466 -15.173 8.250   1.00 17.49 ? 322 HOH B O   1 
# 
